data_7W3Z
#
_entry.id   7W3Z
#
_cell.length_a   1.00
_cell.length_b   1.00
_cell.length_c   1.00
_cell.angle_alpha   90.00
_cell.angle_beta   90.00
_cell.angle_gamma   90.00
#
_symmetry.space_group_name_H-M   'P 1'
#
loop_
_entity.id
_entity.type
_entity.pdbx_description
1 polymer 'Maltodextrin-binding protein,Gastrin-releasing peptide receptor'
2 polymer 'Gastrin Releasing Peptide PRGNHWAVGHLM(NH2)'
3 polymer 'Guanine nucleotide-binding protein G(q) subunit alpha'
4 polymer 'Guanine nucleotide-binding protein G(I)/G(S)/G(T) subunit beta-1'
5 polymer 'Guanine nucleotide-binding protein G(I)/G(S)/G(O) subunit gamma-2'
6 polymer ScFv16
#
loop_
_entity_poly.entity_id
_entity_poly.type
_entity_poly.pdbx_seq_one_letter_code
_entity_poly.pdbx_strand_id
1 'polypeptide(L)'
;MKTIIALSYIFCLVFADYKDDDDKHHHHHHHHHHENLYFQGKIEEGKLVIWINGDKGYNGLAEVGKKFEKDTGIKVTVEH
PDKLEEKFPQVAATGDGPDIIFWAHDRFGGYAQSGLLAEITPDKAFQDKLYPFTWDAVRYNGKLIAYPIAVEALSLIYNK
DLLPNPPKTWEEIPALDKELKAKGKSALMFNLQEPYFTWPLIAADGGYAFKYAAGKYDIKDVGVDNAGAKAGLTFLVDLI
KNKHMNADTDYSIAEAAFNKGETAMTINGPWAWSNIDTSAVNYGVTVLPTFKGQPSKPFVGVLSAGINAASPNKELAKEF
LENYLLTDEGLEAVNKDKPLGAVALKSYEEELAKDPRIAATMENAQKGEIMPNIPQMSAFWYAVRTAVINAASGRQTVDE
ALKDAQTHSADLPVNDDWSHPGILYVIPAVYGVIILIGLIGNITLIKIFCTVKSMRNVPNLFISSLALGDLLLLITCAPV
DASRYLADRWLFGRIGCKLIPFIQLTSVGVSVFTLTALSADRYKAIVRPMDIQASHALMKACLKAAFIWIISMLLAIPEA
VFSDLHPFHEESTNQTFISCAPYPHSNELHPKIHSMASFLVFYVIPLSIISVYYYFIAKNLIQSAYNLPVEGNIHVKKQI
ESRKRLAKTVLVFVGLFAFCWLPNHVIYLYRSYHYSEVDTSMLHFVTSICARLLAFTNSCVNPFALYLLSKSFRKQFNTQ
LLCCQGSSGGGGSGGGGSSGFTLEDFVGDWEQTAAYNLDQVLEQGGVSSLLQNLAVSVTPIQRIVRSGENALKIDIHVII
PYEGLSADQMAQIEEVFKVVYPVDDHHFKVILPYGTLVIDGVTPNMLNYFGRPYEGIAVFDGKKITVTGTLWNGNKIIDE
RLITPDGSMLFRVTINS
;
A
2 'polypeptide(L)' PRGNHWAVGHLM(NH2) L
3 'polypeptide(L)'
;MGCTLSAEDKAAVERSKMIDRNLREDGEKARRELKLLLLGTGESGKSTFIKQMRIIHGSGYSDEDKRGFTKLVYQNIFTA
MQAMIRAMDTLKIPYKYEHNKAHAQLVREVDVEKVSAFENPYVDAIKSLWNDPGIQECYDRRREYQLSDSTKYYLNDLDR
VADPAYLPTQQDVLRVQVPTTGIIEYPFDLQSVIFRMVDVGGLRSERRKWIHCFENVTSIMFLVALSEYDQVLVESDNEN
RMEESKALFRTIITYPWFQNSSVILFLNKKDLLEEKIMYSHLVDYFPEYDGPQRDAQAAREFILKMFVDLNPDSDKIIYS
HFTCATDTENIRFVFAAVKDTILQLNLKEYNLV
;
B
4 'polypeptide(L)'
;MHHHHHHHHHHGSSGSELDQLRQEAEQLKNQIRDARKACADATLSQITNNIDPVGRIQMRTRRTLRGHLAKIYAMHWGTD
SRLLVSASQDGKLIIWDSYTTNKVHAIPLRSSWVMTCAYAPSGNYVACGGLDNICSIYNLKTREGNVRVSRELAGHTGYL
SCCRFLDDNQIVTSSGDTTCALWDIETGQQTTTFTGHTGDVMSLSLAPDTRLFVSGACDASAKLWDVREGMCRQTFTGHE
SDINAICFFPNGNAFATGSDDATCRLFDLRADQELMTYSHDNIICGITSVSFSKSGRLLLAGYDDFNCNVWDALKADRAG
VLAGHDNRVSCLGVTDDGMAVATGSWDSFLKIWNGSSGGGGSGGGGSSGVSGWRLFKKIS
;
C
5 'polypeptide(L)'
;MHHHHHHHHHHASNNTASIAQARKLVEQLKMEANIDRIKVSKAAADLMAYCEAHAKEDPLLTPVPASENPFREKKFFCAI
L
;
D
6 'polypeptide(L)'
;MLLVNQSHQGFNKEHTSKMVSAIVLYVLLAAAAHSAFADVQLVESGGGLVQPGGSRKLSCSASGFAFSSFGMHWVRQAPE
KGLEWVAYISSGSGTIYYADTVKGRFTISRDDPKNTLFLQMTSLRSEDTAMYYCVRSIYYYGSSPFDFWGQGTTLTVSSG
GGGSGGGGSGGGGSDIVMTQATSSVPVTPGESVSISCRSSKSLLHSNGNTYLYWFLQRPGQSPQLLIYRMSNLASGVPDR
FSGSGSGTAFTLTISRLEAEDVGVYYCMQHLEYPLTFGAGTKLELKENLYFQGHHHHHHHHHH
;
H
#
# COMPACT_ATOMS: atom_id res chain seq x y z
N PRO A 421 -27.54 -53.25 36.11
CA PRO A 421 -26.81 -52.00 35.88
C PRO A 421 -26.26 -51.94 34.45
N GLY A 422 -26.59 -52.93 33.62
CA GLY A 422 -26.13 -52.94 32.21
C GLY A 422 -26.67 -51.76 31.45
N ILE A 423 -27.96 -51.42 31.66
CA ILE A 423 -28.57 -50.23 31.01
C ILE A 423 -27.91 -48.99 31.61
N LEU A 424 -27.70 -49.01 32.94
CA LEU A 424 -27.03 -47.86 33.61
C LEU A 424 -25.61 -47.72 33.08
N TYR A 425 -24.89 -48.84 32.89
CA TYR A 425 -23.49 -48.81 32.35
C TYR A 425 -23.51 -48.28 30.92
N VAL A 426 -24.54 -48.62 30.15
CA VAL A 426 -24.65 -48.15 28.74
C VAL A 426 -24.73 -46.62 28.72
N ILE A 427 -25.43 -46.01 29.68
CA ILE A 427 -25.62 -44.53 29.58
C ILE A 427 -24.27 -43.80 29.58
N PRO A 428 -23.31 -44.02 30.52
CA PRO A 428 -21.97 -43.40 30.43
C PRO A 428 -21.18 -43.92 29.22
N ALA A 429 -21.31 -45.19 28.87
CA ALA A 429 -20.51 -45.77 27.77
C ALA A 429 -20.82 -45.03 26.46
N VAL A 430 -22.10 -44.74 26.18
CA VAL A 430 -22.47 -43.99 24.94
C VAL A 430 -22.20 -42.51 25.19
N TYR A 431 -22.70 -41.96 26.30
CA TYR A 431 -22.50 -40.55 26.63
C TYR A 431 -21.03 -40.20 26.52
N GLY A 432 -20.15 -41.03 27.09
CA GLY A 432 -18.74 -40.75 27.06
C GLY A 432 -18.14 -40.81 25.67
N VAL A 433 -18.61 -41.76 24.86
CA VAL A 433 -18.12 -41.83 23.48
C VAL A 433 -18.45 -40.55 22.72
N ILE A 434 -19.70 -40.11 22.80
CA ILE A 434 -20.11 -38.90 22.08
C ILE A 434 -19.34 -37.70 22.62
N ILE A 435 -19.19 -37.60 23.94
CA ILE A 435 -18.48 -36.48 24.53
C ILE A 435 -17.03 -36.47 24.04
N LEU A 436 -16.42 -37.65 23.96
CA LEU A 436 -15.03 -37.74 23.49
C LEU A 436 -14.90 -37.23 22.07
N ILE A 437 -15.78 -37.67 21.17
CA ILE A 437 -15.70 -37.23 19.78
C ILE A 437 -15.87 -35.72 19.69
N GLY A 438 -16.88 -35.18 20.39
CA GLY A 438 -17.10 -33.74 20.35
C GLY A 438 -15.94 -32.94 20.90
N LEU A 439 -15.37 -33.38 22.03
CA LEU A 439 -14.22 -32.70 22.61
C LEU A 439 -13.06 -32.70 21.63
N ILE A 440 -12.80 -33.83 20.99
CA ILE A 440 -11.71 -33.91 20.02
C ILE A 440 -11.90 -32.88 18.91
N GLY A 441 -13.08 -32.88 18.30
CA GLY A 441 -13.32 -31.96 17.19
C GLY A 441 -13.20 -30.51 17.61
N ASN A 442 -13.94 -30.08 18.63
CA ASN A 442 -13.95 -28.65 19.05
C ASN A 442 -12.53 -28.21 19.43
N ILE A 443 -11.82 -29.08 20.15
CA ILE A 443 -10.45 -28.73 20.62
C ILE A 443 -9.55 -28.51 19.40
N THR A 444 -9.70 -29.33 18.35
CA THR A 444 -8.85 -29.19 17.15
C THR A 444 -9.11 -27.84 16.49
N LEU A 445 -10.38 -27.41 16.42
CA LEU A 445 -10.72 -26.08 15.83
C LEU A 445 -10.10 -24.98 16.69
N ILE A 446 -10.15 -25.11 18.02
CA ILE A 446 -9.52 -24.10 18.91
C ILE A 446 -8.01 -24.06 18.60
N LYS A 447 -7.40 -25.24 18.45
CA LYS A 447 -5.95 -25.32 18.14
C LYS A 447 -5.68 -24.57 16.84
N ILE A 448 -6.45 -24.86 15.79
CA ILE A 448 -6.19 -24.25 14.44
C ILE A 448 -6.14 -22.72 14.54
N PHE A 449 -7.09 -22.11 15.24
CA PHE A 449 -7.18 -20.63 15.25
C PHE A 449 -5.90 -20.01 15.83
N CYS A 450 -5.44 -20.50 16.98
CA CYS A 450 -4.21 -19.95 17.63
C CYS A 450 -2.92 -20.34 16.90
N THR A 451 -2.78 -21.60 16.48
CA THR A 451 -1.48 -22.06 15.91
C THR A 451 -1.11 -21.39 14.58
N VAL A 452 -2.05 -21.27 13.64
CA VAL A 452 -1.67 -20.74 12.30
C VAL A 452 -1.20 -19.29 12.44
N LYS A 453 -1.92 -18.46 13.20
CA LYS A 453 -1.54 -17.03 13.45
C LYS A 453 -1.92 -16.18 12.24
N SER A 454 -2.39 -16.80 11.15
CA SER A 454 -2.88 -16.03 9.97
C SER A 454 -4.32 -16.45 9.73
N MET A 455 -4.77 -17.48 10.44
CA MET A 455 -6.17 -17.97 10.29
C MET A 455 -7.08 -17.01 11.07
N ARG A 456 -6.49 -16.01 11.73
CA ARG A 456 -7.32 -15.12 12.58
C ARG A 456 -7.97 -14.05 11.70
N ASN A 457 -9.30 -14.04 11.64
CA ASN A 457 -10.03 -13.04 10.82
C ASN A 457 -11.51 -13.03 11.23
N VAL A 458 -12.33 -12.20 10.59
CA VAL A 458 -13.78 -12.08 10.94
C VAL A 458 -14.47 -13.47 10.90
N PRO A 459 -14.46 -14.28 9.81
CA PRO A 459 -15.19 -15.55 9.84
C PRO A 459 -14.67 -16.50 10.92
N ASN A 460 -13.35 -16.64 11.04
CA ASN A 460 -12.76 -17.60 12.01
C ASN A 460 -13.05 -17.18 13.46
N LEU A 461 -13.27 -15.87 13.69
CA LEU A 461 -13.60 -15.40 15.07
C LEU A 461 -14.93 -16.00 15.52
N PHE A 462 -15.94 -16.02 14.66
CA PHE A 462 -17.28 -16.49 15.10
C PHE A 462 -17.33 -18.02 15.09
N ILE A 463 -16.32 -18.68 14.53
CA ILE A 463 -16.29 -20.18 14.60
C ILE A 463 -15.60 -20.59 15.91
N SER A 464 -14.56 -19.87 16.32
CA SER A 464 -13.85 -20.16 17.58
C SER A 464 -14.78 -19.89 18.76
N SER A 465 -15.53 -18.79 18.71
CA SER A 465 -16.49 -18.46 19.80
C SER A 465 -17.50 -19.59 19.94
N LEU A 466 -18.03 -20.08 18.82
CA LEU A 466 -19.02 -21.20 18.87
C LEU A 466 -18.36 -22.45 19.44
N ALA A 467 -17.12 -22.77 19.01
CA ALA A 467 -16.44 -23.99 19.48
C ALA A 467 -16.15 -23.85 20.97
N LEU A 468 -15.81 -22.64 21.42
CA LEU A 468 -15.58 -22.38 22.87
C LEU A 468 -16.87 -22.69 23.62
N GLY A 469 -17.99 -22.13 23.15
CA GLY A 469 -19.28 -22.41 23.77
C GLY A 469 -19.60 -23.90 23.80
N ASP A 470 -19.33 -24.59 22.69
CA ASP A 470 -19.59 -26.02 22.65
C ASP A 470 -18.67 -26.78 23.60
N LEU A 471 -17.42 -26.33 23.76
CA LEU A 471 -16.55 -26.96 24.75
C LEU A 471 -17.12 -26.84 26.14
N LEU A 472 -17.55 -25.63 26.52
CA LEU A 472 -18.17 -25.46 27.84
C LEU A 472 -19.35 -26.39 28.00
N LEU A 473 -20.25 -26.43 27.00
CA LEU A 473 -21.43 -27.28 27.10
C LEU A 473 -21.03 -28.74 27.32
N LEU A 474 -20.15 -29.27 26.47
CA LEU A 474 -19.81 -30.68 26.58
C LEU A 474 -19.09 -30.97 27.90
N ILE A 475 -18.16 -30.10 28.30
CA ILE A 475 -17.33 -30.37 29.52
C ILE A 475 -18.19 -30.31 30.78
N THR A 476 -19.14 -29.38 30.87
CA THR A 476 -19.89 -29.21 32.11
C THR A 476 -21.24 -29.95 32.08
N CYS A 477 -22.08 -29.67 31.09
CA CYS A 477 -23.48 -30.06 31.16
C CYS A 477 -23.65 -31.58 31.17
N ALA A 478 -22.91 -32.29 30.32
CA ALA A 478 -23.09 -33.73 30.18
C ALA A 478 -22.72 -34.55 31.41
N PRO A 479 -21.54 -34.36 32.04
CA PRO A 479 -21.22 -35.20 33.21
C PRO A 479 -22.23 -35.10 34.33
N VAL A 480 -22.81 -33.91 34.52
CA VAL A 480 -23.85 -33.75 35.53
C VAL A 480 -25.05 -34.61 35.18
N ASP A 481 -25.39 -34.70 33.90
CA ASP A 481 -26.50 -35.56 33.48
C ASP A 481 -26.20 -37.03 33.74
N ALA A 482 -24.98 -37.47 33.40
CA ALA A 482 -24.62 -38.85 33.68
C ALA A 482 -24.69 -39.14 35.18
N SER A 483 -24.26 -38.19 36.00
CA SER A 483 -24.40 -38.33 37.45
C SER A 483 -25.86 -38.46 37.85
N ARG A 484 -26.74 -37.69 37.20
CA ARG A 484 -28.18 -37.72 37.55
C ARG A 484 -28.80 -39.08 37.20
N TYR A 485 -28.28 -39.75 36.16
CA TYR A 485 -28.81 -41.08 35.82
C TYR A 485 -28.13 -42.18 36.61
N LEU A 486 -26.97 -41.88 37.21
CA LEU A 486 -26.20 -42.94 37.93
C LEU A 486 -26.27 -42.75 39.45
N ALA A 487 -26.58 -41.54 39.93
CA ALA A 487 -26.56 -41.29 41.39
C ALA A 487 -27.95 -40.90 41.90
N ASP A 488 -28.36 -41.45 43.05
CA ASP A 488 -29.70 -41.14 43.63
C ASP A 488 -29.67 -39.78 44.35
N ARG A 489 -28.49 -39.18 44.52
CA ARG A 489 -28.39 -37.91 45.29
C ARG A 489 -27.53 -36.89 44.55
N TRP A 490 -27.64 -35.61 44.93
CA TRP A 490 -26.88 -34.52 44.25
C TRP A 490 -25.49 -34.39 44.89
N LEU A 491 -24.44 -34.79 44.17
CA LEU A 491 -23.04 -34.76 44.69
C LEU A 491 -22.55 -33.32 44.93
N PHE A 492 -22.90 -32.39 44.05
CA PHE A 492 -22.34 -31.00 44.12
C PHE A 492 -22.71 -30.29 45.42
N GLY A 493 -23.94 -30.47 45.92
CA GLY A 493 -24.38 -29.73 47.13
C GLY A 493 -25.11 -28.44 46.76
N ARG A 494 -25.49 -27.63 47.76
CA ARG A 494 -26.31 -26.41 47.48
C ARG A 494 -25.55 -25.41 46.61
N ILE A 495 -24.34 -25.01 47.01
CA ILE A 495 -23.59 -23.96 46.25
C ILE A 495 -23.36 -24.50 44.84
N GLY A 496 -22.93 -25.76 44.74
CA GLY A 496 -22.75 -26.41 43.45
C GLY A 496 -24.03 -26.40 42.62
N CYS A 497 -25.18 -26.62 43.27
CA CYS A 497 -26.46 -26.57 42.57
C CYS A 497 -26.79 -25.17 42.10
N LYS A 498 -26.21 -24.15 42.73
CA LYS A 498 -26.40 -22.80 42.21
C LYS A 498 -25.37 -22.45 41.15
N LEU A 499 -24.24 -23.16 41.15
CA LEU A 499 -23.21 -22.88 40.16
C LEU A 499 -23.49 -23.57 38.83
N ILE A 500 -23.95 -24.81 38.87
CA ILE A 500 -24.03 -25.63 37.65
C ILE A 500 -25.02 -25.06 36.63
N PRO A 501 -26.28 -24.77 36.98
CA PRO A 501 -27.17 -24.19 35.97
C PRO A 501 -26.67 -22.89 35.38
N PHE A 502 -25.91 -22.10 36.14
CA PHE A 502 -25.43 -20.84 35.59
C PHE A 502 -24.43 -21.07 34.47
N ILE A 503 -23.69 -22.17 34.50
CA ILE A 503 -22.81 -22.51 33.40
C ILE A 503 -23.56 -23.21 32.28
N GLN A 504 -24.46 -24.14 32.62
CA GLN A 504 -25.22 -24.83 31.58
C GLN A 504 -26.00 -23.86 30.71
N LEU A 505 -26.80 -22.98 31.33
CA LEU A 505 -27.65 -22.12 30.53
C LEU A 505 -26.83 -21.09 29.75
N THR A 506 -25.75 -20.59 30.35
CA THR A 506 -24.87 -19.61 29.63
C THR A 506 -24.29 -20.29 28.39
N SER A 507 -23.77 -21.52 28.55
CA SER A 507 -23.16 -22.28 27.41
C SER A 507 -24.22 -22.52 26.34
N VAL A 508 -25.43 -22.93 26.73
CA VAL A 508 -26.50 -23.07 25.75
C VAL A 508 -26.74 -21.78 25.01
N GLY A 509 -26.81 -20.67 25.73
CA GLY A 509 -27.08 -19.39 25.10
C GLY A 509 -26.00 -18.99 24.11
N VAL A 510 -24.74 -19.08 24.54
CA VAL A 510 -23.61 -18.70 23.65
C VAL A 510 -23.70 -19.54 22.38
N SER A 511 -23.78 -20.87 22.54
CA SER A 511 -23.77 -21.74 21.37
C SER A 511 -24.91 -21.37 20.40
N VAL A 512 -26.13 -21.36 20.92
CA VAL A 512 -27.32 -21.10 20.05
C VAL A 512 -27.26 -19.70 19.42
N PHE A 513 -26.61 -18.73 20.08
CA PHE A 513 -26.63 -17.38 19.52
C PHE A 513 -25.46 -17.09 18.59
N THR A 514 -24.31 -17.70 18.86
CA THR A 514 -23.15 -17.56 17.95
C THR A 514 -23.50 -18.27 16.64
N LEU A 515 -24.31 -19.34 16.69
CA LEU A 515 -24.76 -19.96 15.45
C LEU A 515 -25.51 -18.98 14.57
N THR A 516 -26.42 -18.20 15.16
CA THR A 516 -27.14 -17.18 14.41
C THR A 516 -26.18 -16.12 13.88
N ALA A 517 -25.17 -15.76 14.69
CA ALA A 517 -24.18 -14.80 14.22
C ALA A 517 -23.43 -15.33 13.00
N LEU A 518 -23.01 -16.59 13.03
CA LEU A 518 -22.37 -17.20 11.87
C LEU A 518 -23.28 -17.18 10.66
N SER A 519 -24.56 -17.45 10.87
CA SER A 519 -25.52 -17.52 9.74
C SER A 519 -25.71 -16.16 9.08
N ALA A 520 -25.65 -15.07 9.87
CA ALA A 520 -25.78 -13.74 9.27
C ALA A 520 -24.47 -13.29 8.64
N ASP A 521 -23.34 -13.67 9.24
CA ASP A 521 -22.04 -13.33 8.66
C ASP A 521 -21.87 -13.98 7.29
N ARG A 522 -22.20 -15.27 7.19
CA ARG A 522 -22.17 -15.97 5.92
C ARG A 522 -23.11 -15.36 4.91
N TYR A 523 -24.32 -15.00 5.35
CA TYR A 523 -25.25 -14.38 4.43
C TYR A 523 -24.68 -13.09 3.87
N LYS A 524 -24.06 -12.29 4.74
CA LYS A 524 -23.49 -11.03 4.27
C LYS A 524 -22.38 -11.26 3.26
N ALA A 525 -21.52 -12.25 3.52
CA ALA A 525 -20.43 -12.51 2.60
C ALA A 525 -20.93 -13.03 1.26
N ILE A 526 -21.86 -13.98 1.28
CA ILE A 526 -22.24 -14.68 0.05
C ILE A 526 -23.22 -13.87 -0.77
N VAL A 527 -24.22 -13.27 -0.14
CA VAL A 527 -25.31 -12.66 -0.89
C VAL A 527 -24.98 -11.22 -1.27
N ARG A 528 -24.23 -10.52 -0.42
CA ARG A 528 -23.83 -9.15 -0.72
C ARG A 528 -22.32 -9.04 -0.61
N PRO A 529 -21.52 -9.40 -1.65
CA PRO A 529 -20.06 -9.38 -1.52
C PRO A 529 -19.51 -7.96 -1.78
N MET A 530 -20.14 -6.95 -1.17
CA MET A 530 -19.71 -5.54 -1.35
C MET A 530 -19.28 -4.96 0.00
N ASP A 531 -18.11 -4.29 0.05
CA ASP A 531 -17.63 -3.64 1.30
C ASP A 531 -17.58 -4.64 2.44
N ILE A 532 -17.05 -5.84 2.18
CA ILE A 532 -16.94 -6.90 3.23
C ILE A 532 -16.05 -6.39 4.37
N GLN A 533 -14.98 -5.66 4.03
CA GLN A 533 -14.03 -5.19 5.08
C GLN A 533 -14.78 -4.27 6.06
N ALA A 534 -15.64 -3.37 5.56
CA ALA A 534 -16.49 -2.55 6.46
C ALA A 534 -15.67 -1.86 7.54
N SER A 535 -14.55 -1.20 7.19
CA SER A 535 -13.74 -0.45 8.18
C SER A 535 -13.24 -1.35 9.31
N HIS A 536 -13.45 -0.94 10.56
CA HIS A 536 -12.94 -1.73 11.73
C HIS A 536 -13.78 -3.00 11.93
N ALA A 537 -13.65 -3.98 11.03
CA ALA A 537 -14.45 -5.22 11.12
C ALA A 537 -13.97 -6.06 12.29
N LEU A 538 -12.66 -6.35 12.37
CA LEU A 538 -12.20 -7.27 13.42
C LEU A 538 -12.65 -6.80 14.79
N MET A 539 -12.57 -5.48 15.03
CA MET A 539 -13.05 -4.93 16.31
C MET A 539 -14.54 -5.14 16.50
N LYS A 540 -15.35 -4.75 15.51
CA LYS A 540 -16.83 -4.88 15.65
C LYS A 540 -17.19 -6.35 15.85
N ALA A 541 -16.55 -7.25 15.10
CA ALA A 541 -16.84 -8.71 15.19
C ALA A 541 -16.47 -9.25 16.58
N CYS A 542 -15.29 -8.87 17.10
CA CYS A 542 -14.87 -9.27 18.47
C CYS A 542 -15.92 -8.76 19.44
N LEU A 543 -16.34 -7.50 19.28
CA LEU A 543 -17.32 -6.87 20.19
C LEU A 543 -18.62 -7.69 20.17
N LYS A 544 -19.09 -8.08 18.97
CA LYS A 544 -20.33 -8.84 18.89
C LYS A 544 -20.21 -10.16 19.65
N ALA A 545 -19.07 -10.83 19.55
CA ALA A 545 -18.91 -12.08 20.29
C ALA A 545 -19.04 -11.86 21.79
N ALA A 546 -18.38 -10.81 22.31
CA ALA A 546 -18.49 -10.49 23.73
C ALA A 546 -19.91 -10.08 24.12
N PHE A 547 -20.59 -9.33 23.25
CA PHE A 547 -21.97 -8.93 23.54
C PHE A 547 -22.88 -10.13 23.66
N ILE A 548 -22.73 -11.18 22.84
CA ILE A 548 -23.61 -12.38 23.03
C ILE A 548 -23.42 -12.95 24.44
N TRP A 549 -22.17 -12.97 24.90
CA TRP A 549 -21.87 -13.57 26.22
C TRP A 549 -22.66 -12.86 27.31
N ILE A 550 -22.80 -11.53 27.25
CA ILE A 550 -23.50 -10.78 28.36
C ILE A 550 -24.96 -11.23 28.47
N ILE A 551 -25.67 -11.35 27.33
CA ILE A 551 -27.09 -11.79 27.35
C ILE A 551 -27.15 -13.23 27.90
N SER A 552 -26.20 -14.07 27.43
CA SER A 552 -26.29 -15.48 27.92
C SER A 552 -26.12 -15.45 29.44
N MET A 553 -25.17 -14.64 29.93
CA MET A 553 -24.88 -14.55 31.38
C MET A 553 -26.10 -14.03 32.15
N LEU A 554 -26.82 -13.03 31.66
CA LEU A 554 -28.05 -12.56 32.37
C LEU A 554 -29.11 -13.68 32.43
N LEU A 555 -29.33 -14.39 31.31
CA LEU A 555 -30.37 -15.44 31.46
C LEU A 555 -29.89 -16.43 32.52
N ALA A 556 -28.65 -16.88 32.45
CA ALA A 556 -28.26 -17.91 33.44
C ALA A 556 -28.44 -17.39 34.89
N ILE A 557 -28.48 -16.06 35.11
CA ILE A 557 -28.55 -15.50 36.50
C ILE A 557 -29.85 -15.84 37.25
N PRO A 558 -31.09 -15.67 36.72
CA PRO A 558 -32.31 -16.08 37.41
C PRO A 558 -32.33 -17.59 37.66
N GLU A 559 -31.81 -18.36 36.70
CA GLU A 559 -31.79 -19.83 36.87
C GLU A 559 -30.96 -20.14 38.12
N ALA A 560 -29.80 -19.49 38.27
CA ALA A 560 -28.93 -19.71 39.44
C ALA A 560 -29.64 -19.27 40.73
N VAL A 561 -30.33 -18.13 40.70
CA VAL A 561 -30.99 -17.58 41.92
C VAL A 561 -32.08 -18.56 42.40
N PHE A 562 -32.90 -19.08 41.49
CA PHE A 562 -34.02 -19.97 41.89
C PHE A 562 -33.54 -21.42 41.99
N SER A 563 -32.33 -21.71 41.51
CA SER A 563 -31.81 -23.10 41.54
C SER A 563 -31.51 -23.52 42.97
N ASP A 564 -32.41 -24.27 43.59
CA ASP A 564 -32.18 -24.72 44.95
C ASP A 564 -32.61 -26.18 45.07
N LEU A 565 -32.23 -26.79 46.21
CA LEU A 565 -32.64 -28.18 46.50
C LEU A 565 -34.09 -28.16 46.97
N HIS A 566 -34.97 -28.90 46.30
CA HIS A 566 -36.38 -28.91 46.62
C HIS A 566 -36.86 -30.34 46.79
N PRO A 567 -37.93 -30.56 47.55
CA PRO A 567 -38.44 -31.94 47.73
C PRO A 567 -39.47 -32.29 46.67
N PHE A 568 -39.37 -33.49 46.13
CA PHE A 568 -40.24 -34.01 45.08
C PHE A 568 -40.86 -35.32 45.57
N HIS A 569 -42.16 -35.46 45.29
CA HIS A 569 -42.89 -36.65 45.79
C HIS A 569 -43.27 -37.59 44.65
N GLU A 570 -42.60 -38.75 44.55
CA GLU A 570 -43.00 -39.76 43.53
C GLU A 570 -44.36 -40.31 43.94
N GLU A 571 -45.25 -40.54 42.98
CA GLU A 571 -46.59 -41.12 43.27
C GLU A 571 -46.50 -42.65 43.16
N SER A 572 -45.47 -43.15 42.47
CA SER A 572 -45.27 -44.63 42.36
C SER A 572 -44.55 -45.19 43.60
N THR A 573 -43.32 -44.76 43.88
CA THR A 573 -42.56 -45.28 45.03
C THR A 573 -43.03 -44.57 46.31
N ASN A 574 -43.84 -43.51 46.18
CA ASN A 574 -44.37 -42.77 47.35
C ASN A 574 -43.21 -42.29 48.24
N GLN A 575 -42.12 -41.80 47.63
CA GLN A 575 -40.94 -41.36 48.40
C GLN A 575 -40.67 -39.87 48.14
N THR A 576 -40.44 -39.10 49.19
CA THR A 576 -40.14 -37.65 49.05
C THR A 576 -38.62 -37.45 49.00
N PHE A 577 -38.04 -37.33 47.80
CA PHE A 577 -36.61 -37.14 47.66
C PHE A 577 -36.31 -35.68 47.33
N ILE A 578 -35.17 -35.19 47.83
CA ILE A 578 -34.77 -33.80 47.64
C ILE A 578 -33.69 -33.74 46.58
N SER A 579 -33.93 -32.90 45.57
CA SER A 579 -33.03 -32.84 44.39
C SER A 579 -32.86 -31.40 43.94
N CYS A 580 -31.77 -31.11 43.23
CA CYS A 580 -31.50 -29.77 42.72
C CYS A 580 -32.46 -29.44 41.58
N ALA A 581 -33.27 -28.41 41.76
CA ALA A 581 -34.26 -28.03 40.79
C ALA A 581 -34.14 -26.53 40.53
N PRO A 582 -34.62 -26.06 39.39
CA PRO A 582 -34.40 -24.65 39.03
C PRO A 582 -35.46 -23.68 39.54
N TYR A 583 -36.38 -24.12 40.37
CA TYR A 583 -37.37 -23.23 40.97
C TYR A 583 -38.15 -23.88 42.11
N PRO A 584 -38.70 -23.11 43.10
CA PRO A 584 -39.39 -23.73 44.24
C PRO A 584 -40.81 -24.22 43.91
N HIS A 585 -41.28 -25.23 44.65
CA HIS A 585 -42.65 -25.78 44.45
C HIS A 585 -43.70 -24.72 44.76
N SER A 586 -43.46 -23.90 45.80
CA SER A 586 -44.44 -22.87 46.22
C SER A 586 -45.08 -22.18 45.02
N ASN A 587 -44.32 -21.92 43.95
CA ASN A 587 -44.89 -21.13 42.81
C ASN A 587 -45.40 -22.07 41.72
N GLU A 588 -46.62 -21.81 41.19
CA GLU A 588 -47.22 -22.70 40.16
C GLU A 588 -47.39 -21.98 38.82
N LEU A 589 -46.85 -20.77 38.68
CA LEU A 589 -46.89 -20.05 37.38
C LEU A 589 -45.45 -19.79 36.96
N HIS A 590 -44.58 -19.49 37.92
CA HIS A 590 -43.16 -19.30 37.64
C HIS A 590 -42.58 -20.47 36.86
N PRO A 591 -42.84 -21.74 37.22
CA PRO A 591 -42.35 -22.86 36.38
C PRO A 591 -42.79 -22.76 34.94
N LYS A 592 -44.08 -22.58 34.71
CA LYS A 592 -44.63 -22.58 33.36
C LYS A 592 -44.09 -21.42 32.54
N ILE A 593 -44.08 -20.21 33.13
CA ILE A 593 -43.61 -19.01 32.39
C ILE A 593 -42.13 -19.18 32.03
N HIS A 594 -41.30 -19.58 32.99
CA HIS A 594 -39.84 -19.72 32.73
C HIS A 594 -39.60 -20.72 31.60
N SER A 595 -40.24 -21.89 31.66
CA SER A 595 -39.98 -22.94 30.63
C SER A 595 -40.39 -22.48 29.24
N MET A 596 -41.56 -21.83 29.11
CA MET A 596 -42.04 -21.37 27.79
C MET A 596 -41.09 -20.30 27.26
N ALA A 597 -40.65 -19.38 28.13
CA ALA A 597 -39.74 -18.29 27.71
C ALA A 597 -38.41 -18.89 27.24
N SER A 598 -37.90 -19.90 27.94
CA SER A 598 -36.61 -20.53 27.56
C SER A 598 -36.76 -21.17 26.17
N PHE A 599 -37.90 -21.83 25.93
CA PHE A 599 -38.16 -22.47 24.61
C PHE A 599 -38.02 -21.43 23.50
N LEU A 600 -38.75 -20.32 23.61
CA LEU A 600 -38.73 -19.29 22.52
C LEU A 600 -37.33 -18.69 22.38
N VAL A 601 -36.68 -18.34 23.50
CA VAL A 601 -35.35 -17.66 23.44
C VAL A 601 -34.27 -18.59 22.87
N PHE A 602 -34.24 -19.86 23.27
CA PHE A 602 -33.12 -20.75 22.85
C PHE A 602 -33.52 -21.69 21.70
N TYR A 603 -34.75 -21.60 21.17
CA TYR A 603 -35.07 -22.49 20.02
C TYR A 603 -35.81 -21.75 18.91
N VAL A 604 -37.05 -21.30 19.16
CA VAL A 604 -37.85 -20.71 18.05
C VAL A 604 -37.18 -19.46 17.49
N ILE A 605 -36.75 -18.53 18.35
CA ILE A 605 -36.14 -17.26 17.86
C ILE A 605 -34.87 -17.58 17.04
N PRO A 606 -33.84 -18.28 17.55
CA PRO A 606 -32.62 -18.52 16.77
C PRO A 606 -32.88 -19.32 15.49
N LEU A 607 -33.73 -20.36 15.56
CA LEU A 607 -34.02 -21.22 14.39
C LEU A 607 -34.68 -20.37 13.30
N SER A 608 -35.59 -19.46 13.68
CA SER A 608 -36.32 -18.65 12.67
C SER A 608 -35.32 -17.78 11.90
N ILE A 609 -34.33 -17.20 12.59
CA ILE A 609 -33.34 -16.31 11.93
C ILE A 609 -32.43 -17.16 11.04
N ILE A 610 -31.95 -18.30 11.56
CA ILE A 610 -31.05 -19.19 10.77
C ILE A 610 -31.76 -19.64 9.50
N SER A 611 -33.05 -19.97 9.59
CA SER A 611 -33.82 -20.43 8.41
C SER A 611 -33.91 -19.31 7.37
N VAL A 612 -34.16 -18.08 7.80
CA VAL A 612 -34.32 -16.94 6.85
C VAL A 612 -32.99 -16.71 6.12
N TYR A 613 -31.87 -16.75 6.83
CA TYR A 613 -30.56 -16.42 6.20
C TYR A 613 -30.10 -17.54 5.28
N TYR A 614 -30.11 -18.79 5.75
CA TYR A 614 -29.61 -19.93 4.95
C TYR A 614 -30.51 -20.16 3.74
N TYR A 615 -31.83 -20.02 3.91
CA TYR A 615 -32.64 -20.12 2.70
C TYR A 615 -32.18 -19.12 1.66
N PHE A 616 -31.92 -17.88 2.07
CA PHE A 616 -31.44 -16.90 1.10
C PHE A 616 -30.07 -17.27 0.53
N ILE A 617 -29.18 -17.77 1.38
CA ILE A 617 -27.87 -18.21 0.90
C ILE A 617 -28.01 -19.29 -0.16
N ALA A 618 -28.83 -20.32 0.10
CA ALA A 618 -28.97 -21.40 -0.86
C ALA A 618 -29.61 -20.92 -2.16
N LYS A 619 -30.64 -20.08 -2.04
CA LYS A 619 -31.33 -19.54 -3.24
C LYS A 619 -30.30 -18.86 -4.14
N ASN A 620 -29.51 -17.93 -3.60
CA ASN A 620 -28.50 -17.19 -4.40
C ASN A 620 -27.42 -18.13 -4.93
N LEU A 621 -26.94 -19.09 -4.12
CA LEU A 621 -25.84 -19.98 -4.56
C LEU A 621 -26.28 -20.79 -5.79
N ILE A 622 -27.55 -21.20 -5.82
CA ILE A 622 -28.05 -21.92 -7.00
C ILE A 622 -28.24 -20.95 -8.17
N GLN A 623 -28.84 -19.78 -7.91
CA GLN A 623 -29.04 -18.78 -8.98
C GLN A 623 -27.69 -18.48 -9.64
N SER A 624 -26.63 -18.36 -8.85
CA SER A 624 -25.27 -18.06 -9.38
C SER A 624 -24.76 -19.20 -10.27
N ALA A 625 -25.06 -20.46 -9.94
CA ALA A 625 -24.49 -21.60 -10.69
C ALA A 625 -24.90 -21.54 -12.17
N TYR A 626 -26.16 -21.22 -12.46
CA TYR A 626 -26.63 -21.22 -13.87
C TYR A 626 -26.41 -19.86 -14.52
N ASN A 627 -25.96 -18.86 -13.73
CA ASN A 627 -25.74 -17.49 -14.26
C ASN A 627 -24.23 -17.21 -14.37
N LEU A 628 -23.39 -18.25 -14.31
CA LEU A 628 -21.92 -18.04 -14.33
C LEU A 628 -21.52 -17.33 -15.62
N PRO A 629 -20.64 -16.30 -15.59
CA PRO A 629 -20.28 -15.54 -16.79
C PRO A 629 -19.19 -16.19 -17.66
N VAL A 630 -19.40 -17.44 -18.08
CA VAL A 630 -18.44 -18.12 -18.94
C VAL A 630 -19.17 -18.52 -20.21
N GLU A 631 -18.49 -18.42 -21.35
CA GLU A 631 -19.11 -18.81 -22.62
C GLU A 631 -19.21 -20.33 -22.74
N GLY A 632 -18.16 -21.05 -22.38
CA GLY A 632 -18.17 -22.50 -22.45
C GLY A 632 -18.68 -23.15 -21.17
N ASN A 633 -19.88 -23.72 -21.23
CA ASN A 633 -20.48 -24.32 -20.04
C ASN A 633 -19.72 -25.56 -19.59
N ILE A 634 -19.07 -26.26 -20.52
CA ILE A 634 -18.36 -27.49 -20.16
C ILE A 634 -17.19 -27.19 -19.23
N HIS A 635 -16.43 -26.13 -19.53
CA HIS A 635 -15.19 -25.88 -18.80
C HIS A 635 -15.45 -25.66 -17.32
N VAL A 636 -16.68 -25.30 -16.96
CA VAL A 636 -16.99 -24.97 -15.57
C VAL A 636 -17.90 -26.00 -14.93
N LYS A 637 -18.10 -27.16 -15.55
CA LYS A 637 -19.08 -28.12 -15.01
C LYS A 637 -18.82 -28.39 -13.54
N LYS A 638 -17.58 -28.74 -13.21
CA LYS A 638 -17.22 -29.00 -11.82
C LYS A 638 -17.68 -27.89 -10.90
N GLN A 639 -17.35 -26.64 -11.25
CA GLN A 639 -17.71 -25.52 -10.40
C GLN A 639 -19.20 -25.49 -10.16
N ILE A 640 -20.00 -25.65 -11.22
CA ILE A 640 -21.45 -25.62 -11.04
C ILE A 640 -21.86 -26.67 -10.02
N GLU A 641 -21.36 -27.89 -10.18
CA GLU A 641 -21.72 -28.93 -9.23
C GLU A 641 -21.42 -28.49 -7.82
N SER A 642 -20.23 -27.95 -7.59
CA SER A 642 -19.85 -27.56 -6.24
C SER A 642 -20.83 -26.56 -5.66
N ARG A 643 -21.22 -25.56 -6.45
CA ARG A 643 -22.20 -24.60 -5.94
C ARG A 643 -23.50 -25.29 -5.59
N LYS A 644 -23.99 -26.15 -6.47
CA LYS A 644 -25.23 -26.87 -6.18
C LYS A 644 -25.07 -27.74 -4.95
N ARG A 645 -23.86 -28.19 -4.63
CA ARG A 645 -23.65 -28.98 -3.38
C ARG A 645 -23.71 -28.06 -2.15
N LEU A 646 -23.12 -26.87 -2.24
CA LEU A 646 -23.06 -25.97 -1.06
C LEU A 646 -24.48 -25.63 -0.60
N ALA A 647 -25.40 -25.41 -1.52
CA ALA A 647 -26.78 -25.03 -1.13
C ALA A 647 -27.41 -26.14 -0.29
N LYS A 648 -27.28 -27.39 -0.76
CA LYS A 648 -27.87 -28.55 -0.03
C LYS A 648 -27.26 -28.65 1.36
N THR A 649 -25.95 -28.50 1.49
CA THR A 649 -25.29 -28.64 2.82
C THR A 649 -25.81 -27.57 3.78
N VAL A 650 -26.01 -26.33 3.33
CA VAL A 650 -26.55 -25.22 4.17
C VAL A 650 -27.99 -25.54 4.60
N LEU A 651 -28.80 -26.07 3.68
CA LEU A 651 -30.16 -26.48 4.10
C LEU A 651 -30.09 -27.61 5.13
N VAL A 652 -29.14 -28.55 5.00
CA VAL A 652 -28.95 -29.66 6.00
C VAL A 652 -28.54 -29.05 7.34
N PHE A 653 -27.69 -28.04 7.35
CA PHE A 653 -27.31 -27.34 8.61
C PHE A 653 -28.57 -26.76 9.26
N VAL A 654 -29.50 -26.18 8.48
CA VAL A 654 -30.75 -25.72 9.14
C VAL A 654 -31.57 -26.87 9.75
N GLY A 655 -31.56 -28.09 9.19
CA GLY A 655 -32.37 -29.20 9.66
C GLY A 655 -31.80 -29.87 10.89
N LEU A 656 -30.50 -30.16 10.87
CA LEU A 656 -29.88 -30.78 12.02
C LEU A 656 -30.17 -30.00 13.29
N PHE A 657 -29.88 -28.69 13.25
CA PHE A 657 -30.05 -27.88 14.46
C PHE A 657 -31.48 -27.96 14.95
N ALA A 658 -32.45 -27.96 14.03
CA ALA A 658 -33.84 -28.08 14.45
C ALA A 658 -34.07 -29.41 15.14
N PHE A 659 -33.69 -30.50 14.48
CA PHE A 659 -34.01 -31.83 14.98
C PHE A 659 -33.49 -31.97 16.40
N CYS A 660 -32.18 -31.81 16.57
CA CYS A 660 -31.55 -32.02 17.87
C CYS A 660 -32.19 -31.17 18.96
N TRP A 661 -32.60 -29.94 18.64
CA TRP A 661 -33.08 -29.10 19.74
C TRP A 661 -34.56 -29.23 19.99
N LEU A 662 -35.28 -30.06 19.24
CA LEU A 662 -36.71 -30.16 19.49
C LEU A 662 -37.04 -31.06 20.66
N PRO A 663 -36.51 -32.30 20.77
CA PRO A 663 -36.92 -33.15 21.90
C PRO A 663 -36.43 -32.64 23.25
N ASN A 664 -35.16 -32.21 23.33
CA ASN A 664 -34.60 -31.65 24.59
C ASN A 664 -35.60 -30.63 25.16
N HIS A 665 -36.00 -29.66 24.34
CA HIS A 665 -36.96 -28.62 24.78
C HIS A 665 -38.33 -29.24 25.10
N VAL A 666 -38.79 -30.18 24.28
CA VAL A 666 -40.14 -30.80 24.50
C VAL A 666 -40.17 -31.50 25.87
N ILE A 667 -39.15 -32.31 26.17
CA ILE A 667 -39.12 -33.06 27.46
C ILE A 667 -39.06 -32.05 28.61
N TYR A 668 -38.22 -31.02 28.49
CA TYR A 668 -38.07 -30.01 29.57
C TYR A 668 -39.41 -29.30 29.79
N LEU A 669 -40.05 -28.83 28.71
CA LEU A 669 -41.31 -28.14 28.82
C LEU A 669 -42.35 -29.01 29.50
N TYR A 670 -42.46 -30.26 29.03
CA TYR A 670 -43.45 -31.23 29.61
C TYR A 670 -43.21 -31.40 31.11
N ARG A 671 -41.97 -31.65 31.51
CA ARG A 671 -41.64 -31.88 32.95
C ARG A 671 -41.99 -30.61 33.75
N SER A 672 -41.75 -29.43 33.16
CA SER A 672 -42.02 -28.14 33.87
C SER A 672 -43.53 -27.87 33.97
N TYR A 673 -44.35 -28.38 33.06
CA TYR A 673 -45.82 -28.20 33.19
C TYR A 673 -46.32 -29.15 34.28
N HIS A 674 -45.97 -30.44 34.18
CA HIS A 674 -46.29 -31.39 35.27
C HIS A 674 -45.14 -31.32 36.27
N TYR A 675 -45.01 -30.20 37.00
CA TYR A 675 -43.86 -30.01 37.91
C TYR A 675 -44.11 -30.74 39.24
N SER A 676 -45.25 -30.48 39.87
CA SER A 676 -45.55 -31.13 41.16
C SER A 676 -45.37 -32.65 41.02
N GLU A 677 -45.97 -33.25 39.99
CA GLU A 677 -45.89 -34.71 39.79
C GLU A 677 -44.49 -35.13 39.33
N VAL A 678 -44.04 -36.33 39.71
CA VAL A 678 -42.74 -36.85 39.22
C VAL A 678 -43.04 -38.17 38.48
N ASP A 679 -42.91 -38.15 37.15
CA ASP A 679 -43.28 -39.33 36.31
C ASP A 679 -42.07 -40.24 36.06
N THR A 680 -42.08 -41.43 36.65
CA THR A 680 -41.03 -42.42 36.41
C THR A 680 -41.65 -43.56 35.62
N SER A 681 -41.33 -43.62 34.34
CA SER A 681 -41.84 -44.67 33.47
C SER A 681 -40.80 -44.95 32.40
N MET A 682 -40.96 -46.09 31.73
CA MET A 682 -39.97 -46.50 30.73
C MET A 682 -39.97 -45.53 29.55
N LEU A 683 -41.16 -45.13 29.10
CA LEU A 683 -41.25 -44.16 28.02
C LEU A 683 -40.48 -42.90 28.37
N HIS A 684 -40.74 -42.33 29.54
CA HIS A 684 -40.08 -41.09 29.92
C HIS A 684 -38.58 -41.29 30.08
N PHE A 685 -38.16 -42.44 30.62
CA PHE A 685 -36.73 -42.70 30.79
C PHE A 685 -36.01 -42.70 29.45
N VAL A 686 -36.50 -43.48 28.49
CA VAL A 686 -35.82 -43.60 27.21
C VAL A 686 -35.90 -42.29 26.43
N THR A 687 -37.07 -41.63 26.47
CA THR A 687 -37.22 -40.35 25.73
C THR A 687 -36.26 -39.31 26.32
N SER A 688 -36.09 -39.29 27.64
CA SER A 688 -35.13 -38.38 28.24
C SER A 688 -33.71 -38.66 27.75
N ILE A 689 -33.31 -39.93 27.76
CA ILE A 689 -31.93 -40.30 27.31
C ILE A 689 -31.75 -39.84 25.86
N CYS A 690 -32.72 -40.10 24.98
CA CYS A 690 -32.59 -39.76 23.57
C CYS A 690 -32.53 -38.26 23.35
N ALA A 691 -33.41 -37.54 24.06
CA ALA A 691 -33.48 -36.06 23.89
C ALA A 691 -32.15 -35.41 24.27
N ARG A 692 -31.61 -35.74 25.44
CA ARG A 692 -30.35 -35.10 25.91
C ARG A 692 -29.20 -35.47 24.97
N LEU A 693 -29.16 -36.71 24.49
CA LEU A 693 -28.11 -37.14 23.53
C LEU A 693 -28.23 -36.33 22.23
N LEU A 694 -29.44 -36.22 21.68
CA LEU A 694 -29.65 -35.40 20.46
C LEU A 694 -29.13 -33.98 20.72
N ALA A 695 -29.47 -33.40 21.88
CA ALA A 695 -29.01 -32.05 22.17
C ALA A 695 -27.49 -31.98 22.22
N PHE A 696 -26.85 -32.98 22.80
CA PHE A 696 -25.39 -32.96 22.87
C PHE A 696 -24.74 -33.19 21.52
N THR A 697 -25.47 -33.77 20.56
CA THR A 697 -24.89 -34.10 19.23
C THR A 697 -24.63 -32.81 18.45
N ASN A 698 -25.36 -31.74 18.73
CA ASN A 698 -25.23 -30.48 17.94
C ASN A 698 -23.81 -29.92 18.09
N SER A 699 -23.24 -29.96 19.29
CA SER A 699 -21.87 -29.43 19.54
C SER A 699 -20.86 -30.11 18.62
N CYS A 700 -21.13 -31.36 18.21
CA CYS A 700 -20.16 -32.12 17.38
C CYS A 700 -20.50 -32.03 15.89
N VAL A 701 -21.78 -31.84 15.54
CA VAL A 701 -22.11 -31.68 14.09
C VAL A 701 -21.70 -30.28 13.61
N ASN A 702 -21.47 -29.34 14.53
CA ASN A 702 -21.10 -27.94 14.14
C ASN A 702 -19.73 -27.92 13.42
N PRO A 703 -18.57 -28.18 14.07
CA PRO A 703 -17.29 -28.23 13.36
C PRO A 703 -17.10 -29.37 12.34
N PHE A 704 -17.58 -30.58 12.65
CA PHE A 704 -17.33 -31.76 11.77
C PHE A 704 -17.95 -31.59 10.38
N ALA A 705 -19.06 -30.86 10.29
CA ALA A 705 -19.71 -30.60 8.98
C ALA A 705 -18.87 -29.62 8.16
N LEU A 706 -18.34 -28.57 8.78
CA LEU A 706 -17.42 -27.65 8.05
C LEU A 706 -16.18 -28.46 7.64
N TYR A 707 -15.71 -29.33 8.53
CA TYR A 707 -14.56 -30.21 8.20
C TYR A 707 -14.88 -30.94 6.90
N LEU A 708 -16.14 -31.31 6.69
CA LEU A 708 -16.46 -32.11 5.48
C LEU A 708 -16.54 -31.20 4.25
N LEU A 709 -17.03 -29.96 4.43
CA LEU A 709 -17.21 -29.03 3.28
C LEU A 709 -15.89 -28.61 2.63
N SER A 710 -14.84 -28.33 3.43
CA SER A 710 -13.60 -27.78 2.84
C SER A 710 -12.45 -28.78 2.83
N LYS A 711 -11.66 -28.80 1.75
CA LYS A 711 -10.47 -29.70 1.66
C LYS A 711 -9.26 -29.00 2.26
N SER A 712 -9.16 -27.66 2.12
CA SER A 712 -8.07 -26.94 2.76
C SER A 712 -8.20 -26.96 4.27
N PHE A 713 -9.43 -26.76 4.77
CA PHE A 713 -9.65 -26.85 6.21
C PHE A 713 -9.44 -28.27 6.69
N ARG A 714 -9.76 -29.27 5.86
CA ARG A 714 -9.45 -30.65 6.17
C ARG A 714 -7.95 -30.86 6.34
N LYS A 715 -7.18 -30.28 5.41
CA LYS A 715 -5.70 -30.39 5.48
C LYS A 715 -5.23 -29.76 6.80
N GLN A 716 -5.77 -28.58 7.13
CA GLN A 716 -5.36 -27.88 8.38
C GLN A 716 -5.76 -28.75 9.57
N PHE A 717 -6.98 -29.30 9.56
CA PHE A 717 -7.49 -30.13 10.69
C PHE A 717 -6.54 -31.30 10.91
N ASN A 718 -6.21 -32.04 9.83
CA ASN A 718 -5.34 -33.23 9.95
C ASN A 718 -3.95 -32.83 10.48
N THR A 719 -3.43 -31.68 10.01
CA THR A 719 -2.09 -31.23 10.45
C THR A 719 -2.10 -30.99 11.97
N GLN A 720 -3.16 -30.35 12.48
CA GLN A 720 -3.27 -30.10 13.95
C GLN A 720 -3.43 -31.45 14.68
N LEU A 721 -4.21 -32.37 14.12
CA LEU A 721 -4.38 -33.71 14.75
C LEU A 721 -3.02 -34.39 14.86
N PRO B 1 -33.59 -47.84 44.27
CA PRO B 1 -33.41 -46.39 44.18
C PRO B 1 -34.64 -45.64 44.71
N ARG B 2 -34.58 -45.18 45.95
CA ARG B 2 -35.70 -44.41 46.56
C ARG B 2 -35.91 -43.10 45.77
N GLY B 3 -34.82 -42.45 45.35
CA GLY B 3 -34.92 -41.17 44.61
C GLY B 3 -34.33 -41.27 43.22
N ASN B 4 -34.94 -40.58 42.24
CA ASN B 4 -34.41 -40.56 40.85
C ASN B 4 -34.19 -39.12 40.43
N HIS B 5 -32.93 -38.64 40.43
CA HIS B 5 -32.66 -37.21 40.14
C HIS B 5 -32.98 -36.88 38.67
N TRP B 6 -33.01 -37.88 37.80
CA TRP B 6 -33.26 -37.64 36.36
C TRP B 6 -34.70 -37.21 36.06
N ALA B 7 -35.69 -37.74 36.79
CA ALA B 7 -37.11 -37.45 36.45
C ALA B 7 -37.42 -35.95 36.51
N VAL B 8 -36.89 -35.22 37.50
CA VAL B 8 -37.09 -33.74 37.55
C VAL B 8 -35.73 -33.05 37.45
N GLY B 9 -35.55 -32.11 36.51
CA GLY B 9 -34.27 -31.38 36.47
C GLY B 9 -34.31 -30.10 35.65
N HIS B 10 -33.15 -29.66 35.17
CA HIS B 10 -33.04 -28.39 34.39
C HIS B 10 -33.31 -28.67 32.90
N LEU B 11 -33.13 -27.65 32.05
CA LEU B 11 -33.39 -27.81 30.59
C LEU B 11 -32.49 -28.88 29.98
N MET B 12 -31.24 -28.97 30.41
CA MET B 12 -30.29 -29.93 29.81
C MET B 12 -29.62 -30.74 30.93
N GLY C 2 1.84 12.83 27.61
CA GLY C 2 3.23 13.17 27.44
C GLY C 2 3.76 14.05 28.56
N CYS C 3 3.79 13.51 29.77
CA CYS C 3 4.24 14.27 30.93
C CYS C 3 5.70 14.68 30.77
N THR C 4 6.55 13.78 30.28
CA THR C 4 7.94 14.11 30.04
C THR C 4 8.14 14.90 28.75
N LEU C 5 7.10 15.00 27.92
CA LEU C 5 7.18 15.76 26.69
C LEU C 5 7.09 17.25 26.95
N SER C 6 7.67 18.06 26.06
CA SER C 6 7.58 19.55 26.15
C SER C 6 6.32 20.06 25.46
N ALA C 7 6.10 21.38 25.47
CA ALA C 7 4.88 21.97 24.88
C ALA C 7 4.88 21.78 23.36
N GLU C 8 6.05 21.89 22.72
CA GLU C 8 6.16 21.74 21.25
C GLU C 8 6.15 20.26 20.87
N ASP C 9 6.76 19.38 21.67
CA ASP C 9 6.68 17.95 21.42
C ASP C 9 5.24 17.45 21.43
N LYS C 10 4.42 17.96 22.34
CA LYS C 10 3.01 17.58 22.35
C LYS C 10 2.29 18.08 21.10
N ALA C 11 2.64 19.29 20.64
CA ALA C 11 2.03 19.76 19.40
C ALA C 11 2.46 18.93 18.20
N ALA C 12 3.71 18.46 18.21
CA ALA C 12 4.16 17.57 17.14
C ALA C 12 3.41 16.24 17.17
N VAL C 13 3.17 15.68 18.36
CA VAL C 13 2.42 14.44 18.44
C VAL C 13 0.99 14.65 17.95
N GLU C 14 0.42 15.82 18.20
CA GLU C 14 -0.97 16.10 17.74
C GLU C 14 -0.98 16.13 16.21
N ARG C 15 0.08 16.64 15.57
CA ARG C 15 0.18 16.64 14.09
C ARG C 15 0.29 15.21 13.56
N SER C 16 1.12 14.37 14.17
CA SER C 16 1.28 12.97 13.75
C SER C 16 -0.04 12.22 13.95
N LYS C 17 -0.88 12.62 14.90
CA LYS C 17 -2.18 11.96 15.03
C LYS C 17 -3.15 12.41 13.95
N MET C 18 -3.16 13.69 13.62
CA MET C 18 -4.01 14.13 12.51
C MET C 18 -3.56 13.49 11.19
N ILE C 19 -2.26 13.36 10.99
CA ILE C 19 -1.77 12.71 9.78
C ILE C 19 -2.21 11.24 9.72
N ASP C 20 -2.15 10.55 10.85
CA ASP C 20 -2.64 9.17 10.89
C ASP C 20 -4.12 9.07 10.56
N ARG C 21 -4.93 9.99 11.09
CA ARG C 21 -6.34 10.00 10.74
C ARG C 21 -6.52 10.16 9.23
N ASN C 22 -5.77 11.07 8.62
CA ASN C 22 -5.93 11.29 7.18
C ASN C 22 -5.49 10.07 6.38
N LEU C 23 -4.41 9.40 6.80
CA LEU C 23 -3.99 8.17 6.14
C LEU C 23 -5.08 7.11 6.22
N ARG C 24 -5.69 6.93 7.39
CA ARG C 24 -6.73 5.92 7.51
C ARG C 24 -7.93 6.25 6.63
N GLU C 25 -8.32 7.51 6.57
CA GLU C 25 -9.45 7.87 5.71
C GLU C 25 -9.12 7.64 4.24
N ASP C 26 -7.89 7.94 3.83
CA ASP C 26 -7.48 7.65 2.46
C ASP C 26 -7.49 6.16 2.17
N GLY C 27 -7.06 5.34 3.11
CA GLY C 27 -7.10 3.89 2.91
C GLY C 27 -8.52 3.36 2.79
N GLU C 28 -9.42 3.87 3.62
CA GLU C 28 -10.83 3.52 3.46
C GLU C 28 -11.31 3.86 2.07
N LYS C 29 -10.98 5.05 1.60
CA LYS C 29 -11.40 5.44 0.25
C LYS C 29 -10.76 4.56 -0.81
N ALA C 30 -9.52 4.13 -0.58
CA ALA C 30 -8.77 3.37 -1.62
C ALA C 30 -9.32 1.95 -1.81
N ARG C 31 -9.67 1.26 -0.72
CA ARG C 31 -10.05 -0.17 -0.81
C ARG C 31 -11.40 -0.35 -1.52
N ARG C 32 -12.21 0.71 -1.58
CA ARG C 32 -13.52 0.65 -2.28
C ARG C 32 -13.27 0.65 -3.78
N GLU C 33 -12.01 0.80 -4.20
CA GLU C 33 -11.66 0.73 -5.65
C GLU C 33 -11.02 -0.62 -5.97
N LEU C 34 -11.38 -1.21 -7.12
CA LEU C 34 -10.92 -2.53 -7.52
C LEU C 34 -10.02 -2.38 -8.75
N LYS C 35 -8.83 -2.96 -8.68
CA LYS C 35 -7.83 -2.80 -9.72
C LYS C 35 -7.94 -3.92 -10.74
N LEU C 36 -8.18 -3.56 -12.00
CA LEU C 36 -8.21 -4.51 -13.11
C LEU C 36 -7.02 -4.25 -14.03
N LEU C 37 -6.20 -5.26 -14.26
CA LEU C 37 -4.99 -5.11 -15.06
C LEU C 37 -5.24 -5.61 -16.48
N LEU C 38 -5.27 -4.71 -17.45
CA LEU C 38 -5.48 -5.05 -18.84
C LEU C 38 -4.14 -5.37 -19.49
N LEU C 39 -3.97 -6.59 -19.96
CA LEU C 39 -2.68 -6.97 -20.51
C LEU C 39 -2.60 -6.65 -22.00
N GLY C 40 -1.43 -6.18 -22.42
CA GLY C 40 -1.23 -5.72 -23.78
C GLY C 40 -0.81 -6.80 -24.76
N THR C 41 -1.72 -7.16 -25.67
CA THR C 41 -1.44 -8.07 -26.76
C THR C 41 -1.29 -7.28 -28.06
N GLY C 42 -1.24 -8.03 -29.17
CA GLY C 42 -1.21 -7.36 -30.48
C GLY C 42 -2.52 -6.68 -30.74
N GLU C 43 -3.63 -7.28 -30.33
CA GLU C 43 -4.96 -6.62 -30.47
C GLU C 43 -4.98 -5.36 -29.60
N SER C 44 -4.42 -5.46 -28.39
CA SER C 44 -4.38 -4.30 -27.47
C SER C 44 -3.34 -3.30 -27.96
N GLY C 45 -2.29 -3.77 -28.65
CA GLY C 45 -1.33 -2.82 -29.21
C GLY C 45 -1.93 -1.92 -30.26
N LYS C 46 -2.84 -2.47 -31.07
CA LYS C 46 -3.54 -1.64 -32.06
C LYS C 46 -4.36 -0.54 -31.37
N SER C 47 -5.03 -0.88 -30.27
CA SER C 47 -5.68 0.11 -29.40
C SER C 47 -6.80 0.87 -30.10
N THR C 48 -7.61 0.17 -30.90
CA THR C 48 -8.84 0.74 -31.45
C THR C 48 -10.06 0.33 -30.63
N PHE C 49 -10.00 -0.86 -30.04
CA PHE C 49 -11.12 -1.36 -29.26
C PHE C 49 -11.38 -0.47 -28.05
N ILE C 50 -10.31 0.03 -27.43
CA ILE C 50 -10.47 0.89 -26.27
C ILE C 50 -11.15 2.20 -26.66
N LYS C 51 -10.77 2.76 -27.81
CA LYS C 51 -11.43 3.97 -28.31
C LYS C 51 -12.91 3.73 -28.55
N GLN C 52 -13.24 2.65 -29.25
CA GLN C 52 -14.65 2.37 -29.55
C GLN C 52 -15.45 2.14 -28.28
N MET C 53 -14.89 1.38 -27.35
CA MET C 53 -15.60 1.17 -26.06
C MET C 53 -15.79 2.52 -25.36
N ARG C 54 -14.84 3.45 -25.53
CA ARG C 54 -14.98 4.80 -24.94
C ARG C 54 -16.16 5.53 -25.58
N ILE C 55 -16.30 5.41 -26.90
CA ILE C 55 -17.44 6.07 -27.59
C ILE C 55 -18.74 5.52 -26.98
N ILE C 56 -18.72 4.27 -26.53
CA ILE C 56 -19.97 3.66 -25.96
C ILE C 56 -20.28 4.34 -24.63
N HIS C 57 -19.26 4.63 -23.83
CA HIS C 57 -19.44 5.31 -22.51
C HIS C 57 -19.99 6.72 -22.73
N GLY C 58 -19.82 7.28 -23.94
CA GLY C 58 -20.35 8.62 -24.26
C GLY C 58 -19.29 9.70 -24.34
N SER C 59 -18.04 9.37 -23.98
CA SER C 59 -16.95 10.35 -24.17
C SER C 59 -16.69 10.52 -25.67
N GLY C 60 -16.44 11.74 -26.14
CA GLY C 60 -16.26 11.98 -27.58
C GLY C 60 -15.03 12.82 -27.88
N TYR C 61 -14.97 13.42 -29.08
CA TYR C 61 -13.82 14.25 -29.44
C TYR C 61 -14.30 15.63 -29.85
N SER C 62 -13.66 16.64 -29.28
CA SER C 62 -13.82 18.01 -29.75
C SER C 62 -12.93 18.21 -30.96
N ASP C 63 -13.06 19.38 -31.59
CA ASP C 63 -12.22 19.66 -32.75
C ASP C 63 -10.74 19.61 -32.40
N GLU C 64 -10.36 20.14 -31.23
CA GLU C 64 -8.99 20.08 -30.78
C GLU C 64 -8.44 18.66 -30.81
N ASP C 65 -9.21 17.70 -30.28
CA ASP C 65 -8.75 16.31 -30.25
C ASP C 65 -8.53 15.79 -31.66
N LYS C 66 -9.41 16.15 -32.60
CA LYS C 66 -9.28 15.66 -33.97
C LYS C 66 -8.10 16.31 -34.71
N ARG C 67 -7.83 17.59 -34.46
CA ARG C 67 -6.57 18.15 -34.91
C ARG C 67 -5.40 17.41 -34.32
N GLY C 68 -5.57 16.82 -33.13
CA GLY C 68 -4.55 15.93 -32.61
C GLY C 68 -4.27 14.75 -33.51
N PHE C 69 -5.34 14.17 -34.09
CA PHE C 69 -5.20 12.93 -34.87
C PHE C 69 -5.01 13.15 -36.37
N THR C 70 -5.11 14.38 -36.86
CA THR C 70 -4.83 14.60 -38.28
C THR C 70 -3.49 13.97 -38.68
N LYS C 71 -2.40 14.47 -38.08
CA LYS C 71 -1.06 14.02 -38.43
C LYS C 71 -0.96 12.50 -38.34
N LEU C 72 -1.64 11.91 -37.37
CA LEU C 72 -1.57 10.46 -37.22
C LEU C 72 -2.24 9.76 -38.39
N VAL C 73 -3.36 10.31 -38.87
CA VAL C 73 -4.03 9.75 -40.07
C VAL C 73 -3.01 9.72 -41.20
N TYR C 74 -2.43 10.87 -41.57
CA TYR C 74 -1.52 10.91 -42.74
C TYR C 74 -0.36 9.94 -42.51
N GLN C 75 0.18 9.94 -41.28
CA GLN C 75 1.30 9.02 -40.95
C GLN C 75 0.87 7.58 -41.21
N ASN C 76 -0.41 7.24 -40.96
CA ASN C 76 -0.87 5.88 -41.17
C ASN C 76 -0.92 5.51 -42.65
N ILE C 77 -1.39 6.43 -43.51
CA ILE C 77 -1.40 6.10 -44.94
C ILE C 77 0.00 5.71 -45.40
N PHE C 78 1.00 6.52 -45.05
CA PHE C 78 2.36 6.22 -45.45
C PHE C 78 2.84 4.89 -44.86
N THR C 79 2.59 4.67 -43.57
CA THR C 79 3.10 3.45 -42.94
C THR C 79 2.54 2.21 -43.60
N ALA C 80 1.23 2.20 -43.85
CA ALA C 80 0.60 1.07 -44.53
C ALA C 80 1.22 0.87 -45.91
N MET C 81 1.33 1.96 -46.67
CA MET C 81 1.82 1.86 -48.07
C MET C 81 3.24 1.31 -48.08
N GLN C 82 4.12 1.83 -47.21
CA GLN C 82 5.54 1.40 -47.20
C GLN C 82 5.60 -0.08 -46.83
N ALA C 83 4.78 -0.52 -45.87
CA ALA C 83 4.76 -1.95 -45.48
C ALA C 83 4.30 -2.81 -46.65
N MET C 84 3.27 -2.37 -47.38
CA MET C 84 2.80 -3.11 -48.55
C MET C 84 3.90 -3.25 -49.61
N ILE C 85 4.69 -2.20 -49.82
CA ILE C 85 5.81 -2.28 -50.76
C ILE C 85 6.81 -3.35 -50.32
N ARG C 86 7.18 -3.35 -49.04
CA ARG C 86 8.13 -4.35 -48.57
C ARG C 86 7.53 -5.74 -48.65
N ALA C 87 6.21 -5.86 -48.49
CA ALA C 87 5.55 -7.15 -48.68
C ALA C 87 5.65 -7.61 -50.13
N MET C 88 5.47 -6.69 -51.08
CA MET C 88 5.68 -7.03 -52.48
C MET C 88 7.08 -7.55 -52.73
N ASP C 89 8.08 -6.86 -52.19
CA ASP C 89 9.45 -7.34 -52.34
C ASP C 89 9.62 -8.72 -51.71
N THR C 90 8.93 -8.97 -50.59
CA THR C 90 9.02 -10.27 -49.94
C THR C 90 8.34 -11.36 -50.78
N LEU C 91 7.20 -11.05 -51.38
CA LEU C 91 6.41 -12.03 -52.10
C LEU C 91 6.76 -12.14 -53.57
N LYS C 92 7.77 -11.39 -54.02
CA LYS C 92 8.27 -11.48 -55.40
C LYS C 92 7.16 -11.27 -56.42
N ILE C 93 6.30 -10.28 -56.16
CA ILE C 93 5.20 -9.94 -57.06
C ILE C 93 5.57 -8.64 -57.77
N PRO C 94 5.84 -8.67 -59.08
CA PRO C 94 6.18 -7.43 -59.79
C PRO C 94 4.95 -6.57 -60.05
N TYR C 95 5.19 -5.27 -60.14
CA TYR C 95 4.10 -4.32 -60.39
C TYR C 95 3.68 -4.39 -61.85
N LYS C 96 2.37 -4.28 -62.08
CA LYS C 96 1.85 -4.37 -63.44
C LYS C 96 2.30 -3.18 -64.29
N TYR C 97 2.49 -2.02 -63.65
CA TYR C 97 2.85 -0.79 -64.41
C TYR C 97 4.26 -0.33 -64.05
N GLU C 98 5.04 0.07 -65.07
CA GLU C 98 6.44 0.54 -64.83
C GLU C 98 6.47 1.83 -64.00
N HIS C 99 5.56 2.77 -64.26
CA HIS C 99 5.61 4.07 -63.54
C HIS C 99 5.45 3.80 -62.04
N ASN C 100 4.76 2.72 -61.69
CA ASN C 100 4.53 2.35 -60.26
C ASN C 100 5.86 2.08 -59.56
N LYS C 101 6.82 1.44 -60.26
CA LYS C 101 8.16 1.18 -59.66
C LYS C 101 8.73 2.50 -59.09
N ALA C 102 8.72 3.58 -59.89
CA ALA C 102 9.27 4.88 -59.46
C ALA C 102 8.43 5.42 -58.29
N HIS C 103 7.10 5.27 -58.38
CA HIS C 103 6.21 5.71 -57.27
C HIS C 103 6.56 4.90 -56.02
N ALA C 104 6.79 3.60 -56.16
CA ALA C 104 7.15 2.74 -55.01
C ALA C 104 8.42 3.28 -54.36
N GLN C 105 9.45 3.56 -55.17
CA GLN C 105 10.70 4.10 -54.63
C GLN C 105 10.44 5.39 -53.85
N LEU C 106 9.74 6.34 -54.47
CA LEU C 106 9.41 7.59 -53.78
C LEU C 106 8.71 7.33 -52.46
N VAL C 107 7.79 6.37 -52.44
CA VAL C 107 7.11 5.99 -51.20
C VAL C 107 8.11 5.44 -50.19
N ARG C 108 9.06 4.63 -50.65
CA ARG C 108 10.04 4.07 -49.73
C ARG C 108 10.86 5.15 -49.04
N GLU C 109 11.33 6.16 -49.79
CA GLU C 109 12.21 7.13 -49.15
C GLU C 109 11.46 8.05 -48.20
N VAL C 110 10.13 8.02 -48.20
CA VAL C 110 9.37 8.87 -47.28
C VAL C 110 9.69 8.47 -45.84
N ASP C 111 9.97 9.47 -45.01
CA ASP C 111 10.20 9.26 -43.59
C ASP C 111 8.89 9.46 -42.84
N VAL C 112 8.54 8.49 -42.00
CA VAL C 112 7.19 8.41 -41.44
C VAL C 112 6.96 9.51 -40.42
N GLU C 113 7.90 9.69 -39.49
CA GLU C 113 7.72 10.70 -38.44
C GLU C 113 7.91 12.12 -38.98
N LYS C 114 8.77 12.27 -39.99
CA LYS C 114 9.09 13.63 -40.51
C LYS C 114 7.88 14.19 -41.28
N VAL C 115 6.75 13.48 -41.28
CA VAL C 115 5.60 13.95 -42.10
C VAL C 115 4.57 14.63 -41.19
N SER C 116 4.24 15.89 -41.47
CA SER C 116 3.18 16.59 -40.70
C SER C 116 2.05 16.97 -41.66
N ALA C 117 2.38 17.13 -42.95
CA ALA C 117 1.37 17.51 -43.96
C ALA C 117 1.45 16.57 -45.16
N PHE C 118 0.31 16.07 -45.66
CA PHE C 118 0.30 15.23 -46.88
C PHE C 118 0.80 16.08 -48.04
N GLU C 119 1.71 15.56 -48.86
CA GLU C 119 2.30 16.39 -49.95
C GLU C 119 1.64 16.08 -51.29
N ASN C 120 1.51 17.08 -52.17
CA ASN C 120 0.81 16.92 -53.47
C ASN C 120 1.47 15.85 -54.36
N PRO C 121 2.81 15.73 -54.49
CA PRO C 121 3.39 14.64 -55.30
C PRO C 121 3.02 13.28 -54.71
N TYR C 122 3.05 13.14 -53.38
CA TYR C 122 2.73 11.85 -52.72
C TYR C 122 1.26 11.46 -52.94
N VAL C 123 0.35 12.43 -52.88
CA VAL C 123 -1.11 12.14 -53.07
C VAL C 123 -1.29 11.37 -54.39
N ASP C 124 -0.57 11.77 -55.44
CA ASP C 124 -0.74 11.13 -56.77
C ASP C 124 0.01 9.80 -56.80
N ALA C 125 1.24 9.75 -56.27
CA ALA C 125 2.02 8.53 -56.21
C ALA C 125 1.25 7.41 -55.51
N ILE C 126 0.68 7.72 -54.34
CA ILE C 126 -0.06 6.71 -53.59
C ILE C 126 -1.33 6.31 -54.33
N LYS C 127 -2.02 7.28 -54.96
CA LYS C 127 -3.23 6.94 -55.70
C LYS C 127 -2.92 6.01 -56.87
N SER C 128 -1.88 6.33 -57.65
CA SER C 128 -1.53 5.48 -58.78
C SER C 128 -1.06 4.11 -58.33
N LEU C 129 -0.34 4.05 -57.20
CA LEU C 129 0.07 2.75 -56.68
C LEU C 129 -1.15 1.92 -56.26
N TRP C 130 -2.12 2.55 -55.61
CA TRP C 130 -3.35 1.84 -55.27
C TRP C 130 -4.08 1.35 -56.50
N ASN C 131 -3.97 2.13 -57.60
CA ASN C 131 -4.69 1.77 -58.85
C ASN C 131 -4.04 0.56 -59.51
N ASP C 132 -2.80 0.24 -59.13
CA ASP C 132 -2.08 -0.91 -59.74
C ASP C 132 -2.84 -2.20 -59.38
N PRO C 133 -3.14 -3.10 -60.35
CA PRO C 133 -3.78 -4.37 -60.05
C PRO C 133 -2.90 -5.26 -59.16
N GLY C 134 -1.58 -5.28 -59.39
CA GLY C 134 -0.71 -6.03 -58.51
C GLY C 134 -0.84 -5.58 -57.06
N ILE C 135 -0.95 -4.27 -56.85
CA ILE C 135 -1.15 -3.74 -55.51
C ILE C 135 -2.46 -4.20 -54.92
N GLN C 136 -3.53 -4.25 -55.73
CA GLN C 136 -4.79 -4.78 -55.24
C GLN C 136 -4.67 -6.27 -54.90
N GLU C 137 -3.91 -7.02 -55.70
CA GLU C 137 -3.69 -8.43 -55.38
C GLU C 137 -2.93 -8.60 -54.08
N CYS C 138 -1.90 -7.79 -53.86
CA CYS C 138 -1.14 -7.89 -52.61
C CYS C 138 -1.99 -7.46 -51.42
N TYR C 139 -2.87 -6.47 -51.62
CA TYR C 139 -3.82 -6.12 -50.58
C TYR C 139 -4.80 -7.26 -50.31
N ASP C 140 -5.13 -8.04 -51.34
CA ASP C 140 -5.99 -9.19 -51.12
C ASP C 140 -5.32 -10.18 -50.17
N ARG C 141 -3.99 -10.25 -50.22
CA ARG C 141 -3.21 -11.15 -49.37
C ARG C 141 -2.70 -10.43 -48.13
N ARG C 142 -3.61 -9.89 -47.31
CA ARG C 142 -3.21 -9.25 -46.06
C ARG C 142 -2.61 -10.24 -45.08
N ARG C 143 -3.15 -11.46 -45.02
CA ARG C 143 -2.85 -12.34 -43.90
C ARG C 143 -1.39 -12.77 -43.90
N GLU C 144 -0.71 -12.67 -45.04
CA GLU C 144 0.68 -13.14 -45.09
C GLU C 144 1.65 -12.10 -44.54
N TYR C 145 1.20 -10.85 -44.38
CA TYR C 145 2.10 -9.81 -43.89
C TYR C 145 1.41 -8.91 -42.87
N GLN C 146 2.16 -7.96 -42.30
CA GLN C 146 1.64 -7.08 -41.27
C GLN C 146 1.11 -5.80 -41.90
N LEU C 147 -0.17 -5.52 -41.66
CA LEU C 147 -0.81 -4.38 -42.29
C LEU C 147 -1.90 -3.87 -41.37
N SER C 148 -2.20 -2.57 -41.49
CA SER C 148 -3.31 -2.01 -40.73
C SER C 148 -4.62 -2.61 -41.18
N ASP C 149 -5.55 -2.77 -40.23
CA ASP C 149 -6.86 -3.34 -40.57
C ASP C 149 -7.67 -2.39 -41.43
N SER C 150 -7.36 -1.09 -41.39
CA SER C 150 -8.18 -0.05 -41.98
C SER C 150 -7.55 0.57 -43.21
N THR C 151 -6.66 -0.15 -43.90
CA THR C 151 -5.97 0.42 -45.06
C THR C 151 -6.95 0.71 -46.19
N LYS C 152 -7.90 -0.19 -46.42
CA LYS C 152 -8.84 0.00 -47.52
C LYS C 152 -9.66 1.27 -47.34
N TYR C 153 -10.16 1.49 -46.12
CA TYR C 153 -11.04 2.64 -45.88
C TYR C 153 -10.28 3.94 -46.13
N TYR C 154 -9.03 4.02 -45.65
CA TYR C 154 -8.24 5.22 -45.87
C TYR C 154 -7.91 5.41 -47.35
N LEU C 155 -7.36 4.36 -47.98
CA LEU C 155 -6.91 4.50 -49.39
C LEU C 155 -8.09 4.72 -50.34
N ASN C 156 -9.28 4.21 -49.98
CA ASN C 156 -10.48 4.50 -50.81
C ASN C 156 -10.80 6.00 -50.76
N ASP C 157 -10.66 6.61 -49.58
CA ASP C 157 -11.03 8.05 -49.42
C ASP C 157 -9.78 8.93 -49.33
N LEU C 158 -8.87 8.81 -50.30
CA LEU C 158 -7.63 9.64 -50.30
C LEU C 158 -7.97 11.09 -50.63
N ASP C 159 -9.03 11.33 -51.41
CA ASP C 159 -9.34 12.71 -51.87
C ASP C 159 -9.69 13.63 -50.68
N ARG C 160 -10.51 13.16 -49.73
CA ARG C 160 -10.94 14.06 -48.63
C ARG C 160 -9.75 14.37 -47.71
N VAL C 161 -8.88 13.38 -47.49
CA VAL C 161 -7.68 13.60 -46.68
C VAL C 161 -6.75 14.58 -47.37
N ALA C 162 -6.64 14.49 -48.70
CA ALA C 162 -5.71 15.33 -49.45
C ALA C 162 -6.13 16.79 -49.48
N ASP C 163 -7.37 17.10 -49.11
CA ASP C 163 -7.83 18.48 -49.14
C ASP C 163 -7.07 19.30 -48.11
N PRO C 164 -6.59 20.50 -48.47
CA PRO C 164 -5.83 21.31 -47.50
C PRO C 164 -6.60 21.59 -46.21
N ALA C 165 -7.91 21.85 -46.32
CA ALA C 165 -8.78 21.98 -45.16
C ALA C 165 -9.43 20.63 -44.91
N TYR C 166 -8.92 19.89 -43.93
CA TYR C 166 -9.36 18.53 -43.67
C TYR C 166 -9.48 18.32 -42.17
N LEU C 167 -10.71 18.06 -41.72
CA LEU C 167 -10.95 17.72 -40.33
C LEU C 167 -11.30 16.25 -40.23
N PRO C 168 -10.54 15.44 -39.48
CA PRO C 168 -10.84 14.00 -39.42
C PRO C 168 -12.23 13.76 -38.85
N THR C 169 -12.93 12.78 -39.43
CA THR C 169 -14.26 12.39 -38.90
C THR C 169 -14.04 11.55 -37.64
N GLN C 170 -15.12 11.21 -36.92
CA GLN C 170 -14.99 10.36 -35.71
C GLN C 170 -14.41 9.00 -36.13
N GLN C 171 -14.83 8.48 -37.28
CA GLN C 171 -14.34 7.17 -37.77
C GLN C 171 -12.82 7.24 -38.00
N ASP C 172 -12.34 8.27 -38.69
CA ASP C 172 -10.91 8.41 -38.91
C ASP C 172 -10.15 8.45 -37.60
N VAL C 173 -10.72 9.10 -36.58
CA VAL C 173 -10.09 9.16 -35.27
C VAL C 173 -9.99 7.77 -34.66
N LEU C 174 -11.03 6.95 -34.86
CA LEU C 174 -11.09 5.66 -34.18
C LEU C 174 -9.97 4.72 -34.63
N ARG C 175 -9.64 4.73 -35.92
CA ARG C 175 -8.74 3.72 -36.47
C ARG C 175 -7.33 4.25 -36.74
N VAL C 176 -6.80 5.13 -35.89
CA VAL C 176 -5.39 5.50 -35.99
C VAL C 176 -4.59 4.66 -34.98
N GLN C 177 -4.01 3.57 -35.46
CA GLN C 177 -3.28 2.66 -34.59
C GLN C 177 -2.03 3.34 -34.03
N VAL C 178 -2.05 3.63 -32.73
CA VAL C 178 -0.92 4.39 -32.13
C VAL C 178 -0.35 3.63 -30.92
N PRO C 179 0.98 3.47 -30.81
CA PRO C 179 1.58 2.86 -29.62
C PRO C 179 1.49 3.84 -28.44
N THR C 180 1.46 3.34 -27.19
CA THR C 180 1.26 4.23 -26.01
C THR C 180 2.54 4.34 -25.17
N THR C 181 2.82 5.51 -24.59
CA THR C 181 4.06 5.74 -23.81
C THR C 181 4.15 4.99 -22.47
N GLY C 182 3.09 4.97 -21.66
CA GLY C 182 3.22 4.39 -20.31
C GLY C 182 1.90 3.99 -19.66
N ILE C 183 1.91 3.72 -18.35
CA ILE C 183 0.68 3.21 -17.69
C ILE C 183 -0.45 4.20 -17.89
N ILE C 184 -1.54 3.78 -18.52
CA ILE C 184 -2.70 4.64 -18.65
C ILE C 184 -3.84 4.02 -17.86
N GLU C 185 -4.54 4.83 -17.07
CA GLU C 185 -5.54 4.34 -16.14
C GLU C 185 -6.89 4.93 -16.52
N TYR C 186 -7.91 4.08 -16.56
CA TYR C 186 -9.26 4.50 -16.89
C TYR C 186 -10.16 4.22 -15.70
N PRO C 187 -10.71 5.24 -15.07
CA PRO C 187 -11.63 5.00 -13.95
C PRO C 187 -13.06 4.89 -14.42
N PHE C 188 -13.78 3.87 -13.98
CA PHE C 188 -15.20 3.77 -14.33
C PHE C 188 -16.00 3.29 -13.12
N ASP C 189 -17.20 3.83 -12.96
CA ASP C 189 -18.03 3.47 -11.77
C ASP C 189 -19.32 2.74 -12.18
N LEU C 190 -19.56 1.55 -11.62
CA LEU C 190 -20.85 0.86 -11.89
C LEU C 190 -21.49 0.40 -10.58
N GLN C 191 -22.82 0.62 -10.44
CA GLN C 191 -23.59 0.13 -9.26
C GLN C 191 -22.89 0.41 -7.92
N SER C 192 -22.36 1.61 -7.73
CA SER C 192 -21.72 2.01 -6.44
C SER C 192 -20.36 1.34 -6.28
N VAL C 193 -19.90 0.63 -7.30
CA VAL C 193 -18.53 0.04 -7.24
C VAL C 193 -17.70 0.77 -8.30
N ILE C 194 -16.55 1.31 -7.91
CA ILE C 194 -15.68 1.99 -8.85
C ILE C 194 -14.47 1.11 -9.11
N PHE C 195 -14.10 0.97 -10.38
CA PHE C 195 -12.96 0.18 -10.79
C PHE C 195 -11.97 1.09 -11.51
N ARG C 196 -10.72 0.65 -11.51
CA ARG C 196 -9.65 1.27 -12.29
C ARG C 196 -9.10 0.22 -13.25
N MET C 197 -9.16 0.52 -14.55
CA MET C 197 -8.56 -0.34 -15.56
C MET C 197 -7.16 0.20 -15.83
N VAL C 198 -6.15 -0.55 -15.45
CA VAL C 198 -4.76 -0.15 -15.61
C VAL C 198 -4.22 -0.78 -16.89
N ASP C 199 -4.18 -0.04 -17.99
CA ASP C 199 -3.61 -0.56 -19.26
C ASP C 199 -2.08 -0.52 -19.21
N VAL C 200 -1.43 -1.68 -19.27
CA VAL C 200 0.06 -1.76 -19.21
C VAL C 200 0.63 -2.14 -20.58
N GLY C 201 -0.13 -1.98 -21.65
CA GLY C 201 0.30 -2.40 -22.99
C GLY C 201 1.51 -1.67 -23.54
N GLY C 202 1.63 -0.36 -23.33
CA GLY C 202 2.69 0.43 -23.94
C GLY C 202 3.97 0.52 -23.13
N LEU C 203 4.10 -0.28 -22.09
CA LEU C 203 5.29 -0.14 -21.21
C LEU C 203 6.57 -0.43 -22.00
N ARG C 204 6.64 -1.54 -22.72
CA ARG C 204 7.82 -1.83 -23.59
C ARG C 204 9.12 -1.96 -22.80
N SER C 205 9.05 -2.45 -21.57
CA SER C 205 10.26 -2.67 -20.74
C SER C 205 10.17 -4.05 -20.09
N GLU C 206 11.30 -4.61 -19.64
CA GLU C 206 11.33 -5.93 -19.02
C GLU C 206 10.19 -6.10 -18.05
N ARG C 207 9.30 -7.06 -18.31
CA ARG C 207 8.09 -7.24 -17.46
C ARG C 207 8.48 -7.92 -16.15
N ARG C 208 9.64 -8.56 -16.12
CA ARG C 208 10.12 -9.22 -14.88
C ARG C 208 10.43 -8.16 -13.83
N LYS C 209 10.65 -6.92 -14.24
CA LYS C 209 11.08 -5.85 -13.30
C LYS C 209 9.93 -4.95 -12.85
N TRP C 210 8.74 -5.05 -13.44
CA TRP C 210 7.61 -4.27 -12.98
C TRP C 210 6.33 -5.07 -12.84
N ILE C 211 6.37 -6.40 -12.97
CA ILE C 211 5.10 -7.19 -12.95
C ILE C 211 4.57 -7.30 -11.51
N HIS C 212 5.46 -7.37 -10.51
CA HIS C 212 5.04 -7.59 -9.11
C HIS C 212 4.31 -6.37 -8.54
N CYS C 213 4.29 -5.26 -9.28
CA CYS C 213 3.55 -4.06 -8.83
C CYS C 213 2.06 -4.41 -8.73
N PHE C 214 1.56 -5.23 -9.66
CA PHE C 214 0.11 -5.57 -9.70
C PHE C 214 -0.15 -6.95 -9.09
N GLU C 215 0.75 -7.40 -8.22
CA GLU C 215 0.62 -8.73 -7.58
C GLU C 215 -0.80 -8.87 -7.03
N ASN C 216 -1.25 -7.88 -6.27
CA ASN C 216 -2.62 -7.93 -5.69
C ASN C 216 -3.56 -7.12 -6.58
N VAL C 217 -4.35 -7.81 -7.41
CA VAL C 217 -5.37 -7.13 -8.27
C VAL C 217 -6.62 -8.03 -8.24
N THR C 218 -7.77 -7.49 -8.60
CA THR C 218 -8.95 -8.35 -8.67
C THR C 218 -8.88 -9.29 -9.86
N SER C 219 -8.62 -8.75 -11.06
CA SER C 219 -8.66 -9.53 -12.28
C SER C 219 -7.59 -9.05 -13.25
N ILE C 220 -7.07 -10.00 -14.03
CA ILE C 220 -6.18 -9.66 -15.14
C ILE C 220 -6.91 -9.88 -16.46
N MET C 221 -7.40 -8.80 -17.04
CA MET C 221 -8.15 -8.89 -18.27
C MET C 221 -7.21 -9.11 -19.46
N PHE C 222 -7.67 -9.92 -20.41
CA PHE C 222 -6.95 -10.15 -21.66
C PHE C 222 -7.87 -9.84 -22.82
N LEU C 223 -7.29 -9.44 -23.94
CA LEU C 223 -8.02 -9.18 -25.17
C LEU C 223 -7.29 -9.82 -26.34
N VAL C 224 -7.94 -10.80 -26.99
CA VAL C 224 -7.35 -11.47 -28.14
C VAL C 224 -8.40 -11.46 -29.24
N ALA C 225 -7.94 -11.44 -30.49
CA ALA C 225 -8.85 -11.39 -31.64
C ALA C 225 -9.09 -12.78 -32.21
N LEU C 226 -10.33 -13.02 -32.64
CA LEU C 226 -10.72 -14.29 -33.22
C LEU C 226 -10.30 -14.44 -34.66
N SER C 227 -10.03 -13.34 -35.36
CA SER C 227 -9.66 -13.38 -36.76
C SER C 227 -8.16 -13.53 -36.96
N GLU C 228 -7.45 -13.96 -35.94
CA GLU C 228 -5.99 -13.98 -35.92
C GLU C 228 -5.42 -15.34 -36.32
N TYR C 229 -6.27 -16.32 -36.62
CA TYR C 229 -5.77 -17.68 -36.81
C TYR C 229 -4.99 -17.83 -38.12
N ASP C 230 -5.40 -17.10 -39.17
CA ASP C 230 -4.73 -17.24 -40.44
C ASP C 230 -3.55 -16.28 -40.58
N GLN C 231 -3.61 -15.15 -39.86
CA GLN C 231 -2.57 -14.11 -39.99
C GLN C 231 -1.20 -14.60 -39.54
N VAL C 232 -0.20 -14.56 -40.43
CA VAL C 232 1.19 -14.89 -40.04
C VAL C 232 2.00 -13.60 -40.26
N LEU C 233 2.69 -13.09 -39.25
CA LEU C 233 3.37 -11.76 -39.43
C LEU C 233 4.72 -11.93 -40.14
N VAL C 234 5.07 -10.97 -40.99
CA VAL C 234 6.34 -11.04 -41.78
C VAL C 234 7.54 -11.00 -40.82
N GLU C 235 7.47 -10.19 -39.76
CA GLU C 235 8.63 -10.03 -38.84
C GLU C 235 8.97 -11.39 -38.20
N SER C 236 7.95 -12.18 -37.88
CA SER C 236 8.22 -13.55 -37.39
C SER C 236 8.61 -14.39 -38.62
N ASP C 237 9.40 -15.46 -38.40
CA ASP C 237 9.71 -16.40 -39.50
C ASP C 237 8.56 -17.41 -39.57
N ASN C 238 7.48 -17.08 -40.26
CA ASN C 238 6.33 -18.02 -40.44
C ASN C 238 5.75 -18.47 -39.09
N GLU C 239 5.57 -17.55 -38.15
CA GLU C 239 4.91 -17.90 -36.85
C GLU C 239 3.46 -17.42 -36.85
N ASN C 240 2.52 -18.28 -36.44
CA ASN C 240 1.09 -17.89 -36.39
C ASN C 240 0.92 -16.88 -35.26
N ARG C 241 0.08 -15.87 -35.45
CA ARG C 241 -0.12 -14.87 -34.40
C ARG C 241 -0.95 -15.43 -33.25
N MET C 242 -1.89 -16.32 -33.54
CA MET C 242 -2.70 -16.91 -32.47
C MET C 242 -1.86 -17.77 -31.54
N GLU C 243 -0.87 -18.46 -32.10
CA GLU C 243 0.02 -19.29 -31.26
C GLU C 243 0.86 -18.35 -30.40
N GLU C 244 1.16 -17.15 -30.92
CA GLU C 244 1.90 -16.14 -30.12
C GLU C 244 1.03 -15.63 -28.97
N SER C 245 -0.25 -15.39 -29.22
CA SER C 245 -1.18 -14.91 -28.16
C SER C 245 -1.41 -16.02 -27.13
N LYS C 246 -1.46 -17.29 -27.57
CA LYS C 246 -1.61 -18.40 -26.65
C LYS C 246 -0.40 -18.54 -25.73
N ALA C 247 0.80 -18.37 -26.27
CA ALA C 247 1.98 -18.42 -25.43
C ALA C 247 1.98 -17.31 -24.39
N LEU C 248 1.58 -16.09 -24.79
CA LEU C 248 1.51 -14.99 -23.84
C LEU C 248 0.47 -15.26 -22.75
N PHE C 249 -0.70 -15.75 -23.14
CA PHE C 249 -1.74 -16.07 -22.17
C PHE C 249 -1.26 -17.09 -21.16
N ARG C 250 -0.66 -18.19 -21.64
CA ARG C 250 -0.17 -19.21 -20.72
C ARG C 250 0.90 -18.63 -19.80
N THR C 251 1.81 -17.84 -20.34
CA THR C 251 2.90 -17.29 -19.52
C THR C 251 2.37 -16.39 -18.43
N ILE C 252 1.42 -15.52 -18.76
CA ILE C 252 0.87 -14.62 -17.74
C ILE C 252 0.11 -15.39 -16.68
N ILE C 253 -0.81 -16.27 -17.10
CA ILE C 253 -1.65 -16.92 -16.09
C ILE C 253 -0.84 -17.87 -15.23
N THR C 254 0.32 -18.30 -15.72
CA THR C 254 1.17 -19.15 -14.89
C THR C 254 1.96 -18.35 -13.85
N TYR C 255 1.89 -17.00 -13.91
CA TYR C 255 2.62 -16.16 -12.96
C TYR C 255 2.18 -16.42 -11.52
N PRO C 256 3.12 -16.64 -10.60
CA PRO C 256 2.75 -16.77 -9.19
C PRO C 256 2.20 -15.50 -8.57
N TRP C 257 2.44 -14.33 -9.17
CA TRP C 257 1.88 -13.10 -8.60
C TRP C 257 0.37 -13.09 -8.69
N PHE C 258 -0.18 -13.66 -9.75
CA PHE C 258 -1.61 -13.60 -10.01
C PHE C 258 -2.34 -14.85 -9.57
N GLN C 259 -1.75 -15.61 -8.65
CA GLN C 259 -2.36 -16.89 -8.20
C GLN C 259 -3.72 -16.62 -7.54
N ASN C 260 -3.90 -15.44 -6.94
CA ASN C 260 -5.17 -15.10 -6.24
C ASN C 260 -6.02 -14.19 -7.13
N SER C 261 -5.60 -13.97 -8.38
CA SER C 261 -6.33 -13.02 -9.25
C SER C 261 -7.13 -13.76 -10.33
N SER C 262 -8.38 -13.34 -10.56
CA SER C 262 -9.20 -13.90 -11.62
C SER C 262 -8.57 -13.63 -12.98
N VAL C 263 -8.91 -14.46 -13.94
CA VAL C 263 -8.52 -14.25 -15.34
C VAL C 263 -9.78 -14.05 -16.14
N ILE C 264 -9.89 -12.91 -16.81
CA ILE C 264 -10.97 -12.61 -17.72
C ILE C 264 -10.40 -12.59 -19.12
N LEU C 265 -11.06 -13.26 -20.07
CA LEU C 265 -10.59 -13.29 -21.47
C LEU C 265 -11.69 -12.72 -22.37
N PHE C 266 -11.33 -11.79 -23.24
CA PHE C 266 -12.31 -11.23 -24.20
C PHE C 266 -11.85 -11.69 -25.58
N LEU C 267 -12.76 -12.26 -26.37
CA LEU C 267 -12.40 -12.65 -27.76
C LEU C 267 -13.01 -11.61 -28.68
N ASN C 268 -12.17 -10.96 -29.49
CA ASN C 268 -12.64 -9.80 -30.29
C ASN C 268 -12.71 -10.14 -31.78
N LYS C 269 -13.17 -9.18 -32.60
CA LYS C 269 -13.25 -9.33 -34.07
C LYS C 269 -14.21 -10.47 -34.41
N LYS C 270 -15.35 -10.51 -33.72
CA LYS C 270 -16.37 -11.57 -33.95
C LYS C 270 -16.89 -11.46 -35.38
N ASP C 271 -17.13 -10.25 -35.86
CA ASP C 271 -17.67 -10.06 -37.24
C ASP C 271 -16.61 -10.46 -38.25
N LEU C 272 -15.37 -10.05 -38.06
CA LEU C 272 -14.32 -10.36 -39.03
C LEU C 272 -14.16 -11.86 -39.19
N LEU C 273 -14.42 -12.65 -38.14
CA LEU C 273 -14.35 -14.14 -38.24
C LEU C 273 -15.51 -14.64 -39.11
N GLU C 274 -16.69 -14.04 -38.98
CA GLU C 274 -17.88 -14.50 -39.73
C GLU C 274 -17.60 -14.43 -41.22
N GLU C 275 -16.89 -13.39 -41.66
CA GLU C 275 -16.50 -13.27 -43.08
C GLU C 275 -15.26 -14.11 -43.35
N LYS C 276 -14.26 -14.03 -42.46
CA LYS C 276 -12.99 -14.75 -42.76
C LYS C 276 -13.18 -16.26 -42.88
N ILE C 277 -14.03 -16.87 -42.06
CA ILE C 277 -14.17 -18.37 -42.03
C ILE C 277 -14.58 -18.90 -43.41
N MET C 278 -15.41 -18.16 -44.15
CA MET C 278 -15.92 -18.70 -45.44
C MET C 278 -14.75 -18.97 -46.40
N TYR C 279 -13.77 -18.07 -46.49
CA TYR C 279 -12.65 -18.26 -47.45
C TYR C 279 -11.42 -18.92 -46.81
N SER C 280 -11.36 -18.98 -45.48
CA SER C 280 -10.16 -19.53 -44.79
C SER C 280 -10.56 -20.70 -43.88
N HIS C 281 -9.89 -21.85 -44.03
CA HIS C 281 -10.26 -23.04 -43.24
C HIS C 281 -9.34 -23.15 -42.02
N LEU C 282 -9.92 -23.20 -40.82
CA LEU C 282 -9.10 -23.23 -39.58
C LEU C 282 -8.28 -24.52 -39.54
N VAL C 283 -8.81 -25.60 -40.12
CA VAL C 283 -8.11 -26.92 -40.07
C VAL C 283 -6.71 -26.79 -40.68
N ASP C 284 -6.56 -25.95 -41.70
CA ASP C 284 -5.24 -25.78 -42.39
C ASP C 284 -4.20 -25.28 -41.38
N TYR C 285 -4.58 -24.36 -40.50
CA TYR C 285 -3.61 -23.74 -39.55
C TYR C 285 -3.51 -24.57 -38.26
N PHE C 286 -4.64 -25.12 -37.79
CA PHE C 286 -4.64 -25.96 -36.60
C PHE C 286 -5.15 -27.34 -36.96
N PRO C 287 -4.34 -28.44 -36.92
CA PRO C 287 -4.81 -29.75 -37.36
C PRO C 287 -5.91 -30.38 -36.49
N GLU C 288 -5.97 -30.02 -35.20
CA GLU C 288 -6.94 -30.63 -34.26
C GLU C 288 -8.37 -30.31 -34.69
N TYR C 289 -8.62 -29.10 -35.19
CA TYR C 289 -10.00 -28.70 -35.54
C TYR C 289 -10.66 -29.73 -36.44
N ASP C 290 -11.81 -30.28 -36.01
CA ASP C 290 -12.60 -31.20 -36.83
C ASP C 290 -14.06 -30.76 -36.67
N GLY C 291 -14.52 -29.93 -37.60
CA GLY C 291 -15.86 -29.41 -37.54
C GLY C 291 -16.44 -29.26 -38.92
N PRO C 292 -17.50 -28.45 -39.03
CA PRO C 292 -18.17 -28.29 -40.34
C PRO C 292 -17.26 -27.73 -41.42
N GLN C 293 -16.19 -27.04 -41.05
CA GLN C 293 -15.20 -26.41 -41.92
C GLN C 293 -15.74 -25.16 -42.61
N ARG C 294 -17.00 -24.80 -42.39
CA ARG C 294 -17.52 -23.52 -42.89
C ARG C 294 -18.38 -22.83 -41.85
N ASP C 295 -18.23 -23.17 -40.58
CA ASP C 295 -19.09 -22.68 -39.50
C ASP C 295 -18.27 -21.79 -38.59
N ALA C 296 -18.74 -20.55 -38.38
CA ALA C 296 -18.03 -19.61 -37.50
C ALA C 296 -18.30 -19.98 -36.03
N GLN C 297 -19.50 -20.51 -35.76
CA GLN C 297 -19.86 -20.91 -34.37
C GLN C 297 -18.90 -22.00 -33.89
N ALA C 298 -18.59 -22.97 -34.75
CA ALA C 298 -17.70 -24.09 -34.36
C ALA C 298 -16.27 -23.59 -34.17
N ALA C 299 -15.82 -22.69 -35.05
CA ALA C 299 -14.48 -22.12 -34.93
C ALA C 299 -14.33 -21.31 -33.66
N ARG C 300 -15.34 -20.50 -33.31
CA ARG C 300 -15.27 -19.74 -32.08
C ARG C 300 -15.14 -20.67 -30.89
N GLU C 301 -15.95 -21.72 -30.84
CA GLU C 301 -15.89 -22.59 -29.68
C GLU C 301 -14.56 -23.36 -29.64
N PHE C 302 -14.01 -23.73 -30.80
CA PHE C 302 -12.71 -24.39 -30.80
C PHE C 302 -11.63 -23.45 -30.29
N ILE C 303 -11.66 -22.19 -30.71
CA ILE C 303 -10.63 -21.24 -30.29
C ILE C 303 -10.72 -20.99 -28.79
N LEU C 304 -11.93 -20.76 -28.29
CA LEU C 304 -12.10 -20.57 -26.87
C LEU C 304 -11.66 -21.81 -26.11
N LYS C 305 -11.92 -23.00 -26.65
CA LYS C 305 -11.45 -24.20 -25.99
C LYS C 305 -9.93 -24.26 -25.95
N MET C 306 -9.27 -23.89 -27.04
CA MET C 306 -7.81 -23.89 -27.04
C MET C 306 -7.27 -22.97 -25.97
N PHE C 307 -7.89 -21.79 -25.82
CA PHE C 307 -7.39 -20.84 -24.83
C PHE C 307 -7.65 -21.32 -23.41
N VAL C 308 -8.87 -21.78 -23.13
CA VAL C 308 -9.22 -22.20 -21.78
C VAL C 308 -8.44 -23.45 -21.35
N ASP C 309 -8.05 -24.29 -22.31
CA ASP C 309 -7.31 -25.49 -21.95
C ASP C 309 -5.95 -25.19 -21.33
N LEU C 310 -5.44 -23.97 -21.49
CA LEU C 310 -4.12 -23.61 -20.98
C LEU C 310 -4.11 -23.40 -19.47
N ASN C 311 -5.26 -23.38 -18.83
CA ASN C 311 -5.33 -23.11 -17.40
C ASN C 311 -4.59 -24.19 -16.63
N PRO C 312 -3.61 -23.83 -15.80
CA PRO C 312 -2.79 -24.83 -15.12
C PRO C 312 -3.32 -25.25 -13.76
N ASP C 313 -4.54 -24.82 -13.41
CA ASP C 313 -5.08 -25.08 -12.08
C ASP C 313 -6.23 -26.08 -12.11
N SER C 314 -7.20 -25.89 -13.00
CA SER C 314 -8.43 -26.66 -13.16
C SER C 314 -9.43 -26.38 -12.06
N ASP C 315 -9.11 -25.51 -11.10
CA ASP C 315 -10.03 -25.10 -10.07
C ASP C 315 -10.45 -23.66 -10.24
N LYS C 316 -9.68 -22.87 -11.00
CA LYS C 316 -9.94 -21.45 -11.21
C LYS C 316 -10.73 -21.26 -12.49
N ILE C 317 -11.78 -20.48 -12.42
CA ILE C 317 -12.58 -20.15 -13.59
C ILE C 317 -11.81 -19.18 -14.47
N ILE C 318 -12.02 -19.27 -15.78
CA ILE C 318 -11.53 -18.30 -16.74
C ILE C 318 -12.74 -17.73 -17.46
N TYR C 319 -13.16 -16.55 -17.04
CA TYR C 319 -14.36 -15.95 -17.60
C TYR C 319 -14.11 -15.55 -19.05
N SER C 320 -15.17 -15.56 -19.85
CA SER C 320 -15.04 -15.38 -21.28
C SER C 320 -16.20 -14.56 -21.81
N HIS C 321 -15.97 -13.91 -22.95
CA HIS C 321 -17.04 -13.14 -23.61
C HIS C 321 -16.65 -12.99 -25.08
N PHE C 322 -17.63 -12.91 -25.98
CA PHE C 322 -17.35 -12.65 -27.41
C PHE C 322 -17.74 -11.21 -27.69
N THR C 323 -16.78 -10.34 -28.00
CA THR C 323 -17.07 -8.88 -28.17
C THR C 323 -16.99 -8.50 -29.64
N CYS C 324 -17.98 -7.76 -30.14
CA CYS C 324 -18.04 -7.49 -31.60
C CYS C 324 -17.58 -6.08 -31.98
N ALA C 325 -17.01 -5.30 -31.06
CA ALA C 325 -16.60 -3.89 -31.33
C ALA C 325 -17.81 -2.96 -31.35
N THR C 326 -19.03 -3.50 -31.29
CA THR C 326 -20.25 -2.65 -31.18
C THR C 326 -20.97 -3.10 -29.90
N ASP C 327 -20.29 -3.89 -29.07
CA ASP C 327 -20.92 -4.46 -27.86
C ASP C 327 -21.27 -3.33 -26.89
N THR C 328 -22.42 -3.40 -26.22
CA THR C 328 -22.77 -2.40 -25.18
C THR C 328 -22.90 -3.13 -23.84
N GLU C 329 -22.37 -4.34 -23.74
CA GLU C 329 -22.45 -5.15 -22.50
C GLU C 329 -21.06 -5.48 -21.94
N ASN C 330 -20.02 -4.79 -22.38
CA ASN C 330 -18.65 -5.17 -21.95
C ASN C 330 -18.43 -4.75 -20.50
N ILE C 331 -19.09 -3.69 -20.05
CA ILE C 331 -18.99 -3.18 -18.65
C ILE C 331 -19.79 -4.09 -17.72
N ARG C 332 -20.98 -4.51 -18.15
CA ARG C 332 -21.83 -5.40 -17.32
C ARG C 332 -21.11 -6.73 -17.13
N PHE C 333 -20.49 -7.25 -18.19
CA PHE C 333 -19.80 -8.54 -18.08
C PHE C 333 -18.65 -8.39 -17.09
N VAL C 334 -17.90 -7.28 -17.16
CA VAL C 334 -16.73 -7.07 -16.27
C VAL C 334 -17.24 -7.01 -14.82
N PHE C 335 -18.38 -6.36 -14.57
CA PHE C 335 -18.96 -6.32 -13.21
C PHE C 335 -19.36 -7.72 -12.73
N ALA C 336 -20.06 -8.50 -13.56
CA ALA C 336 -20.57 -9.84 -13.19
C ALA C 336 -19.38 -10.78 -13.00
N ALA C 337 -18.33 -10.64 -13.80
CA ALA C 337 -17.15 -11.46 -13.56
C ALA C 337 -16.44 -11.05 -12.28
N VAL C 338 -16.42 -9.76 -11.96
CA VAL C 338 -15.79 -9.32 -10.72
C VAL C 338 -16.61 -9.70 -9.50
N LYS C 339 -17.94 -9.59 -9.60
CA LYS C 339 -18.80 -10.03 -8.51
C LYS C 339 -18.63 -11.52 -8.24
N ASP C 340 -18.47 -12.32 -9.29
CA ASP C 340 -18.30 -13.75 -9.07
C ASP C 340 -16.89 -14.08 -8.59
N THR C 341 -15.90 -13.29 -8.97
CA THR C 341 -14.57 -13.43 -8.38
C THR C 341 -14.62 -13.21 -6.88
N ILE C 342 -15.31 -12.15 -6.45
CA ILE C 342 -15.41 -11.84 -5.04
C ILE C 342 -16.19 -12.92 -4.31
N LEU C 343 -17.29 -13.38 -4.92
CA LEU C 343 -18.12 -14.44 -4.29
C LEU C 343 -17.26 -15.67 -4.01
N GLN C 344 -16.50 -16.14 -5.00
CA GLN C 344 -15.66 -17.35 -4.83
C GLN C 344 -14.57 -17.11 -3.77
N LEU C 345 -13.96 -15.93 -3.75
CA LEU C 345 -12.93 -15.61 -2.72
C LEU C 345 -13.59 -15.70 -1.34
N ASN C 346 -14.78 -15.13 -1.18
CA ASN C 346 -15.50 -15.23 0.08
C ASN C 346 -15.75 -16.68 0.45
N LEU C 347 -16.27 -17.47 -0.48
CA LEU C 347 -16.50 -18.88 -0.19
C LEU C 347 -15.22 -19.57 0.26
N LYS C 348 -14.09 -19.22 -0.34
CA LYS C 348 -12.84 -19.85 0.07
C LYS C 348 -12.43 -19.43 1.47
N GLU C 349 -12.67 -18.16 1.84
CA GLU C 349 -12.22 -17.69 3.15
C GLU C 349 -13.13 -18.17 4.28
N TYR C 350 -14.42 -18.37 4.00
CA TYR C 350 -15.34 -18.93 4.98
C TYR C 350 -15.31 -20.45 5.03
N ASN C 351 -14.34 -21.08 4.35
CA ASN C 351 -14.15 -22.53 4.38
C ASN C 351 -15.36 -23.30 3.89
N LEU C 352 -16.25 -22.63 3.14
CA LEU C 352 -17.39 -23.33 2.56
C LEU C 352 -16.99 -24.12 1.31
N VAL C 353 -16.15 -23.54 0.46
CA VAL C 353 -15.59 -24.27 -0.67
C VAL C 353 -14.19 -24.72 -0.31
N GLU D 17 32.86 -2.76 -42.38
CA GLU D 17 32.44 -4.16 -42.47
C GLU D 17 32.06 -4.69 -41.11
N LEU D 18 30.85 -5.25 -41.00
CA LEU D 18 30.37 -5.75 -39.72
C LEU D 18 31.23 -6.89 -39.21
N ASP D 19 31.74 -7.70 -40.14
CA ASP D 19 32.64 -8.83 -39.75
C ASP D 19 33.90 -8.27 -39.08
N GLN D 20 34.55 -7.30 -39.73
CA GLN D 20 35.80 -6.72 -39.17
C GLN D 20 35.49 -6.06 -37.83
N LEU D 21 34.34 -5.38 -37.72
CA LEU D 21 33.94 -4.70 -36.47
C LEU D 21 33.78 -5.72 -35.34
N ARG D 22 33.00 -6.78 -35.57
CA ARG D 22 32.74 -7.77 -34.48
C ARG D 22 34.05 -8.46 -34.10
N GLN D 23 34.93 -8.72 -35.07
CA GLN D 23 36.26 -9.31 -34.77
C GLN D 23 37.08 -8.33 -33.94
N GLU D 24 37.03 -7.03 -34.29
CA GLU D 24 37.81 -6.01 -33.54
C GLU D 24 37.27 -5.93 -32.12
N ALA D 25 35.95 -5.93 -31.95
CA ALA D 25 35.37 -5.90 -30.62
C ALA D 25 35.80 -7.09 -29.80
N GLU D 26 35.83 -8.28 -30.41
CA GLU D 26 36.31 -9.46 -29.71
C GLU D 26 37.78 -9.33 -29.34
N GLN D 27 38.60 -8.76 -30.24
CA GLN D 27 40.01 -8.58 -29.95
C GLN D 27 40.23 -7.59 -28.81
N LEU D 28 39.46 -6.50 -28.80
CA LEU D 28 39.58 -5.54 -27.71
C LEU D 28 39.14 -6.14 -26.39
N LYS D 29 38.07 -6.94 -26.41
CA LYS D 29 37.60 -7.62 -25.18
C LYS D 29 38.70 -8.57 -24.70
N ASN D 30 39.37 -9.25 -25.63
CA ASN D 30 40.48 -10.17 -25.28
C ASN D 30 41.62 -9.37 -24.63
N GLN D 31 41.93 -8.20 -25.19
CA GLN D 31 43.01 -7.34 -24.64
C GLN D 31 42.61 -6.90 -23.22
N ILE D 32 41.36 -6.48 -23.05
CA ILE D 32 40.91 -6.00 -21.74
C ILE D 32 41.01 -7.10 -20.70
N ARG D 33 40.59 -8.32 -21.06
CA ARG D 33 40.65 -9.42 -20.12
C ARG D 33 42.10 -9.77 -19.77
N ASP D 34 42.99 -9.71 -20.77
CA ASP D 34 44.40 -9.95 -20.51
C ASP D 34 44.99 -8.88 -19.59
N ALA D 35 44.60 -7.61 -19.80
CA ALA D 35 45.09 -6.55 -18.95
C ALA D 35 44.62 -6.72 -17.52
N ARG D 36 43.36 -7.08 -17.33
CA ARG D 36 42.87 -7.34 -15.98
C ARG D 36 43.58 -8.52 -15.35
N LYS D 37 43.82 -9.58 -16.12
CA LYS D 37 44.51 -10.75 -15.59
C LYS D 37 45.93 -10.40 -15.16
N ALA D 38 46.63 -9.59 -15.94
CA ALA D 38 48.01 -9.24 -15.60
C ALA D 38 48.08 -8.51 -14.27
N CYS D 39 47.14 -7.60 -14.03
CA CYS D 39 47.08 -6.83 -12.79
C CYS D 39 46.18 -7.53 -11.76
N ALA D 40 46.56 -8.76 -11.41
CA ALA D 40 45.95 -9.48 -10.31
C ALA D 40 47.05 -10.22 -9.54
N ASP D 41 47.65 -9.53 -8.57
CA ASP D 41 48.74 -10.14 -7.80
C ASP D 41 48.20 -11.15 -6.80
N ALA D 42 47.10 -10.82 -6.14
CA ALA D 42 46.55 -11.68 -5.10
C ALA D 42 45.06 -11.37 -4.94
N THR D 43 44.37 -12.29 -4.31
CA THR D 43 42.96 -12.08 -4.02
C THR D 43 42.80 -11.24 -2.76
N LEU D 44 41.64 -10.58 -2.65
CA LEU D 44 41.37 -9.81 -1.44
C LEU D 44 41.27 -10.72 -0.23
N SER D 45 40.73 -11.93 -0.40
CA SER D 45 40.59 -12.85 0.71
C SER D 45 41.95 -13.40 1.15
N GLN D 46 42.95 -13.36 0.27
CA GLN D 46 44.29 -13.79 0.68
C GLN D 46 44.97 -12.74 1.54
N ILE D 47 44.76 -11.46 1.21
CA ILE D 47 45.35 -10.38 1.99
C ILE D 47 44.68 -10.24 3.36
N THR D 48 43.36 -10.34 3.43
CA THR D 48 42.64 -10.24 4.69
C THR D 48 42.47 -11.59 5.37
N ASN D 49 43.33 -12.56 5.08
CA ASN D 49 43.26 -13.84 5.77
C ASN D 49 43.67 -13.70 7.23
N ASN D 50 44.68 -12.88 7.50
CA ASN D 50 45.15 -12.64 8.86
C ASN D 50 44.55 -11.33 9.40
N ILE D 51 43.23 -11.34 9.56
CA ILE D 51 42.51 -10.25 10.19
C ILE D 51 41.48 -10.85 11.13
N ASP D 52 41.15 -10.12 12.20
CA ASP D 52 40.25 -10.65 13.21
C ASP D 52 38.80 -10.54 12.75
N PRO D 53 38.02 -11.62 12.84
CA PRO D 53 36.62 -11.56 12.41
C PRO D 53 35.82 -10.55 13.22
N VAL D 54 34.79 -10.00 12.56
CA VAL D 54 33.90 -9.06 13.24
C VAL D 54 33.28 -9.69 14.48
N GLY D 55 32.83 -10.93 14.37
CA GLY D 55 32.05 -11.54 15.40
C GLY D 55 30.57 -11.41 15.13
N ARG D 56 29.77 -12.01 15.99
CA ARG D 56 28.33 -12.01 15.79
C ARG D 56 27.79 -10.58 15.92
N ILE D 57 26.93 -10.20 14.99
CA ILE D 57 26.29 -8.89 15.00
C ILE D 57 24.85 -9.09 15.43
N GLN D 58 24.49 -8.55 16.59
CA GLN D 58 23.10 -8.70 17.10
C GLN D 58 22.43 -7.33 17.13
N MET D 59 21.37 -7.14 16.35
CA MET D 59 20.75 -5.81 16.29
C MET D 59 19.27 -5.94 16.60
N ARG D 60 18.67 -4.91 17.18
CA ARG D 60 17.26 -5.03 17.63
C ARG D 60 16.46 -3.86 17.12
N THR D 61 15.19 -4.09 16.85
CA THR D 61 14.31 -3.02 16.36
C THR D 61 14.16 -1.97 17.48
N ARG D 62 14.67 -0.74 17.30
CA ARG D 62 14.46 0.23 18.38
C ARG D 62 13.19 1.00 18.05
N ARG D 63 12.78 0.98 16.78
CA ARG D 63 11.52 1.67 16.40
C ARG D 63 10.80 0.88 15.32
N THR D 64 9.53 1.16 15.09
CA THR D 64 8.75 0.51 14.00
C THR D 64 7.82 1.57 13.44
N LEU D 65 7.97 1.90 12.17
CA LEU D 65 7.19 3.02 11.59
C LEU D 65 5.99 2.47 10.83
N ARG D 66 4.79 2.69 11.35
CA ARG D 66 3.57 2.18 10.78
C ARG D 66 2.76 3.32 10.19
N GLY D 67 2.03 3.04 9.10
CA GLY D 67 1.16 4.08 8.52
C GLY D 67 0.94 3.83 7.04
N HIS D 68 1.95 3.30 6.36
CA HIS D 68 1.78 2.92 4.94
C HIS D 68 0.79 1.76 4.86
N LEU D 69 -0.10 1.77 3.87
CA LEU D 69 -1.14 0.71 3.78
C LEU D 69 -0.87 -0.23 2.61
N ALA D 70 0.21 0.01 1.86
CA ALA D 70 0.57 -0.89 0.78
C ALA D 70 2.04 -1.28 0.90
N LYS D 71 2.57 -1.91 -0.14
CA LYS D 71 4.00 -2.32 -0.14
C LYS D 71 4.89 -1.09 -0.19
N ILE D 72 5.96 -1.08 0.61
CA ILE D 72 6.92 0.05 0.60
C ILE D 72 8.05 -0.34 -0.35
N TYR D 73 8.30 0.49 -1.36
CA TYR D 73 9.29 0.15 -2.41
C TYR D 73 10.59 0.88 -2.17
N ALA D 74 10.51 2.13 -1.70
CA ALA D 74 11.74 2.92 -1.53
C ALA D 74 11.79 3.73 -0.24
N MET D 75 12.99 3.91 0.31
CA MET D 75 13.21 4.73 1.53
C MET D 75 14.49 5.53 1.30
N HIS D 76 14.61 6.72 1.88
CA HIS D 76 15.89 7.46 1.82
C HIS D 76 16.10 8.22 3.13
N TRP D 77 17.24 7.99 3.80
CA TRP D 77 17.55 8.74 5.04
C TRP D 77 17.94 10.19 4.71
N GLY D 78 17.77 11.11 5.67
CA GLY D 78 18.19 12.51 5.47
C GLY D 78 19.62 12.71 5.95
N THR D 79 20.25 13.83 5.58
CA THR D 79 21.62 14.10 5.99
C THR D 79 21.72 14.41 7.48
N ASP D 80 20.67 15.01 8.04
CA ASP D 80 20.63 15.25 9.48
C ASP D 80 20.72 13.95 10.26
N SER D 81 20.36 12.83 9.65
CA SER D 81 20.41 11.48 10.18
C SER D 81 19.32 11.24 11.21
N ARG D 82 18.25 12.00 11.17
CA ARG D 82 17.07 11.81 12.00
C ARG D 82 15.79 11.71 11.20
N LEU D 83 15.65 12.47 10.12
CA LEU D 83 14.47 12.43 9.27
C LEU D 83 14.69 11.43 8.15
N LEU D 84 13.63 10.71 7.77
CA LEU D 84 13.70 9.84 6.61
C LEU D 84 12.40 9.90 5.82
N VAL D 85 12.49 9.65 4.53
CA VAL D 85 11.31 9.62 3.68
C VAL D 85 11.12 8.20 3.19
N SER D 86 9.88 7.83 2.93
CA SER D 86 9.58 6.52 2.39
C SER D 86 8.40 6.61 1.44
N ALA D 87 8.41 5.75 0.42
CA ALA D 87 7.42 5.77 -0.64
C ALA D 87 6.65 4.45 -0.69
N SER D 88 5.36 4.53 -0.93
CA SER D 88 4.58 3.32 -0.95
C SER D 88 3.54 3.38 -2.06
N GLN D 89 3.04 2.20 -2.44
CA GLN D 89 2.15 2.05 -3.57
C GLN D 89 0.72 2.52 -3.29
N ASP D 90 0.37 2.83 -2.04
CA ASP D 90 -0.89 3.51 -1.78
C ASP D 90 -0.91 4.97 -2.21
N GLY D 91 0.13 5.43 -2.89
CA GLY D 91 0.18 6.80 -3.36
C GLY D 91 0.65 7.80 -2.34
N LYS D 92 1.44 7.35 -1.37
CA LYS D 92 1.82 8.27 -0.26
C LYS D 92 3.33 8.34 -0.06
N LEU D 93 3.88 9.54 0.03
CA LEU D 93 5.32 9.73 0.35
C LEU D 93 5.32 10.25 1.78
N ILE D 94 5.97 9.56 2.73
CA ILE D 94 5.86 10.01 4.15
C ILE D 94 7.21 10.38 4.74
N ILE D 95 7.34 11.62 5.24
CA ILE D 95 8.59 12.05 5.96
C ILE D 95 8.36 11.75 7.45
N TRP D 96 9.27 11.06 8.10
CA TRP D 96 9.07 10.63 9.51
C TRP D 96 10.22 11.10 10.39
N ASP D 97 9.93 11.34 11.67
CA ASP D 97 11.00 11.65 12.65
C ASP D 97 11.39 10.29 13.23
N SER D 98 12.65 9.89 13.10
CA SER D 98 13.04 8.57 13.55
C SER D 98 13.02 8.46 15.07
N TYR D 99 13.48 9.50 15.76
CA TYR D 99 13.62 9.44 17.21
C TYR D 99 12.27 9.25 17.89
N THR D 100 11.27 9.99 17.45
CA THR D 100 9.97 9.98 18.15
C THR D 100 8.88 9.22 17.38
N THR D 101 9.19 8.62 16.23
CA THR D 101 8.20 7.88 15.40
C THR D 101 7.12 8.84 14.89
N ASN D 102 7.34 10.14 15.02
CA ASN D 102 6.30 11.12 14.62
C ASN D 102 6.31 11.33 13.10
N LYS D 103 5.15 11.57 12.50
CA LYS D 103 5.08 11.84 11.05
C LYS D 103 5.16 13.34 10.82
N VAL D 104 6.27 13.83 10.25
CA VAL D 104 6.47 15.29 10.03
C VAL D 104 5.58 15.76 8.88
N HIS D 105 5.44 14.96 7.82
CA HIS D 105 4.62 15.33 6.63
C HIS D 105 4.09 14.09 5.92
N ALA D 106 3.01 14.22 5.15
CA ALA D 106 2.52 13.09 4.31
C ALA D 106 2.15 13.67 2.94
N ILE D 107 2.88 13.33 1.88
CA ILE D 107 2.69 13.91 0.52
C ILE D 107 1.87 12.96 -0.36
N PRO D 108 0.73 13.40 -0.93
CA PRO D 108 -0.03 12.55 -1.86
C PRO D 108 0.58 12.61 -3.27
N LEU D 109 0.91 11.44 -3.84
CA LEU D 109 1.49 11.40 -5.18
C LEU D 109 0.41 11.29 -6.24
N ARG D 110 0.70 11.82 -7.43
CA ARG D 110 -0.26 11.76 -8.53
C ARG D 110 -0.35 10.37 -9.12
N SER D 111 0.79 9.71 -9.28
CA SER D 111 0.86 8.33 -9.78
C SER D 111 1.20 7.42 -8.61
N SER D 112 0.32 6.47 -8.33
CA SER D 112 0.57 5.57 -7.22
C SER D 112 1.69 4.59 -7.48
N TRP D 113 2.12 4.45 -8.73
CA TRP D 113 3.11 3.45 -9.10
C TRP D 113 4.49 4.06 -8.98
N VAL D 114 5.06 4.05 -7.78
CA VAL D 114 6.34 4.68 -7.50
C VAL D 114 7.34 3.62 -7.10
N MET D 115 8.56 3.75 -7.62
CA MET D 115 9.58 2.75 -7.42
C MET D 115 10.85 3.30 -6.77
N THR D 116 10.98 4.62 -6.64
CA THR D 116 12.19 5.23 -6.12
C THR D 116 11.84 6.46 -5.29
N CYS D 117 12.78 6.85 -4.43
CA CYS D 117 12.59 7.93 -3.48
C CYS D 117 13.94 8.54 -3.15
N ALA D 118 13.97 9.87 -3.03
CA ALA D 118 15.21 10.56 -2.69
C ALA D 118 14.91 11.79 -1.84
N TYR D 119 15.89 12.13 -1.00
CA TYR D 119 15.82 13.25 -0.07
C TYR D 119 16.98 14.18 -0.38
N ALA D 120 16.68 15.48 -0.53
CA ALA D 120 17.72 16.43 -0.92
C ALA D 120 18.78 16.55 0.17
N PRO D 121 20.06 16.66 -0.19
CA PRO D 121 21.09 16.77 0.86
C PRO D 121 20.93 18.00 1.73
N SER D 122 20.42 19.10 1.18
CA SER D 122 20.09 20.26 2.02
C SER D 122 18.97 19.92 2.98
N GLY D 123 17.94 19.24 2.50
CA GLY D 123 16.76 18.96 3.27
C GLY D 123 15.51 19.68 2.82
N ASN D 124 15.59 20.47 1.76
CA ASN D 124 14.45 21.26 1.33
C ASN D 124 13.52 20.49 0.42
N TYR D 125 13.98 19.41 -0.20
CA TYR D 125 13.34 18.82 -1.37
C TYR D 125 13.30 17.31 -1.23
N VAL D 126 12.24 16.71 -1.78
CA VAL D 126 12.20 15.27 -2.01
C VAL D 126 11.85 15.01 -3.48
N ALA D 127 12.29 13.87 -3.98
CA ALA D 127 12.01 13.45 -5.35
C ALA D 127 11.40 12.05 -5.36
N CYS D 128 10.38 11.86 -6.20
CA CYS D 128 9.77 10.54 -6.37
C CYS D 128 9.50 10.27 -7.84
N GLY D 129 9.64 9.01 -8.25
CA GLY D 129 9.29 8.62 -9.60
C GLY D 129 8.93 7.15 -9.69
N GLY D 130 8.31 6.79 -10.81
CA GLY D 130 7.90 5.41 -10.99
C GLY D 130 7.51 5.02 -12.40
N LEU D 131 6.42 4.25 -12.53
CA LEU D 131 5.98 3.77 -13.84
C LEU D 131 5.33 4.85 -14.69
N ASP D 132 5.20 6.07 -14.18
CA ASP D 132 4.66 7.15 -14.99
C ASP D 132 5.71 7.84 -15.85
N ASN D 133 6.99 7.49 -15.69
CA ASN D 133 8.14 8.00 -16.43
C ASN D 133 8.49 9.45 -16.09
N ILE D 134 8.02 9.99 -14.97
CA ILE D 134 8.28 11.37 -14.58
C ILE D 134 8.95 11.36 -13.21
N CYS D 135 9.93 12.25 -13.02
CA CYS D 135 10.53 12.46 -11.71
C CYS D 135 10.00 13.76 -11.12
N SER D 136 9.24 13.67 -10.04
CA SER D 136 8.61 14.83 -9.42
C SER D 136 9.44 15.31 -8.23
N ILE D 137 9.67 16.62 -8.18
CA ILE D 137 10.41 17.29 -7.13
C ILE D 137 9.41 18.10 -6.31
N TYR D 138 9.34 17.82 -5.01
CA TYR D 138 8.43 18.55 -4.09
C TYR D 138 9.30 19.35 -3.12
N ASN D 139 8.81 20.51 -2.67
CA ASN D 139 9.57 21.35 -1.69
C ASN D 139 8.96 21.19 -0.31
N LEU D 140 9.79 20.83 0.68
CA LEU D 140 9.31 20.64 2.07
C LEU D 140 9.35 21.99 2.79
N LYS D 141 10.44 22.76 2.69
CA LYS D 141 10.56 24.07 3.39
C LYS D 141 9.93 25.18 2.54
N THR D 142 8.64 25.08 2.25
CA THR D 142 7.95 26.20 1.55
C THR D 142 7.17 27.02 2.58
N ARG D 143 6.83 28.29 2.29
CA ARG D 143 6.22 29.22 3.28
C ARG D 143 4.69 29.27 3.38
N GLU D 144 3.93 28.30 2.84
CA GLU D 144 2.46 28.32 3.05
C GLU D 144 2.07 27.13 3.92
N GLY D 145 3.05 26.33 4.33
CA GLY D 145 2.78 25.20 5.23
C GLY D 145 2.63 23.89 4.49
N ASN D 146 1.98 23.89 3.33
CA ASN D 146 1.76 22.66 2.53
C ASN D 146 3.04 22.27 1.77
N VAL D 147 3.17 21.00 1.38
CA VAL D 147 4.31 20.57 0.52
C VAL D 147 3.78 20.51 -0.91
N ARG D 148 4.30 21.33 -1.82
CA ARG D 148 3.77 21.39 -3.20
C ARG D 148 4.84 20.96 -4.20
N VAL D 149 4.41 20.47 -5.38
CA VAL D 149 5.36 20.01 -6.42
C VAL D 149 6.07 21.22 -7.04
N SER D 150 7.39 21.18 -7.10
CA SER D 150 8.16 22.33 -7.61
C SER D 150 8.28 22.18 -9.13
N ARG D 151 8.63 20.98 -9.60
CA ARG D 151 8.85 20.73 -11.04
C ARG D 151 8.62 19.26 -11.36
N GLU D 152 8.10 18.95 -12.56
CA GLU D 152 7.95 17.53 -12.99
C GLU D 152 8.91 17.29 -14.15
N LEU D 153 9.90 16.41 -13.99
CA LEU D 153 10.95 16.19 -15.03
C LEU D 153 10.52 15.03 -15.93
N ALA D 154 10.15 15.30 -17.20
CA ALA D 154 9.58 14.23 -18.06
C ALA D 154 10.35 14.10 -19.38
N GLY D 155 11.42 13.31 -19.40
CA GLY D 155 12.16 13.07 -20.66
C GLY D 155 12.37 11.58 -20.93
N HIS D 156 12.39 10.76 -19.88
CA HIS D 156 12.63 9.30 -20.03
C HIS D 156 11.43 8.59 -20.68
N THR D 157 11.68 7.50 -21.40
CA THR D 157 10.59 6.73 -22.07
C THR D 157 10.28 5.47 -21.25
N GLY D 158 11.21 5.03 -20.39
CA GLY D 158 10.95 3.90 -19.52
C GLY D 158 10.65 4.38 -18.11
N TYR D 159 10.29 3.44 -17.25
CA TYR D 159 10.02 3.75 -15.86
C TYR D 159 11.26 4.27 -15.17
N LEU D 160 11.06 5.14 -14.19
CA LEU D 160 12.15 5.66 -13.36
C LEU D 160 12.47 4.66 -12.26
N SER D 161 13.69 4.16 -12.24
CA SER D 161 14.03 3.17 -11.23
C SER D 161 14.80 3.75 -10.05
N CYS D 162 15.46 4.89 -10.23
CA CYS D 162 16.24 5.48 -9.16
C CYS D 162 16.44 6.95 -9.48
N CYS D 163 16.62 7.76 -8.44
CA CYS D 163 16.93 9.18 -8.56
C CYS D 163 17.70 9.57 -7.31
N ARG D 164 18.72 10.41 -7.47
CA ARG D 164 19.60 10.78 -6.37
C ARG D 164 20.04 12.22 -6.57
N PHE D 165 19.65 13.11 -5.65
CA PHE D 165 20.01 14.51 -5.74
C PHE D 165 21.51 14.69 -5.72
N LEU D 166 22.02 15.53 -6.61
CA LEU D 166 23.43 15.91 -6.63
C LEU D 166 23.70 17.22 -5.91
N ASP D 167 22.77 18.16 -6.02
CA ASP D 167 22.72 19.43 -5.30
C ASP D 167 21.24 19.74 -5.11
N ASP D 168 20.92 21.00 -4.84
CA ASP D 168 19.51 21.38 -4.82
C ASP D 168 18.98 21.61 -6.22
N ASN D 169 19.86 21.68 -7.20
CA ASN D 169 19.46 22.01 -8.57
C ASN D 169 19.83 20.94 -9.58
N GLN D 170 20.52 19.87 -9.18
CA GLN D 170 20.94 18.84 -10.11
C GLN D 170 20.56 17.47 -9.56
N ILE D 171 19.84 16.70 -10.36
CA ILE D 171 19.45 15.33 -10.00
C ILE D 171 19.77 14.39 -11.16
N VAL D 172 20.25 13.20 -10.81
CA VAL D 172 20.60 12.16 -11.78
C VAL D 172 19.60 11.02 -11.63
N THR D 173 18.96 10.64 -12.75
CA THR D 173 17.91 9.59 -12.69
C THR D 173 18.29 8.39 -13.58
N SER D 174 17.94 7.17 -13.17
CA SER D 174 18.17 5.96 -14.00
C SER D 174 16.82 5.48 -14.53
N SER D 175 16.78 4.91 -15.74
CA SER D 175 15.46 4.54 -16.32
C SER D 175 15.49 3.14 -16.95
N GLY D 176 14.31 2.51 -17.07
CA GLY D 176 14.22 1.20 -17.74
C GLY D 176 14.28 1.36 -19.25
N ASP D 177 14.70 2.54 -19.72
CA ASP D 177 14.87 2.79 -21.17
C ASP D 177 16.35 2.62 -21.52
N THR D 178 17.14 2.08 -20.59
CA THR D 178 18.60 1.80 -20.80
C THR D 178 19.43 3.07 -20.66
N THR D 179 18.84 4.20 -20.25
CA THR D 179 19.59 5.48 -20.23
C THR D 179 19.54 6.18 -18.87
N CYS D 180 20.65 6.80 -18.45
CA CYS D 180 20.68 7.63 -17.22
C CYS D 180 20.75 9.10 -17.65
N ALA D 181 20.06 10.02 -16.98
CA ALA D 181 20.00 11.42 -17.36
C ALA D 181 20.36 12.31 -16.17
N LEU D 182 21.17 13.34 -16.44
CA LEU D 182 21.48 14.37 -15.47
C LEU D 182 20.73 15.64 -15.84
N TRP D 183 19.90 16.14 -14.92
CA TRP D 183 18.95 17.19 -15.21
C TRP D 183 19.35 18.50 -14.54
N ASP D 184 18.73 19.56 -15.01
CA ASP D 184 18.74 20.86 -14.36
C ASP D 184 17.34 21.13 -13.85
N ILE D 185 17.17 21.15 -12.53
CA ILE D 185 15.83 21.19 -11.96
C ILE D 185 15.16 22.53 -12.25
N GLU D 186 15.93 23.62 -12.22
CA GLU D 186 15.34 24.93 -12.48
C GLU D 186 14.84 25.04 -13.92
N THR D 187 15.70 24.72 -14.89
CA THR D 187 15.30 24.82 -16.28
C THR D 187 14.26 23.78 -16.64
N GLY D 188 14.40 22.56 -16.11
CA GLY D 188 13.49 21.49 -16.44
C GLY D 188 13.95 20.62 -17.58
N GLN D 189 15.21 20.71 -17.98
CA GLN D 189 15.73 19.99 -19.13
C GLN D 189 16.95 19.18 -18.72
N GLN D 190 17.09 18.00 -19.32
CA GLN D 190 18.19 17.11 -19.00
C GLN D 190 19.45 17.58 -19.71
N THR D 191 20.46 17.99 -18.93
CA THR D 191 21.67 18.54 -19.51
C THR D 191 22.55 17.44 -20.09
N THR D 192 22.50 16.23 -19.54
CA THR D 192 23.41 15.16 -20.02
C THR D 192 22.66 13.83 -20.10
N THR D 193 23.00 12.98 -21.08
CA THR D 193 22.39 11.63 -21.16
C THR D 193 23.51 10.60 -21.23
N PHE D 194 23.42 9.52 -20.45
CA PHE D 194 24.44 8.44 -20.50
C PHE D 194 23.76 7.28 -21.22
N THR D 195 24.23 6.88 -22.40
CA THR D 195 23.47 5.89 -23.20
C THR D 195 24.18 4.56 -23.47
N GLY D 196 25.35 4.30 -22.89
CA GLY D 196 26.10 3.09 -23.25
C GLY D 196 25.39 1.77 -22.96
N HIS D 197 24.65 1.66 -21.85
CA HIS D 197 24.02 0.38 -21.42
C HIS D 197 22.93 -0.15 -22.36
N THR D 198 22.78 -1.49 -22.42
CA THR D 198 21.83 -2.15 -23.37
C THR D 198 20.56 -2.64 -22.68
N GLY D 199 20.65 -3.21 -21.48
CA GLY D 199 19.45 -3.61 -20.70
C GLY D 199 18.91 -2.47 -19.83
N ASP D 200 17.76 -2.66 -19.19
CA ASP D 200 17.16 -1.65 -18.28
C ASP D 200 18.06 -1.37 -17.08
N VAL D 201 18.22 -0.09 -16.69
CA VAL D 201 19.05 0.31 -15.55
C VAL D 201 18.16 0.32 -14.31
N MET D 202 18.54 -0.45 -13.30
CA MET D 202 17.70 -0.63 -12.14
C MET D 202 18.13 0.20 -10.94
N SER D 203 19.45 0.40 -10.78
CA SER D 203 19.94 1.10 -9.56
C SER D 203 21.00 2.16 -9.90
N LEU D 204 21.10 3.20 -9.06
CA LEU D 204 22.11 4.28 -9.26
C LEU D 204 22.73 4.59 -7.90
N SER D 205 24.02 4.96 -7.85
CA SER D 205 24.68 5.34 -6.58
C SER D 205 25.70 6.44 -6.85
N LEU D 206 25.67 7.53 -6.06
CA LEU D 206 26.58 8.65 -6.28
C LEU D 206 27.81 8.52 -5.40
N ALA D 207 28.95 8.88 -5.96
CA ALA D 207 30.19 8.87 -5.20
C ALA D 207 30.15 9.93 -4.12
N PRO D 208 30.96 9.78 -3.08
CA PRO D 208 31.01 10.81 -2.03
C PRO D 208 31.33 12.19 -2.56
N ASP D 209 32.25 12.31 -3.53
CA ASP D 209 32.61 13.61 -4.07
C ASP D 209 31.61 14.14 -5.10
N THR D 210 30.63 13.33 -5.50
CA THR D 210 29.60 13.72 -6.48
C THR D 210 30.21 14.17 -7.81
N ARG D 211 31.23 13.46 -8.27
CA ARG D 211 31.78 13.65 -9.60
C ARG D 211 31.73 12.40 -10.45
N LEU D 212 31.42 11.24 -9.86
CA LEU D 212 31.28 9.98 -10.57
C LEU D 212 30.07 9.26 -10.01
N PHE D 213 29.45 8.43 -10.83
CA PHE D 213 28.43 7.54 -10.29
C PHE D 213 28.48 6.20 -11.01
N VAL D 214 27.86 5.19 -10.41
CA VAL D 214 27.82 3.85 -10.97
C VAL D 214 26.37 3.45 -11.15
N SER D 215 26.08 2.79 -12.27
CA SER D 215 24.73 2.30 -12.53
C SER D 215 24.79 0.81 -12.85
N GLY D 216 23.80 0.08 -12.34
CA GLY D 216 23.68 -1.35 -12.58
C GLY D 216 22.43 -1.62 -13.39
N ALA D 217 22.55 -2.54 -14.35
CA ALA D 217 21.52 -2.74 -15.34
C ALA D 217 21.09 -4.20 -15.41
N CYS D 218 20.03 -4.44 -16.18
CA CYS D 218 19.48 -5.75 -16.43
C CYS D 218 20.38 -6.63 -17.27
N ASP D 219 21.41 -6.08 -17.89
CA ASP D 219 22.35 -6.85 -18.68
C ASP D 219 23.53 -7.32 -17.86
N ALA D 220 23.43 -7.29 -16.53
CA ALA D 220 24.44 -7.78 -15.60
C ALA D 220 25.73 -6.99 -15.64
N SER D 221 25.73 -5.80 -16.23
CA SER D 221 26.91 -4.95 -16.27
C SER D 221 26.69 -3.70 -15.44
N ALA D 222 27.76 -3.28 -14.76
CA ALA D 222 27.73 -2.02 -13.97
C ALA D 222 28.72 -1.07 -14.63
N LYS D 223 28.33 0.18 -14.87
CA LYS D 223 29.22 1.13 -15.58
C LYS D 223 29.50 2.38 -14.74
N LEU D 224 30.77 2.79 -14.62
CA LEU D 224 31.13 4.05 -13.91
C LEU D 224 31.01 5.22 -14.87
N TRP D 225 30.16 6.20 -14.57
CA TRP D 225 29.93 7.33 -15.52
C TRP D 225 30.51 8.62 -14.94
N ASP D 226 31.24 9.41 -15.75
CA ASP D 226 31.70 10.73 -15.27
C ASP D 226 30.55 11.72 -15.44
N VAL D 227 30.23 12.48 -14.40
CA VAL D 227 29.04 13.38 -14.44
C VAL D 227 29.32 14.61 -15.32
N ARG D 228 30.57 15.10 -15.34
CA ARG D 228 30.83 16.35 -16.05
C ARG D 228 31.06 16.11 -17.55
N GLU D 229 31.80 15.05 -17.91
CA GLU D 229 32.03 14.78 -19.33
C GLU D 229 30.85 14.06 -20.01
N GLY D 230 30.16 13.16 -19.32
CA GLY D 230 29.01 12.49 -19.92
C GLY D 230 29.31 11.19 -20.61
N MET D 231 30.49 10.64 -20.35
CA MET D 231 30.92 9.39 -21.00
C MET D 231 31.06 8.30 -19.94
N CYS D 232 31.36 7.08 -20.36
CA CYS D 232 31.56 5.96 -19.45
C CYS D 232 33.05 5.69 -19.31
N ARG D 233 33.54 5.69 -18.07
CA ARG D 233 34.99 5.47 -17.85
C ARG D 233 35.28 3.97 -17.78
N GLN D 234 34.41 3.17 -17.15
CA GLN D 234 34.70 1.76 -16.94
C GLN D 234 33.41 0.95 -16.95
N THR D 235 33.57 -0.34 -17.23
CA THR D 235 32.47 -1.31 -17.25
C THR D 235 32.91 -2.59 -16.57
N PHE D 236 32.03 -3.18 -15.77
CA PHE D 236 32.31 -4.40 -15.02
C PHE D 236 31.19 -5.40 -15.27
N THR D 237 31.54 -6.66 -15.51
CA THR D 237 30.61 -7.68 -15.95
C THR D 237 30.78 -9.01 -15.22
N GLY D 238 30.88 -8.98 -13.90
CA GLY D 238 31.10 -10.23 -13.13
C GLY D 238 29.82 -11.01 -12.89
N HIS D 239 28.66 -10.34 -12.88
CA HIS D 239 27.37 -11.01 -12.55
C HIS D 239 26.80 -11.80 -13.74
N GLU D 240 25.84 -12.70 -13.47
CA GLU D 240 25.23 -13.58 -14.50
C GLU D 240 23.72 -13.36 -14.55
N SER D 241 23.20 -12.42 -13.78
CA SER D 241 21.76 -12.08 -13.79
C SER D 241 21.59 -10.59 -13.52
N ASP D 242 20.36 -10.09 -13.51
CA ASP D 242 20.13 -8.63 -13.37
C ASP D 242 20.72 -8.08 -12.07
N ILE D 243 21.36 -6.90 -12.16
CA ILE D 243 21.87 -6.21 -10.94
C ILE D 243 20.72 -5.32 -10.45
N ASN D 244 20.23 -5.54 -9.23
CA ASN D 244 19.04 -4.80 -8.75
C ASN D 244 19.47 -3.73 -7.76
N ALA D 245 20.72 -3.79 -7.30
CA ALA D 245 21.19 -2.85 -6.26
C ALA D 245 22.66 -2.46 -6.48
N ILE D 246 23.03 -1.23 -6.12
CA ILE D 246 24.41 -0.79 -6.25
C ILE D 246 24.68 0.27 -5.21
N CYS D 247 25.91 0.29 -4.67
CA CYS D 247 26.26 1.19 -3.58
C CYS D 247 27.76 1.42 -3.57
N PHE D 248 28.17 2.67 -3.37
CA PHE D 248 29.58 3.00 -3.23
C PHE D 248 30.14 2.64 -1.85
N PHE D 249 31.36 2.18 -1.83
CA PHE D 249 32.11 2.09 -0.59
C PHE D 249 32.41 3.50 -0.08
N PRO D 250 32.49 3.70 1.23
CA PRO D 250 32.69 5.06 1.77
C PRO D 250 33.92 5.78 1.23
N ASN D 251 34.98 5.02 0.95
CA ASN D 251 36.19 5.62 0.38
C ASN D 251 35.91 6.24 -0.98
N GLY D 252 35.05 5.63 -1.77
CA GLY D 252 34.78 6.05 -3.14
C GLY D 252 35.63 5.36 -4.17
N ASN D 253 36.52 4.45 -3.77
CA ASN D 253 37.37 3.70 -4.68
C ASN D 253 36.92 2.26 -4.85
N ALA D 254 35.66 1.94 -4.51
CA ALA D 254 35.11 0.61 -4.67
C ALA D 254 33.60 0.74 -4.66
N PHE D 255 32.91 -0.34 -5.04
CA PHE D 255 31.46 -0.37 -4.91
C PHE D 255 30.99 -1.81 -4.88
N ALA D 256 29.72 -1.99 -4.51
CA ALA D 256 29.15 -3.32 -4.38
C ALA D 256 27.81 -3.39 -5.10
N THR D 257 27.55 -4.55 -5.70
CA THR D 257 26.33 -4.82 -6.46
C THR D 257 25.61 -6.02 -5.86
N GLY D 258 24.29 -6.03 -5.99
CA GLY D 258 23.49 -7.16 -5.59
C GLY D 258 22.61 -7.65 -6.74
N SER D 259 22.56 -8.96 -6.97
CA SER D 259 21.85 -9.47 -8.18
C SER D 259 20.74 -10.47 -7.90
N ASP D 260 19.92 -10.74 -8.94
CA ASP D 260 18.85 -11.78 -8.85
C ASP D 260 19.55 -13.11 -8.60
N ASP D 261 20.73 -13.31 -9.18
CA ASP D 261 21.51 -14.49 -8.74
C ASP D 261 21.82 -14.15 -7.28
N ALA D 262 21.90 -15.10 -6.37
CA ALA D 262 21.99 -14.77 -4.94
C ALA D 262 23.27 -14.01 -4.53
N THR D 263 24.26 -13.88 -5.38
CA THR D 263 25.56 -13.29 -4.94
C THR D 263 25.64 -11.76 -4.90
N CYS D 264 26.38 -11.19 -3.94
CA CYS D 264 26.75 -9.75 -3.91
C CYS D 264 28.19 -9.70 -4.37
N ARG D 265 28.54 -8.77 -5.23
CA ARG D 265 29.92 -8.72 -5.79
C ARG D 265 30.56 -7.36 -5.49
N LEU D 266 31.81 -7.36 -5.01
CA LEU D 266 32.55 -6.10 -4.74
C LEU D 266 33.50 -5.82 -5.91
N PHE D 267 33.45 -4.62 -6.48
CA PHE D 267 34.30 -4.28 -7.63
C PHE D 267 35.19 -3.07 -7.34
N ASP D 268 36.50 -3.18 -7.54
CA ASP D 268 37.42 -2.02 -7.38
C ASP D 268 37.30 -1.10 -8.59
N LEU D 269 37.72 0.15 -8.47
CA LEU D 269 37.68 1.12 -9.60
C LEU D 269 39.09 1.32 -10.16
N ARG D 270 40.14 1.13 -9.35
CA ARG D 270 41.50 1.33 -9.83
C ARG D 270 42.10 0.04 -10.37
N ALA D 271 41.84 -1.09 -9.71
CA ALA D 271 42.29 -2.37 -10.24
C ALA D 271 41.41 -2.82 -11.39
N ASP D 272 40.17 -2.33 -11.42
CA ASP D 272 39.22 -2.64 -12.54
C ASP D 272 38.88 -4.14 -12.57
N GLN D 273 38.75 -4.76 -11.40
CA GLN D 273 38.44 -6.22 -11.35
C GLN D 273 37.49 -6.51 -10.18
N GLU D 274 36.76 -7.64 -10.25
CA GLU D 274 35.90 -8.05 -9.11
C GLU D 274 36.82 -8.49 -7.97
N LEU D 275 36.50 -8.10 -6.74
CA LEU D 275 37.32 -8.45 -5.59
C LEU D 275 36.76 -9.60 -4.77
N MET D 276 35.50 -9.53 -4.35
CA MET D 276 34.88 -10.67 -3.67
C MET D 276 33.44 -10.86 -4.07
N THR D 277 32.97 -12.05 -3.74
CA THR D 277 31.59 -12.49 -3.90
C THR D 277 31.07 -12.94 -2.54
N TYR D 278 29.85 -12.51 -2.20
CA TYR D 278 29.25 -12.84 -0.88
C TYR D 278 28.04 -13.74 -1.13
N SER D 279 28.23 -15.05 -1.03
CA SER D 279 27.13 -15.99 -1.35
C SER D 279 27.04 -17.11 -0.30
N HIS D 280 25.85 -17.70 -0.15
CA HIS D 280 25.68 -18.85 0.75
C HIS D 280 24.86 -19.92 0.02
N ASP D 281 25.20 -21.20 0.17
CA ASP D 281 24.50 -22.28 -0.56
C ASP D 281 23.00 -22.18 -0.32
N ASN D 282 22.61 -21.92 0.94
CA ASN D 282 21.17 -21.80 1.29
C ASN D 282 20.54 -20.63 0.56
N ILE D 283 21.26 -19.51 0.45
CA ILE D 283 20.70 -18.28 -0.19
C ILE D 283 20.53 -18.49 -1.70
N ILE D 284 19.28 -18.47 -2.19
CA ILE D 284 19.03 -18.60 -3.62
C ILE D 284 18.08 -17.53 -4.13
N CYS D 285 17.66 -16.58 -3.31
CA CYS D 285 16.71 -15.58 -3.72
C CYS D 285 17.41 -14.32 -4.25
N GLY D 286 16.62 -13.37 -4.70
CA GLY D 286 17.16 -12.14 -5.21
C GLY D 286 17.52 -11.16 -4.11
N ILE D 287 18.37 -10.21 -4.46
CA ILE D 287 18.85 -9.19 -3.53
C ILE D 287 18.23 -7.87 -3.94
N THR D 288 17.32 -7.37 -3.10
CA THR D 288 16.56 -6.18 -3.43
C THR D 288 17.37 -4.91 -3.21
N SER D 289 18.25 -4.88 -2.21
CA SER D 289 18.94 -3.66 -1.85
C SER D 289 20.22 -4.00 -1.12
N VAL D 290 21.20 -3.11 -1.22
CA VAL D 290 22.50 -3.29 -0.62
C VAL D 290 22.98 -1.95 -0.10
N SER D 291 23.70 -1.95 1.01
CA SER D 291 24.25 -0.72 1.59
C SER D 291 25.38 -1.08 2.52
N PHE D 292 26.20 -0.10 2.83
CA PHE D 292 27.41 -0.29 3.63
C PHE D 292 27.22 0.26 5.03
N SER D 293 28.18 -0.06 5.88
CA SER D 293 28.32 0.61 7.17
C SER D 293 29.29 1.78 7.03
N LYS D 294 29.29 2.64 8.05
CA LYS D 294 30.05 3.88 7.96
C LYS D 294 31.55 3.62 7.81
N SER D 295 32.06 2.59 8.46
CA SER D 295 33.46 2.25 8.31
C SER D 295 33.75 1.45 7.06
N GLY D 296 32.72 0.95 6.39
CA GLY D 296 32.89 0.03 5.29
C GLY D 296 33.26 -1.37 5.68
N ARG D 297 33.04 -1.76 6.94
CA ARG D 297 33.37 -3.11 7.37
C ARG D 297 32.19 -4.04 7.23
N LEU D 298 30.98 -3.53 7.39
CA LEU D 298 29.79 -4.34 7.25
C LEU D 298 29.10 -3.98 5.95
N LEU D 299 28.64 -5.00 5.24
CA LEU D 299 27.81 -4.82 4.06
C LEU D 299 26.46 -5.44 4.37
N LEU D 300 25.41 -4.63 4.31
CA LEU D 300 24.08 -5.07 4.66
C LEU D 300 23.25 -5.22 3.40
N ALA D 301 22.69 -6.41 3.19
CA ALA D 301 21.96 -6.72 1.97
C ALA D 301 20.56 -7.19 2.35
N GLY D 302 19.56 -6.74 1.60
CA GLY D 302 18.19 -7.15 1.84
C GLY D 302 17.77 -8.17 0.79
N TYR D 303 17.16 -9.26 1.25
CA TYR D 303 16.89 -10.40 0.39
C TYR D 303 15.39 -10.62 0.20
N ASP D 304 15.05 -11.56 -0.70
CA ASP D 304 13.62 -11.91 -0.93
C ASP D 304 13.27 -13.10 -0.03
N ASP D 305 14.21 -13.56 0.79
CA ASP D 305 13.91 -14.66 1.76
C ASP D 305 13.23 -14.03 2.98
N PHE D 306 12.79 -12.78 2.86
CA PHE D 306 12.06 -12.06 3.95
C PHE D 306 13.02 -11.54 5.02
N ASN D 307 14.33 -11.77 4.89
CA ASN D 307 15.28 -11.36 5.97
C ASN D 307 16.50 -10.63 5.38
N CYS D 308 17.16 -9.80 6.19
CA CYS D 308 18.36 -9.06 5.73
C CYS D 308 19.62 -9.70 6.31
N ASN D 309 20.72 -9.71 5.56
CA ASN D 309 21.97 -10.29 6.04
C ASN D 309 23.04 -9.22 6.17
N VAL D 310 23.99 -9.48 7.05
CA VAL D 310 25.08 -8.57 7.37
C VAL D 310 26.38 -9.35 7.22
N TRP D 311 27.18 -8.95 6.22
CA TRP D 311 28.40 -9.63 5.82
C TRP D 311 29.60 -8.81 6.23
N ASP D 312 30.60 -9.45 6.80
CA ASP D 312 31.88 -8.81 6.96
C ASP D 312 32.54 -8.64 5.59
N ALA D 313 32.60 -7.41 5.10
CA ALA D 313 33.00 -7.14 3.72
C ALA D 313 34.46 -7.47 3.43
N LEU D 314 35.27 -7.74 4.43
CA LEU D 314 36.69 -8.02 4.21
C LEU D 314 37.04 -9.49 4.32
N LYS D 315 36.20 -10.30 4.96
CA LYS D 315 36.39 -11.74 5.00
C LYS D 315 35.26 -12.48 4.29
N ALA D 316 34.21 -11.77 3.90
CA ALA D 316 33.13 -12.32 3.08
C ALA D 316 32.39 -13.44 3.80
N ASP D 317 32.41 -13.42 5.13
CA ASP D 317 31.71 -14.39 5.94
C ASP D 317 30.54 -13.72 6.63
N ARG D 318 29.37 -14.36 6.60
CA ARG D 318 28.18 -13.77 7.18
C ARG D 318 28.37 -13.57 8.66
N ALA D 319 27.89 -12.44 9.18
CA ALA D 319 28.06 -12.07 10.58
C ALA D 319 26.77 -11.79 11.30
N GLY D 320 25.68 -11.49 10.60
CA GLY D 320 24.44 -11.26 11.32
C GLY D 320 23.22 -11.30 10.44
N VAL D 321 22.06 -11.36 11.07
CA VAL D 321 20.78 -11.40 10.38
C VAL D 321 19.87 -10.34 10.99
N LEU D 322 18.92 -9.87 10.19
CA LEU D 322 17.87 -8.96 10.62
C LEU D 322 16.57 -9.57 10.16
N ALA D 323 15.86 -10.25 11.07
CA ALA D 323 14.76 -11.15 10.71
C ALA D 323 13.40 -10.61 11.12
N GLY D 324 13.26 -9.30 11.29
CA GLY D 324 12.00 -8.75 11.77
C GLY D 324 10.86 -8.89 10.76
N HIS D 325 11.16 -8.75 9.49
CA HIS D 325 10.12 -8.60 8.47
C HIS D 325 9.56 -9.97 8.05
N ASP D 326 8.31 -9.97 7.64
CA ASP D 326 7.65 -11.19 7.17
C ASP D 326 7.27 -11.13 5.71
N ASN D 327 7.82 -10.18 4.96
CA ASN D 327 7.70 -10.14 3.51
C ASN D 327 9.04 -9.69 2.95
N ARG D 328 9.11 -9.48 1.64
CA ARG D 328 10.38 -9.09 1.00
C ARG D 328 10.88 -7.77 1.55
N VAL D 329 12.15 -7.68 1.92
CA VAL D 329 12.74 -6.39 2.39
C VAL D 329 13.02 -5.54 1.16
N SER D 330 12.18 -4.56 0.88
CA SER D 330 12.32 -3.76 -0.36
C SER D 330 13.42 -2.69 -0.35
N CYS D 331 13.64 -2.02 0.78
CA CYS D 331 14.63 -0.92 0.86
C CYS D 331 15.47 -1.02 2.13
N LEU D 332 16.76 -0.78 2.05
CA LEU D 332 17.66 -0.78 3.23
C LEU D 332 18.48 0.51 3.12
N GLY D 333 18.53 1.33 4.18
CA GLY D 333 19.34 2.56 4.18
C GLY D 333 20.02 2.75 5.52
N VAL D 334 21.32 3.03 5.53
CA VAL D 334 22.06 3.33 6.80
C VAL D 334 22.23 4.85 6.90
N THR D 335 22.38 5.40 8.11
CA THR D 335 22.49 6.83 8.36
C THR D 335 23.89 7.33 8.02
N ASP D 336 24.02 8.66 7.94
CA ASP D 336 25.32 9.25 7.59
C ASP D 336 26.33 9.13 8.71
N ASP D 337 25.88 9.09 9.96
CA ASP D 337 26.79 8.84 11.07
C ASP D 337 26.83 7.38 11.50
N GLY D 338 25.94 6.54 10.98
CA GLY D 338 26.05 5.09 11.27
C GLY D 338 25.28 4.70 12.51
N MET D 339 24.46 5.60 13.03
CA MET D 339 23.74 5.32 14.29
C MET D 339 22.76 4.16 14.09
N ALA D 340 22.06 4.11 12.96
CA ALA D 340 21.00 3.10 12.80
C ALA D 340 20.89 2.55 11.38
N VAL D 341 20.05 1.53 11.17
CA VAL D 341 19.79 0.96 9.82
C VAL D 341 18.27 0.88 9.67
N ALA D 342 17.71 1.55 8.68
CA ALA D 342 16.26 1.38 8.47
C ALA D 342 16.04 0.33 7.40
N THR D 343 15.01 -0.52 7.55
CA THR D 343 14.66 -1.52 6.52
C THR D 343 13.17 -1.42 6.23
N GLY D 344 12.78 -1.20 4.98
CA GLY D 344 11.38 -1.20 4.62
C GLY D 344 11.02 -2.54 4.03
N SER D 345 9.76 -2.78 3.73
CA SER D 345 9.37 -4.11 3.28
C SER D 345 8.00 -4.06 2.63
N TRP D 346 7.62 -5.18 2.02
CA TRP D 346 6.34 -5.32 1.36
C TRP D 346 5.21 -5.58 2.34
N ASP D 347 5.51 -5.77 3.61
CA ASP D 347 4.49 -5.87 4.65
C ASP D 347 4.06 -4.51 5.20
N SER D 348 4.63 -3.42 4.69
CA SER D 348 4.23 -2.04 4.94
C SER D 348 4.69 -1.48 6.28
N PHE D 349 5.76 -1.99 6.85
CA PHE D 349 6.33 -1.44 8.08
C PHE D 349 7.79 -1.13 7.87
N LEU D 350 8.25 -0.02 8.43
CA LEU D 350 9.69 0.25 8.46
C LEU D 350 10.20 -0.10 9.83
N LYS D 351 11.43 -0.54 9.91
CA LYS D 351 12.02 -0.87 11.20
C LYS D 351 13.39 -0.25 11.30
N ILE D 352 13.69 0.36 12.44
CA ILE D 352 14.99 0.93 12.70
C ILE D 352 15.73 0.02 13.65
N TRP D 353 16.98 -0.28 13.32
CA TRP D 353 17.77 -1.29 14.02
C TRP D 353 19.05 -0.66 14.52
N ASN D 354 19.49 -1.11 15.69
CA ASN D 354 20.73 -0.63 16.27
C ASN D 354 21.19 -1.58 17.37
N SER E 18 23.63 -0.48 -38.93
CA SER E 18 24.38 -1.19 -37.90
C SER E 18 25.87 -0.84 -37.96
N ILE E 19 26.23 -0.02 -38.96
CA ILE E 19 27.61 0.46 -39.06
C ILE E 19 27.92 1.38 -37.90
N ALA E 20 27.04 2.34 -37.63
CA ALA E 20 27.30 3.35 -36.60
C ALA E 20 27.39 2.72 -35.23
N GLN E 21 26.48 1.79 -34.91
CA GLN E 21 26.49 1.16 -33.59
C GLN E 21 27.80 0.41 -33.36
N ALA E 22 28.28 -0.33 -34.36
CA ALA E 22 29.50 -1.09 -34.19
C ALA E 22 30.72 -0.18 -34.15
N ARG E 23 30.70 0.92 -34.90
CA ARG E 23 31.77 1.91 -34.78
C ARG E 23 31.81 2.48 -33.37
N LYS E 24 30.66 2.85 -32.83
CA LYS E 24 30.60 3.37 -31.46
C LYS E 24 31.14 2.34 -30.49
N LEU E 25 30.74 1.09 -30.64
CA LEU E 25 31.16 0.05 -29.71
C LEU E 25 32.67 -0.11 -29.74
N VAL E 26 33.27 -0.21 -30.93
CA VAL E 26 34.70 -0.45 -31.01
C VAL E 26 35.47 0.76 -30.52
N GLU E 27 34.98 1.97 -30.81
CA GLU E 27 35.64 3.17 -30.31
C GLU E 27 35.61 3.22 -28.79
N GLN E 28 34.45 2.92 -28.20
CA GLN E 28 34.32 2.93 -26.74
C GLN E 28 35.22 1.90 -26.09
N LEU E 29 35.26 0.67 -26.63
CA LEU E 29 36.13 -0.36 -26.08
C LEU E 29 37.60 0.03 -26.20
N LYS E 30 38.01 0.57 -27.35
CA LYS E 30 39.40 0.96 -27.50
C LYS E 30 39.77 2.03 -26.49
N MET E 31 38.83 2.93 -26.18
CA MET E 31 39.09 4.00 -25.18
C MET E 31 39.14 3.41 -23.77
N GLU E 32 38.26 2.45 -23.45
CA GLU E 32 38.24 1.81 -22.11
C GLU E 32 39.54 1.04 -21.87
N ALA E 33 40.24 0.63 -22.92
CA ALA E 33 41.44 -0.22 -22.74
C ALA E 33 42.63 0.57 -22.18
N ASN E 34 42.73 1.86 -22.53
CA ASN E 34 43.93 2.64 -22.12
C ASN E 34 43.82 3.16 -20.68
N ILE E 35 42.85 2.67 -19.90
CA ILE E 35 42.76 3.05 -18.45
C ILE E 35 44.03 2.53 -17.76
N ASP E 36 44.62 3.32 -16.87
CA ASP E 36 45.80 2.83 -16.09
C ASP E 36 45.28 2.01 -14.92
N ARG E 37 45.84 0.81 -14.69
CA ARG E 37 45.32 -0.05 -13.64
C ARG E 37 46.41 -0.37 -12.63
N ILE E 38 46.06 -0.31 -11.35
CA ILE E 38 46.99 -0.68 -10.29
C ILE E 38 46.71 -2.13 -9.89
N LYS E 39 47.72 -2.78 -9.32
CA LYS E 39 47.60 -4.17 -8.95
C LYS E 39 46.61 -4.35 -7.81
N VAL E 40 46.05 -5.55 -7.71
CA VAL E 40 44.96 -5.79 -6.77
C VAL E 40 45.48 -5.77 -5.33
N SER E 41 46.77 -6.04 -5.15
CA SER E 41 47.34 -5.94 -3.81
C SER E 41 47.24 -4.52 -3.26
N LYS E 42 47.51 -3.53 -4.11
CA LYS E 42 47.44 -2.14 -3.67
C LYS E 42 46.03 -1.75 -3.25
N ALA E 43 45.03 -2.16 -4.04
CA ALA E 43 43.65 -1.81 -3.72
C ALA E 43 43.15 -2.56 -2.50
N ALA E 44 43.57 -3.81 -2.33
CA ALA E 44 43.25 -4.54 -1.11
C ALA E 44 43.82 -3.84 0.11
N ALA E 45 45.08 -3.41 0.02
CA ALA E 45 45.69 -2.70 1.13
C ALA E 45 44.96 -1.41 1.43
N ASP E 46 44.57 -0.66 0.40
CA ASP E 46 43.85 0.59 0.64
C ASP E 46 42.51 0.34 1.30
N LEU E 47 41.77 -0.67 0.85
CA LEU E 47 40.46 -0.93 1.42
C LEU E 47 40.58 -1.35 2.88
N MET E 48 41.54 -2.24 3.17
CA MET E 48 41.77 -2.69 4.54
C MET E 48 42.18 -1.52 5.43
N ALA E 49 43.09 -0.68 4.95
CA ALA E 49 43.58 0.43 5.75
C ALA E 49 42.48 1.45 6.03
N TYR E 50 41.62 1.71 5.05
CA TYR E 50 40.48 2.58 5.32
C TYR E 50 39.59 1.98 6.40
N CYS E 51 39.35 0.67 6.36
CA CYS E 51 38.52 0.09 7.40
C CYS E 51 39.17 0.21 8.77
N GLU E 52 40.49 0.03 8.85
CA GLU E 52 41.17 0.18 10.13
C GLU E 52 41.10 1.62 10.64
N ALA E 53 41.20 2.60 9.73
CA ALA E 53 41.30 3.99 10.15
C ALA E 53 40.00 4.49 10.78
N HIS E 54 38.85 4.06 10.27
CA HIS E 54 37.56 4.54 10.74
C HIS E 54 36.80 3.49 11.54
N ALA E 55 37.52 2.56 12.19
CA ALA E 55 36.85 1.49 12.92
C ALA E 55 36.14 2.02 14.15
N LYS E 56 36.78 2.93 14.89
CA LYS E 56 36.23 3.41 16.15
C LYS E 56 34.94 4.19 15.94
N GLU E 57 34.86 4.97 14.87
CA GLU E 57 33.71 5.83 14.62
C GLU E 57 32.47 5.08 14.17
N ASP E 58 32.52 3.76 14.04
CA ASP E 58 31.44 3.01 13.42
C ASP E 58 30.55 2.40 14.49
N PRO E 59 29.35 2.90 14.70
CA PRO E 59 28.52 2.38 15.80
C PRO E 59 28.04 0.95 15.61
N LEU E 60 27.66 0.56 14.40
CA LEU E 60 27.07 -0.76 14.19
C LEU E 60 28.10 -1.86 14.42
N LEU E 61 29.35 -1.60 14.06
CA LEU E 61 30.39 -2.60 14.26
C LEU E 61 30.76 -2.71 15.74
N THR E 62 30.90 -1.59 16.42
CA THR E 62 31.19 -1.57 17.86
C THR E 62 30.12 -0.75 18.57
N PRO E 63 29.12 -1.39 19.19
CA PRO E 63 27.93 -0.66 19.63
C PRO E 63 28.25 0.42 20.66
N VAL E 64 27.41 1.45 20.67
CA VAL E 64 27.59 2.63 21.52
C VAL E 64 26.90 2.40 22.86
N PRO E 65 27.45 2.90 23.97
CA PRO E 65 26.76 2.78 25.26
C PRO E 65 25.41 3.49 25.23
N ALA E 66 24.46 2.91 25.96
CA ALA E 66 23.05 3.28 25.78
C ALA E 66 22.77 4.73 26.12
N SER E 67 23.64 5.38 26.89
CA SER E 67 23.41 6.78 27.22
C SER E 67 23.63 7.67 26.00
N GLU E 68 24.50 7.26 25.09
CA GLU E 68 24.81 8.03 23.89
C GLU E 68 23.95 7.63 22.69
N ASN E 69 23.17 6.56 22.85
CA ASN E 69 22.36 6.01 21.73
C ASN E 69 21.10 6.84 21.56
N PRO E 70 20.90 7.52 20.42
CA PRO E 70 19.71 8.33 20.17
C PRO E 70 18.45 7.47 20.14
N PHE E 71 18.56 6.21 19.70
CA PHE E 71 17.39 5.30 19.62
C PHE E 71 17.31 4.49 20.91
N ARG E 72 16.15 4.51 21.60
CA ARG E 72 16.02 3.88 22.92
C ARG E 72 17.13 4.36 23.85
N GLU E 73 17.10 5.64 24.20
CA GLU E 73 18.10 6.25 25.06
C GLU E 73 18.33 5.45 26.34
N ASP F 39 1.02 37.82 -0.46
CA ASP F 39 1.25 36.46 0.01
C ASP F 39 0.45 36.15 1.27
N VAL F 40 1.16 35.79 2.35
CA VAL F 40 0.50 35.42 3.64
C VAL F 40 -0.04 36.70 4.29
N GLN F 41 -1.35 36.78 4.45
CA GLN F 41 -1.93 37.97 5.13
C GLN F 41 -2.90 37.53 6.24
N LEU F 42 -2.73 38.02 7.47
CA LEU F 42 -3.73 37.83 8.56
C LEU F 42 -4.24 39.24 8.84
N VAL F 43 -5.55 39.48 8.70
CA VAL F 43 -6.12 40.85 8.90
C VAL F 43 -7.27 40.76 9.90
N GLU F 44 -7.04 41.11 11.16
CA GLU F 44 -8.08 40.99 12.22
C GLU F 44 -9.09 42.14 12.14
N SER F 45 -10.28 41.93 12.71
CA SER F 45 -11.35 42.98 12.70
C SER F 45 -12.24 42.78 13.94
N GLY F 46 -12.87 43.85 14.44
CA GLY F 46 -13.81 43.67 15.58
C GLY F 46 -13.54 44.60 16.74
N GLY F 47 -12.50 45.43 16.66
CA GLY F 47 -12.17 46.33 17.75
C GLY F 47 -12.99 47.62 17.69
N GLY F 48 -12.99 48.34 18.80
CA GLY F 48 -13.71 49.58 18.88
C GLY F 48 -13.89 50.03 20.33
N LEU F 49 -14.82 50.95 20.52
CA LEU F 49 -15.13 51.49 21.85
C LEU F 49 -16.29 50.70 22.44
N VAL F 50 -16.02 49.98 23.53
CA VAL F 50 -17.00 49.12 24.17
C VAL F 50 -17.29 49.63 25.57
N GLN F 51 -18.56 49.73 25.91
CA GLN F 51 -18.95 50.12 27.26
C GLN F 51 -18.57 49.02 28.24
N PRO F 52 -18.09 49.38 29.43
CA PRO F 52 -17.62 48.35 30.37
C PRO F 52 -18.74 47.39 30.75
N GLY F 53 -18.37 46.13 30.93
CA GLY F 53 -19.33 45.09 31.22
C GLY F 53 -20.00 44.48 30.00
N GLY F 54 -19.75 45.00 28.81
CA GLY F 54 -20.31 44.44 27.61
C GLY F 54 -19.51 43.25 27.10
N SER F 55 -19.79 42.89 25.84
CA SER F 55 -19.07 41.75 25.20
C SER F 55 -18.69 42.15 23.77
N ARG F 56 -17.51 41.74 23.29
CA ARG F 56 -17.10 42.01 21.87
C ARG F 56 -16.50 40.75 21.27
N LYS F 57 -16.69 40.55 19.96
CA LYS F 57 -16.07 39.37 19.27
C LYS F 57 -15.08 39.84 18.21
N LEU F 58 -13.84 39.38 18.30
CA LEU F 58 -12.80 39.71 17.36
C LEU F 58 -12.67 38.56 16.37
N SER F 59 -12.10 38.83 15.18
CA SER F 59 -11.93 37.78 14.15
C SER F 59 -10.76 38.11 13.22
N CYS F 60 -9.80 37.18 13.04
CA CYS F 60 -8.71 37.41 12.05
C CYS F 60 -8.97 36.56 10.80
N SER F 61 -9.04 37.19 9.62
CA SER F 61 -9.23 36.46 8.35
C SER F 61 -7.86 36.14 7.74
N ALA F 62 -7.63 34.88 7.38
CA ALA F 62 -6.34 34.44 6.88
C ALA F 62 -6.38 34.20 5.37
N SER F 63 -5.26 34.48 4.73
CA SER F 63 -5.13 34.35 3.28
C SER F 63 -3.72 33.93 2.94
N GLY F 64 -3.60 33.12 1.88
CA GLY F 64 -2.31 32.82 1.33
C GLY F 64 -1.52 31.72 2.01
N PHE F 65 -2.15 30.91 2.85
CA PHE F 65 -1.44 29.80 3.46
C PHE F 65 -2.47 28.75 3.89
N ALA F 66 -1.97 27.56 4.21
CA ALA F 66 -2.80 26.43 4.62
C ALA F 66 -3.27 26.66 6.05
N PHE F 67 -4.32 27.46 6.21
CA PHE F 67 -4.78 27.86 7.53
C PHE F 67 -5.09 26.66 8.40
N SER F 68 -5.73 25.63 7.84
CA SER F 68 -6.16 24.49 8.62
C SER F 68 -5.02 23.75 9.29
N SER F 69 -3.81 23.90 8.78
CA SER F 69 -2.68 23.18 9.34
C SER F 69 -1.85 24.04 10.29
N PHE F 70 -2.31 25.24 10.62
CA PHE F 70 -1.62 26.14 11.51
C PHE F 70 -2.40 26.29 12.80
N GLY F 71 -1.71 26.12 13.93
CA GLY F 71 -2.26 26.54 15.20
C GLY F 71 -2.24 28.05 15.33
N MET F 72 -3.14 28.59 16.14
CA MET F 72 -3.29 30.03 16.24
C MET F 72 -3.17 30.48 17.69
N HIS F 73 -2.68 31.69 17.89
CA HIS F 73 -2.62 32.35 19.17
C HIS F 73 -3.21 33.74 19.03
N TRP F 74 -3.78 34.23 20.13
CA TRP F 74 -4.05 35.66 20.27
C TRP F 74 -3.10 36.18 21.34
N VAL F 75 -2.39 37.27 21.00
CA VAL F 75 -1.52 37.99 21.91
C VAL F 75 -2.04 39.42 21.96
N ARG F 76 -1.79 40.14 23.06
CA ARG F 76 -2.30 41.54 23.18
C ARG F 76 -1.21 42.44 23.76
N GLN F 77 -1.22 43.71 23.38
CA GLN F 77 -0.22 44.68 23.89
C GLN F 77 -0.94 45.87 24.54
N ALA F 78 -0.60 46.19 25.78
CA ALA F 78 -1.20 47.33 26.50
C ALA F 78 -0.87 48.63 25.76
N PRO F 79 -1.54 49.77 26.06
CA PRO F 79 -1.31 51.00 25.28
C PRO F 79 0.15 51.46 25.30
N GLU F 80 0.85 51.37 26.43
CA GLU F 80 2.24 51.88 26.51
C GLU F 80 3.16 50.82 27.10
N LYS F 81 2.58 49.71 27.57
CA LYS F 81 3.38 48.60 28.18
C LYS F 81 3.75 47.55 27.14
N GLY F 82 4.38 46.45 27.58
CA GLY F 82 4.78 45.36 26.66
C GLY F 82 3.60 44.51 26.20
N LEU F 83 3.84 43.25 25.85
CA LEU F 83 2.77 42.43 25.29
C LEU F 83 2.67 41.10 26.01
N GLU F 84 1.44 40.60 26.12
CA GLU F 84 1.13 39.42 26.91
C GLU F 84 0.28 38.43 26.12
N TRP F 85 0.54 37.14 26.35
CA TRP F 85 -0.19 36.08 25.66
C TRP F 85 -1.60 35.96 26.19
N VAL F 86 -2.55 35.65 25.30
CA VAL F 86 -3.98 35.63 25.63
C VAL F 86 -4.57 34.24 25.45
N ALA F 87 -4.41 33.65 24.27
CA ALA F 87 -5.08 32.37 24.03
C ALA F 87 -4.37 31.60 22.93
N TYR F 88 -4.64 30.29 22.88
CA TYR F 88 -4.04 29.40 21.89
C TYR F 88 -5.01 28.27 21.53
N ILE F 89 -5.37 28.19 20.25
CA ILE F 89 -6.17 27.07 19.72
C ILE F 89 -5.30 26.25 18.78
N SER F 90 -5.41 24.93 18.89
CA SER F 90 -4.53 24.04 18.17
C SER F 90 -5.03 23.77 16.76
N SER F 91 -4.21 23.08 15.98
CA SER F 91 -4.60 22.64 14.65
C SER F 91 -5.53 21.44 14.79
N GLY F 92 -6.72 21.55 14.21
CA GLY F 92 -7.75 20.57 14.43
C GLY F 92 -8.57 20.82 15.68
N SER F 93 -8.33 21.91 16.40
CA SER F 93 -9.12 22.38 17.52
C SER F 93 -9.09 21.42 18.71
N GLY F 94 -8.16 20.48 18.73
CA GLY F 94 -8.16 19.50 19.79
C GLY F 94 -7.70 20.04 21.13
N THR F 95 -6.89 21.10 21.11
CA THR F 95 -6.32 21.67 22.33
C THR F 95 -6.59 23.16 22.36
N ILE F 96 -6.93 23.67 23.54
CA ILE F 96 -7.15 25.11 23.74
C ILE F 96 -6.55 25.47 25.09
N TYR F 97 -5.77 26.55 25.16
CA TYR F 97 -5.22 27.02 26.47
C TYR F 97 -5.59 28.49 26.59
N TYR F 98 -6.05 28.96 27.77
CA TYR F 98 -6.33 30.41 27.96
C TYR F 98 -5.37 30.97 29.01
N ALA F 99 -5.20 32.30 29.02
CA ALA F 99 -4.35 32.93 30.06
C ALA F 99 -5.11 32.91 31.37
N ASP F 100 -4.38 32.76 32.50
CA ASP F 100 -4.99 32.75 33.85
C ASP F 100 -5.97 33.91 33.92
N THR F 101 -5.48 35.13 33.71
CA THR F 101 -6.31 36.36 33.81
C THR F 101 -7.67 36.22 33.12
N VAL F 102 -7.69 35.72 31.89
CA VAL F 102 -8.98 35.72 31.13
C VAL F 102 -9.65 34.35 31.11
N LYS F 103 -9.06 33.36 31.76
CA LYS F 103 -9.65 32.00 31.67
C LYS F 103 -11.06 32.04 32.25
N GLY F 104 -12.07 31.67 31.44
CA GLY F 104 -13.45 31.61 31.93
C GLY F 104 -14.29 32.80 31.49
N ARG F 105 -13.65 33.86 30.97
CA ARG F 105 -14.45 34.99 30.43
C ARG F 105 -14.15 35.10 28.93
N PHE F 106 -13.13 34.38 28.43
CA PHE F 106 -12.76 34.47 27.02
C PHE F 106 -13.00 33.12 26.35
N THR F 107 -13.25 33.15 25.04
CA THR F 107 -13.44 31.93 24.25
C THR F 107 -12.82 32.09 22.87
N ILE F 108 -12.09 31.08 22.42
CA ILE F 108 -11.39 31.09 21.14
C ILE F 108 -11.96 29.98 20.27
N SER F 109 -12.21 30.29 18.99
CA SER F 109 -12.75 29.31 18.07
C SER F 109 -12.21 29.57 16.67
N ARG F 110 -12.20 28.52 15.83
CA ARG F 110 -11.67 28.66 14.44
C ARG F 110 -12.63 28.01 13.44
N ASP F 111 -13.02 28.75 12.40
CA ASP F 111 -13.81 28.12 11.31
C ASP F 111 -12.80 27.69 10.25
N ASP F 112 -12.26 26.48 10.34
CA ASP F 112 -11.18 26.04 9.41
C ASP F 112 -11.66 26.09 7.96
N PRO F 113 -12.88 25.63 7.58
CA PRO F 113 -13.33 25.76 6.18
C PRO F 113 -13.44 27.21 5.70
N LYS F 114 -13.92 28.12 6.55
CA LYS F 114 -14.12 29.54 6.13
C LYS F 114 -12.84 30.35 6.35
N ASN F 115 -11.79 29.72 6.90
CA ASN F 115 -10.47 30.38 7.12
C ASN F 115 -10.60 31.61 8.03
N THR F 116 -11.22 31.47 9.21
CA THR F 116 -11.34 32.58 10.15
C THR F 116 -11.05 32.12 11.57
N LEU F 117 -10.62 33.06 12.41
CA LEU F 117 -10.37 32.79 13.82
C LEU F 117 -11.11 33.82 14.67
N PHE F 118 -11.99 33.36 15.56
CA PHE F 118 -12.83 34.19 16.39
C PHE F 118 -12.35 34.17 17.84
N LEU F 119 -12.59 35.27 18.55
CA LEU F 119 -12.25 35.37 20.00
C LEU F 119 -13.42 36.06 20.71
N GLN F 120 -14.37 35.29 21.25
CA GLN F 120 -15.50 35.89 22.02
C GLN F 120 -14.95 36.44 23.34
N MET F 121 -15.41 37.63 23.73
CA MET F 121 -14.98 38.25 25.02
C MET F 121 -16.21 38.70 25.80
N THR F 122 -16.34 38.28 27.06
CA THR F 122 -17.48 38.60 27.90
C THR F 122 -17.01 39.21 29.21
N SER F 123 -17.88 40.02 29.81
CA SER F 123 -17.60 40.69 31.07
C SER F 123 -16.36 41.55 30.97
N LEU F 124 -16.37 42.49 30.01
CA LEU F 124 -15.15 43.29 29.70
C LEU F 124 -14.68 44.18 30.85
N ARG F 125 -13.55 43.82 31.48
CA ARG F 125 -12.94 44.65 32.55
C ARG F 125 -12.08 45.75 31.91
N SER F 126 -11.55 46.68 32.70
CA SER F 126 -10.75 47.81 32.16
C SER F 126 -9.30 47.39 31.93
N GLU F 127 -8.98 46.12 32.15
CA GLU F 127 -7.61 45.61 31.84
C GLU F 127 -7.65 45.03 30.43
N ASP F 128 -8.80 45.14 29.76
CA ASP F 128 -8.96 44.61 28.39
C ASP F 128 -8.74 45.71 27.35
N THR F 129 -8.23 46.88 27.77
CA THR F 129 -7.86 47.87 26.77
C THR F 129 -6.51 47.50 26.21
N ALA F 130 -6.49 47.06 24.94
CA ALA F 130 -5.22 46.57 24.36
C ALA F 130 -5.29 46.45 22.83
N MET F 131 -4.17 46.10 22.19
CA MET F 131 -4.17 45.86 20.72
C MET F 131 -4.08 44.34 20.54
N TYR F 132 -5.04 43.73 19.84
CA TYR F 132 -5.06 42.25 19.76
C TYR F 132 -4.45 41.74 18.45
N TYR F 133 -3.37 40.95 18.55
CA TYR F 133 -2.64 40.48 17.34
C TYR F 133 -2.80 38.98 17.13
N CYS F 134 -3.37 38.56 15.99
CA CYS F 134 -3.49 37.13 15.61
C CYS F 134 -2.08 36.62 15.24
N VAL F 135 -1.67 35.45 15.72
CA VAL F 135 -0.30 34.93 15.44
C VAL F 135 -0.37 33.46 15.06
N ARG F 136 0.07 33.11 13.85
CA ARG F 136 0.06 31.72 13.39
C ARG F 136 1.33 31.03 13.83
N SER F 137 1.22 29.73 14.09
CA SER F 137 2.38 28.93 14.48
C SER F 137 2.15 27.48 14.10
N ILE F 138 3.22 26.80 13.67
CA ILE F 138 3.15 25.41 13.24
C ILE F 138 4.24 24.63 13.95
N TYR F 139 3.90 23.44 14.42
CA TYR F 139 4.81 22.68 15.27
C TYR F 139 5.07 21.31 14.66
N TYR F 140 6.26 21.13 14.10
CA TYR F 140 6.80 19.83 13.75
C TYR F 140 8.31 19.95 13.89
N TYR F 141 9.00 18.84 13.67
CA TYR F 141 10.45 18.88 13.86
C TYR F 141 11.08 19.88 12.90
N GLY F 142 11.55 20.99 13.43
CA GLY F 142 12.28 21.96 12.65
C GLY F 142 11.52 23.18 12.20
N SER F 143 10.25 23.31 12.57
CA SER F 143 9.47 24.47 12.15
C SER F 143 9.80 25.69 12.98
N SER F 144 9.29 26.82 12.52
CA SER F 144 9.48 28.10 13.21
C SER F 144 8.13 28.63 13.65
N PRO F 145 7.76 28.49 14.92
CA PRO F 145 6.50 29.07 15.39
C PRO F 145 6.57 30.59 15.49
N PHE F 146 5.38 31.19 15.57
CA PHE F 146 5.24 32.64 15.74
C PHE F 146 5.92 33.41 14.62
N ASP F 147 5.86 32.89 13.40
CA ASP F 147 6.63 33.49 12.32
C ASP F 147 5.88 34.64 11.66
N PHE F 148 4.55 34.58 11.63
CA PHE F 148 3.77 35.64 11.03
C PHE F 148 2.74 36.16 12.02
N TRP F 149 2.73 37.48 12.22
CA TRP F 149 1.81 38.17 13.08
C TRP F 149 0.90 39.05 12.26
N GLY F 150 -0.32 39.29 12.76
CA GLY F 150 -1.28 40.15 12.04
C GLY F 150 -1.13 41.62 12.40
N GLN F 151 -1.80 42.52 11.68
CA GLN F 151 -1.70 43.98 11.93
C GLN F 151 -2.27 44.33 13.31
N GLY F 152 -3.38 43.72 13.72
CA GLY F 152 -3.92 43.92 15.07
C GLY F 152 -5.14 44.84 15.11
N THR F 153 -6.03 44.65 16.09
CA THR F 153 -7.17 45.56 16.26
C THR F 153 -7.07 46.24 17.62
N THR F 154 -7.58 47.45 17.70
CA THR F 154 -7.58 48.22 18.93
C THR F 154 -8.89 48.04 19.67
N LEU F 155 -8.81 47.70 20.96
CA LEU F 155 -9.98 47.59 21.84
C LEU F 155 -9.81 48.53 23.01
N THR F 156 -10.77 49.44 23.19
CA THR F 156 -10.78 50.38 24.31
C THR F 156 -12.11 50.25 25.05
N VAL F 157 -12.03 50.12 26.37
CA VAL F 157 -13.20 50.11 27.25
C VAL F 157 -13.09 51.31 28.18
N SER F 158 -14.12 52.15 28.18
CA SER F 158 -14.08 53.35 29.00
C SER F 158 -14.25 53.00 30.47
N SER F 159 -13.67 53.84 31.32
CA SER F 159 -13.76 53.66 32.77
C SER F 159 -14.81 54.57 33.36
N GLY F 172 1.52 36.30 37.97
CA GLY F 172 2.76 35.57 37.86
C GLY F 172 2.92 34.54 38.96
N GLY F 173 1.88 33.74 39.20
CA GLY F 173 1.89 32.73 40.23
C GLY F 173 2.03 31.35 39.62
N SER F 174 3.10 30.66 40.02
CA SER F 174 3.40 29.30 39.57
C SER F 174 3.57 29.24 38.05
N ASP F 175 4.54 30.02 37.57
CA ASP F 175 4.91 30.01 36.16
C ASP F 175 6.29 30.63 36.03
N ILE F 176 6.68 30.93 34.79
CA ILE F 176 7.97 31.52 34.50
C ILE F 176 7.78 33.01 34.25
N VAL F 177 8.64 33.83 34.83
CA VAL F 177 8.67 35.25 34.54
C VAL F 177 9.98 35.53 33.81
N MET F 178 9.90 36.26 32.71
CA MET F 178 11.06 36.56 31.88
C MET F 178 11.34 38.05 32.04
N THR F 179 12.56 38.38 32.43
CA THR F 179 12.90 39.75 32.77
C THR F 179 14.06 40.25 31.94
N GLN F 180 13.92 41.48 31.44
CA GLN F 180 14.99 42.21 30.81
C GLN F 180 15.25 43.46 31.63
N ALA F 181 16.45 43.58 32.19
CA ALA F 181 16.75 44.62 33.17
C ALA F 181 17.18 45.91 32.51
N THR F 182 16.79 46.12 31.25
CA THR F 182 17.15 47.33 30.53
C THR F 182 15.98 47.71 29.65
N SER F 183 15.73 49.02 29.50
CA SER F 183 14.61 49.51 28.72
C SER F 183 14.99 50.59 27.71
N SER F 184 16.25 51.03 27.67
CA SER F 184 16.65 52.08 26.75
C SER F 184 18.15 51.97 26.50
N VAL F 185 18.52 51.58 25.28
CA VAL F 185 19.92 51.52 24.88
C VAL F 185 20.09 52.27 23.56
N PRO F 186 20.38 53.58 23.58
CA PRO F 186 20.59 54.31 22.33
C PRO F 186 22.02 54.10 21.82
N VAL F 187 22.13 53.58 20.59
CA VAL F 187 23.41 53.23 19.99
C VAL F 187 23.47 53.82 18.59
N THR F 188 24.65 54.32 18.22
CA THR F 188 24.86 54.81 16.86
C THR F 188 25.02 53.63 15.89
N PRO F 189 24.62 53.82 14.63
CA PRO F 189 24.80 52.73 13.65
C PRO F 189 26.25 52.34 13.48
N GLY F 190 26.48 51.04 13.32
CA GLY F 190 27.81 50.51 13.12
C GLY F 190 28.44 49.86 14.35
N GLU F 191 27.75 49.83 15.48
CA GLU F 191 28.29 49.27 16.71
C GLU F 191 27.49 48.05 17.13
N SER F 192 28.20 47.02 17.59
CA SER F 192 27.55 45.83 18.12
C SER F 192 26.70 46.18 19.33
N VAL F 193 25.51 45.60 19.39
CA VAL F 193 24.59 45.79 20.50
C VAL F 193 24.19 44.43 21.05
N SER F 194 24.37 44.22 22.34
CA SER F 194 23.99 42.98 22.99
C SER F 194 22.84 43.24 23.94
N ILE F 195 21.73 42.55 23.74
CA ILE F 195 20.57 42.60 24.62
C ILE F 195 20.58 41.34 25.46
N SER F 196 20.16 41.46 26.72
CA SER F 196 20.15 40.33 27.64
C SER F 196 18.74 40.07 28.14
N CYS F 197 18.51 38.83 28.55
CA CYS F 197 17.20 38.44 29.05
C CYS F 197 17.41 37.25 29.98
N ARG F 198 16.75 37.25 31.13
CA ARG F 198 16.94 36.21 32.13
C ARG F 198 15.64 35.45 32.37
N SER F 199 15.76 34.21 32.81
CA SER F 199 14.62 33.35 33.05
C SER F 199 14.57 32.88 34.50
N SER F 200 13.35 32.58 34.95
CA SER F 200 13.17 32.04 36.29
C SER F 200 13.82 30.67 36.44
N LYS F 201 13.50 29.73 35.56
CA LYS F 201 14.11 28.42 35.58
C LYS F 201 14.81 28.18 34.24
N SER F 202 15.50 27.05 34.16
CA SER F 202 16.18 26.70 32.92
C SER F 202 15.16 26.47 31.82
N LEU F 203 15.37 27.13 30.68
CA LEU F 203 14.55 26.93 29.50
C LEU F 203 15.05 25.76 28.67
N LEU F 204 16.17 25.17 29.02
CA LEU F 204 16.70 24.00 28.32
C LEU F 204 15.92 22.77 28.74
N HIS F 205 15.23 22.16 27.78
CA HIS F 205 14.50 20.93 28.03
C HIS F 205 15.44 19.74 27.92
N SER F 206 14.94 18.58 28.37
CA SER F 206 15.71 17.35 28.29
C SER F 206 16.00 16.93 26.86
N ASN F 207 15.11 17.24 25.91
CA ASN F 207 15.33 16.82 24.53
C ASN F 207 16.47 17.57 23.85
N GLY F 208 16.98 18.63 24.46
CA GLY F 208 18.10 19.36 23.92
C GLY F 208 17.78 20.73 23.35
N ASN F 209 16.56 21.20 23.46
CA ASN F 209 16.15 22.48 22.90
C ASN F 209 15.94 23.50 24.00
N THR F 210 16.35 24.74 23.75
CA THR F 210 16.09 25.86 24.65
C THR F 210 15.05 26.76 24.01
N TYR F 211 13.85 26.79 24.61
CA TYR F 211 12.67 27.40 23.99
C TYR F 211 12.60 28.90 24.28
N LEU F 212 13.53 29.66 23.71
CA LEU F 212 13.53 31.11 23.81
C LEU F 212 13.42 31.73 22.42
N TYR F 213 12.43 32.62 22.24
CA TYR F 213 12.21 33.26 20.95
C TYR F 213 12.51 34.74 21.12
N TRP F 214 13.14 35.35 20.13
CA TRP F 214 13.37 36.79 20.11
C TRP F 214 12.59 37.44 18.99
N PHE F 215 11.79 38.46 19.33
CA PHE F 215 10.98 39.22 18.34
C PHE F 215 11.45 40.67 18.30
N LEU F 216 10.93 41.48 17.36
CA LEU F 216 11.27 42.92 17.26
C LEU F 216 9.98 43.70 17.00
N GLN F 217 9.84 44.90 17.56
CA GLN F 217 8.65 45.73 17.23
C GLN F 217 9.08 47.12 16.74
N ARG F 218 9.04 47.36 15.44
CA ARG F 218 9.33 48.63 14.80
C ARG F 218 8.18 49.60 15.02
N PRO F 219 8.49 50.87 15.26
CA PRO F 219 7.42 51.83 15.60
C PRO F 219 6.36 51.94 14.52
N GLY F 220 5.11 51.67 14.89
CA GLY F 220 4.03 51.64 13.94
C GLY F 220 3.89 50.33 13.20
N GLN F 221 4.58 49.28 13.63
CA GLN F 221 4.59 48.01 12.93
C GLN F 221 4.35 46.87 13.92
N SER F 222 3.82 45.76 13.40
CA SER F 222 3.56 44.59 14.21
C SER F 222 4.87 43.90 14.57
N PRO F 223 4.86 43.04 15.59
CA PRO F 223 6.07 42.29 15.93
C PRO F 223 6.44 41.34 14.81
N GLN F 224 7.70 40.94 14.78
CA GLN F 224 8.21 40.09 13.73
C GLN F 224 9.28 39.19 14.33
N LEU F 225 9.30 37.90 13.96
CA LEU F 225 10.24 36.92 14.57
C LEU F 225 11.67 37.09 14.04
N LEU F 226 12.65 37.13 14.93
CA LEU F 226 14.07 37.26 14.53
C LEU F 226 14.78 35.94 14.78
N ILE F 227 14.60 35.35 15.96
CA ILE F 227 15.33 34.11 16.32
C ILE F 227 14.40 33.19 17.10
N TYR F 228 14.42 31.89 16.82
CA TYR F 228 13.62 30.90 17.52
C TYR F 228 14.51 29.80 18.05
N ARG F 229 14.18 29.35 19.26
CA ARG F 229 14.94 28.35 20.01
C ARG F 229 16.40 28.74 20.19
N MET F 230 16.60 30.02 20.53
CA MET F 230 17.82 30.57 21.11
C MET F 230 18.92 30.71 20.07
N SER F 231 18.87 30.05 18.93
CA SER F 231 19.97 30.21 17.98
C SER F 231 19.48 30.38 16.55
N ASN F 232 18.44 29.65 16.16
CA ASN F 232 18.00 29.62 14.78
C ASN F 232 17.45 30.98 14.36
N LEU F 233 17.76 31.37 13.13
CA LEU F 233 17.27 32.60 12.53
C LEU F 233 16.05 32.33 11.66
N ALA F 234 15.04 33.17 11.81
CA ALA F 234 13.86 33.04 10.98
C ALA F 234 14.19 33.38 9.53
N SER F 235 13.32 32.95 8.64
CA SER F 235 13.57 33.15 7.22
C SER F 235 13.31 34.60 6.83
N GLY F 236 14.28 35.19 6.14
CA GLY F 236 14.17 36.56 5.68
C GLY F 236 14.78 37.59 6.60
N VAL F 237 15.50 37.18 7.65
CA VAL F 237 16.13 38.15 8.53
C VAL F 237 17.61 38.19 8.19
N PRO F 238 18.25 39.36 8.25
CA PRO F 238 19.65 39.47 7.87
C PRO F 238 20.55 38.71 8.82
N ASP F 239 21.70 38.24 8.33
CA ASP F 239 22.59 37.40 9.16
C ASP F 239 23.29 38.26 10.21
N ARG F 240 22.97 39.57 10.25
CA ARG F 240 23.56 40.46 11.28
C ARG F 240 23.08 40.02 12.68
N PHE F 241 21.83 39.60 12.80
CA PHE F 241 21.26 39.17 14.11
C PHE F 241 21.75 37.78 14.50
N SER F 242 22.26 37.61 15.71
CA SER F 242 22.71 36.28 16.22
C SER F 242 22.23 36.13 17.67
N GLY F 243 22.05 34.89 18.14
CA GLY F 243 21.54 34.66 19.51
C GLY F 243 22.34 33.58 20.21
N SER F 244 22.68 33.79 21.48
CA SER F 244 23.49 32.80 22.23
C SER F 244 23.17 32.89 23.72
N GLY F 245 22.71 31.79 24.32
CA GLY F 245 22.30 31.88 25.73
C GLY F 245 22.61 30.64 26.55
N SER F 246 22.76 30.79 27.86
CA SER F 246 22.94 29.63 28.77
C SER F 246 21.55 29.16 29.18
N GLY F 247 21.44 28.28 30.18
CA GLY F 247 20.12 27.74 30.56
C GLY F 247 19.16 28.84 31.02
N THR F 248 19.65 29.79 31.82
CA THR F 248 18.75 30.85 32.38
C THR F 248 19.06 32.24 31.81
N ALA F 249 20.25 32.43 31.22
CA ALA F 249 20.64 33.78 30.75
C ALA F 249 20.82 33.76 29.23
N PHE F 250 20.25 34.74 28.51
CA PHE F 250 20.30 34.70 27.02
C PHE F 250 20.74 36.06 26.47
N THR F 251 21.43 36.07 25.32
CA THR F 251 21.93 37.33 24.73
C THR F 251 21.69 37.41 23.21
N LEU F 252 21.10 38.50 22.71
CA LEU F 252 20.92 38.69 21.24
C LEU F 252 21.89 39.78 20.78
N THR F 253 22.75 39.50 19.78
CA THR F 253 23.77 40.48 19.35
C THR F 253 23.51 40.95 17.92
N ILE F 254 23.43 42.27 17.71
CA ILE F 254 23.22 42.83 16.35
C ILE F 254 24.51 43.51 15.87
N SER F 255 25.30 42.83 15.04
CA SER F 255 26.52 43.40 14.49
C SER F 255 26.18 44.30 13.31
N ARG F 256 26.98 45.34 13.12
CA ARG F 256 26.77 46.33 12.07
C ARG F 256 25.35 46.90 12.15
N LEU F 257 25.04 47.51 13.30
CA LEU F 257 23.67 48.06 13.53
C LEU F 257 23.25 48.95 12.35
N GLU F 258 21.98 48.89 11.96
CA GLU F 258 21.44 49.72 10.85
C GLU F 258 20.17 50.40 11.34
N ALA F 259 19.76 51.50 10.70
CA ALA F 259 18.58 52.27 11.16
C ALA F 259 17.33 51.40 11.28
N GLU F 260 17.20 50.34 10.48
CA GLU F 260 15.96 49.51 10.50
C GLU F 260 15.87 48.75 11.82
N ASP F 261 17.02 48.48 12.46
CA ASP F 261 17.04 47.66 13.70
C ASP F 261 16.45 48.44 14.89
N VAL F 262 16.35 49.77 14.80
CA VAL F 262 15.89 50.52 16.01
C VAL F 262 14.47 50.07 16.35
N GLY F 263 14.18 49.90 17.65
CA GLY F 263 12.84 49.46 18.07
C GLY F 263 12.87 48.71 19.40
N VAL F 264 11.75 48.07 19.76
CA VAL F 264 11.63 47.36 21.03
C VAL F 264 11.79 45.87 20.78
N TYR F 265 12.67 45.23 21.54
CA TYR F 265 12.98 43.82 21.40
C TYR F 265 12.36 43.06 22.56
N TYR F 266 11.67 41.95 22.26
CA TYR F 266 10.99 41.16 23.27
C TYR F 266 11.50 39.73 23.24
N CYS F 267 11.96 39.23 24.37
CA CYS F 267 12.20 37.81 24.51
C CYS F 267 10.90 37.12 24.94
N MET F 268 10.82 35.81 24.69
CA MET F 268 9.60 35.03 25.05
C MET F 268 10.00 33.57 25.32
N GLN F 269 9.25 32.85 26.16
CA GLN F 269 9.54 31.43 26.43
C GLN F 269 8.40 30.57 25.86
N HIS F 270 8.66 29.30 25.55
CA HIS F 270 7.57 28.39 25.07
C HIS F 270 7.64 27.05 25.81
N LEU F 271 8.49 26.92 26.84
CA LEU F 271 8.69 25.63 27.54
C LEU F 271 7.40 25.18 28.21
N GLU F 272 6.62 26.10 28.74
CA GLU F 272 5.35 25.74 29.41
C GLU F 272 4.33 26.82 29.15
N TYR F 273 3.05 26.48 29.26
CA TYR F 273 2.00 27.51 29.16
C TYR F 273 1.63 27.93 30.59
N PRO F 274 1.65 29.23 30.95
CA PRO F 274 1.39 30.31 30.02
C PRO F 274 2.66 30.82 29.30
N LEU F 275 2.51 31.28 28.06
CA LEU F 275 3.65 31.83 27.29
C LEU F 275 3.97 33.21 27.85
N THR F 276 5.12 33.34 28.50
CA THR F 276 5.43 34.63 29.17
C THR F 276 6.47 35.43 28.39
N PHE F 277 6.11 36.66 28.05
CA PHE F 277 7.03 37.53 27.30
C PHE F 277 7.93 38.28 28.28
N GLY F 278 8.65 39.28 27.78
CA GLY F 278 9.49 40.11 28.61
C GLY F 278 8.98 41.54 28.62
N ALA F 279 9.69 42.38 29.36
CA ALA F 279 9.34 43.79 29.40
C ALA F 279 9.72 44.49 28.11
N GLY F 280 10.81 44.07 27.49
CA GLY F 280 11.24 44.66 26.25
C GLY F 280 12.36 45.66 26.44
N THR F 281 13.36 45.59 25.57
CA THR F 281 14.50 46.50 25.57
C THR F 281 14.44 47.35 24.32
N LYS F 282 14.51 48.67 24.49
CA LYS F 282 14.30 49.60 23.39
C LYS F 282 15.64 50.14 22.91
N LEU F 283 15.84 50.15 21.60
CA LEU F 283 17.01 50.72 20.97
C LEU F 283 16.60 51.97 20.19
N GLU F 284 17.31 53.07 20.47
CA GLU F 284 17.02 54.38 19.89
C GLU F 284 18.27 54.92 19.22
N LEU F 285 18.08 56.00 18.47
CA LEU F 285 19.20 56.68 17.82
C LEU F 285 19.85 57.67 18.79
N LYS F 286 21.11 57.98 18.52
CA LYS F 286 21.83 58.95 19.32
C LYS F 286 21.78 60.33 18.67
#